data_2QUT
#
_entry.id   2QUT
#
_cell.length_a   82.770
_cell.length_b   102.912
_cell.length_c   84.235
_cell.angle_alpha   90.000
_cell.angle_beta   98.483
_cell.angle_gamma   90.000
#
_symmetry.space_group_name_H-M   'P 1 21 1'
#
loop_
_entity.id
_entity.type
_entity.pdbx_description
1 polymer 'Fructose-bisphosphate aldolase A'
2 non-polymer 1,3-DIHYDROXYACETONEPHOSPHATE
3 water water
#
_entity_poly.entity_id   1
_entity_poly.type   'polypeptide(L)'
_entity_poly.pdbx_seq_one_letter_code
;PHSHPALTPEQKKELSDIAHRIVAPGKGILAADESTGSIAKRLQSIGTENTEENRRFYRQLLLTADDRVNPCIGGVILFH
ETLYQKADDGRPFPQVIKSKGGVVGIKVDKGVVPLAGTNGETTTQGLDGLSERCAQYKKDGADFAKWRCVLKIGEHTPSA
LAIMENANVLARYASICQQNGIVPIVEPEILPDGDHDLKRCQYVTEKVLAAVYKALSDHHIYLEGTLLKPNMVTPGHACT
QKYSHEEIAMATVTALRRTVPPAVTGVTFLSGGQSEEEASINLNAINKCPLLKPWALTFSYGRALQASALKAWGGKKENL
KAAQEEYVKRALANSLACQGKYTPSGQAGAAASESLFISNHAY
;
_entity_poly.pdbx_strand_id   A,B,C,D
#
loop_
_chem_comp.id
_chem_comp.type
_chem_comp.name
_chem_comp.formula
13P non-polymer 1,3-DIHYDROXYACETONEPHOSPHATE 'C3 H7 O6 P'
#
# COMPACT_ATOMS: atom_id res chain seq x y z
N PRO A 1 -7.64 14.50 -0.20
CA PRO A 1 -9.10 14.48 0.04
C PRO A 1 -9.83 15.48 -0.84
N HIS A 2 -9.06 16.16 -1.71
CA HIS A 2 -9.62 17.15 -2.61
C HIS A 2 -9.56 16.68 -4.06
N SER A 3 -10.63 16.91 -4.79
CA SER A 3 -10.72 16.50 -6.19
C SER A 3 -10.18 17.52 -7.18
N HIS A 4 -9.38 17.03 -8.11
CA HIS A 4 -8.79 17.87 -9.16
C HIS A 4 -9.15 17.16 -10.46
N PRO A 5 -10.43 17.27 -10.87
CA PRO A 5 -10.99 16.68 -12.08
C PRO A 5 -9.99 16.40 -13.19
N ALA A 6 -9.77 15.13 -13.48
CA ALA A 6 -8.85 14.73 -14.52
C ALA A 6 -9.51 14.95 -15.88
N LEU A 7 -10.82 14.76 -15.93
CA LEU A 7 -11.59 14.91 -17.15
C LEU A 7 -12.81 15.79 -17.00
N THR A 8 -13.22 16.44 -18.08
CA THR A 8 -14.40 17.29 -18.07
C THR A 8 -15.58 16.38 -18.42
N PRO A 9 -16.80 16.86 -18.19
CA PRO A 9 -17.97 16.03 -18.51
C PRO A 9 -17.98 15.63 -19.99
N GLU A 10 -17.51 16.54 -20.84
CA GLU A 10 -17.46 16.29 -22.29
C GLU A 10 -16.44 15.21 -22.61
N GLN A 11 -15.30 15.24 -21.94
CA GLN A 11 -14.27 14.23 -22.18
C GLN A 11 -14.80 12.89 -21.71
N LYS A 12 -15.51 12.88 -20.59
CA LYS A 12 -16.09 11.65 -20.06
C LYS A 12 -17.09 11.05 -21.04
N LYS A 13 -18.00 11.88 -21.54
CA LYS A 13 -19.00 11.41 -22.48
C LYS A 13 -18.34 10.77 -23.69
N GLU A 14 -17.31 11.42 -24.22
CA GLU A 14 -16.61 10.87 -25.37
C GLU A 14 -16.07 9.48 -25.07
N LEU A 15 -15.31 9.35 -23.97
CA LEU A 15 -14.74 8.05 -23.62
C LEU A 15 -15.82 6.99 -23.40
N SER A 16 -16.82 7.34 -22.61
CA SER A 16 -17.92 6.40 -22.33
C SER A 16 -18.61 5.95 -23.62
N ASP A 17 -18.93 6.91 -24.48
CA ASP A 17 -19.59 6.59 -25.75
C ASP A 17 -18.76 5.62 -26.59
N ILE A 18 -17.45 5.88 -26.69
CA ILE A 18 -16.57 5.00 -27.46
C ILE A 18 -16.57 3.60 -26.88
N ALA A 19 -16.40 3.50 -25.56
CA ALA A 19 -16.37 2.22 -24.87
C ALA A 19 -17.64 1.41 -25.13
N HIS A 20 -18.80 2.06 -24.98
CA HIS A 20 -20.07 1.38 -25.20
C HIS A 20 -20.25 0.91 -26.63
N ARG A 21 -19.76 1.68 -27.60
CA ARG A 21 -19.89 1.30 -28.99
C ARG A 21 -19.10 0.03 -29.30
N ILE A 22 -17.91 -0.08 -28.73
CA ILE A 22 -17.05 -1.23 -28.96
C ILE A 22 -17.68 -2.54 -28.50
N VAL A 23 -18.35 -2.50 -27.34
CA VAL A 23 -18.96 -3.71 -26.79
C VAL A 23 -20.49 -3.75 -26.85
N ALA A 24 -21.07 -3.11 -27.85
CA ALA A 24 -22.52 -3.10 -28.00
C ALA A 24 -22.99 -4.55 -28.16
N PRO A 25 -24.23 -4.86 -27.76
CA PRO A 25 -24.79 -6.21 -27.86
C PRO A 25 -24.42 -6.97 -29.13
N GLY A 26 -23.88 -8.16 -28.93
CA GLY A 26 -23.49 -9.01 -30.05
C GLY A 26 -22.18 -8.63 -30.71
N LYS A 27 -21.51 -7.61 -30.19
CA LYS A 27 -20.25 -7.17 -30.78
C LYS A 27 -19.02 -7.50 -29.94
N GLY A 28 -17.90 -7.76 -30.62
CA GLY A 28 -16.66 -8.07 -29.95
C GLY A 28 -15.49 -7.39 -30.64
N ILE A 29 -14.28 -7.74 -30.25
CA ILE A 29 -13.10 -7.13 -30.82
C ILE A 29 -12.18 -8.09 -31.57
N LEU A 30 -11.76 -7.67 -32.75
CA LEU A 30 -10.82 -8.45 -33.54
C LEU A 30 -9.46 -7.91 -33.15
N ALA A 31 -8.66 -8.74 -32.49
CA ALA A 31 -7.32 -8.31 -32.08
C ALA A 31 -6.30 -8.72 -33.13
N ALA A 32 -5.99 -7.79 -34.03
CA ALA A 32 -5.03 -8.05 -35.10
C ALA A 32 -3.78 -7.19 -34.89
N ASP A 33 -3.45 -6.95 -33.63
CA ASP A 33 -2.33 -6.10 -33.29
C ASP A 33 -0.97 -6.78 -33.09
N GLU A 34 -0.75 -7.91 -33.76
CA GLU A 34 0.52 -8.61 -33.63
C GLU A 34 1.67 -7.79 -34.23
N SER A 35 2.76 -7.70 -33.49
CA SER A 35 3.94 -6.97 -33.95
C SER A 35 4.62 -7.79 -35.03
N THR A 36 5.67 -7.24 -35.63
CA THR A 36 6.41 -7.94 -36.67
C THR A 36 6.94 -9.27 -36.11
N GLY A 37 7.64 -9.19 -34.99
CA GLY A 37 8.19 -10.38 -34.38
C GLY A 37 7.12 -11.36 -33.94
N SER A 38 5.96 -10.84 -33.56
CA SER A 38 4.86 -11.70 -33.11
C SER A 38 4.16 -12.38 -34.29
N ILE A 39 3.90 -11.64 -35.35
CA ILE A 39 3.23 -12.21 -36.52
C ILE A 39 4.18 -13.16 -37.24
N ALA A 40 5.46 -13.10 -36.85
CA ALA A 40 6.50 -13.94 -37.44
C ALA A 40 6.17 -15.42 -37.41
N LYS A 41 5.92 -15.96 -36.22
CA LYS A 41 5.59 -17.38 -36.09
C LYS A 41 4.37 -17.72 -36.92
N ARG A 42 3.33 -16.90 -36.79
CA ARG A 42 2.08 -17.11 -37.51
C ARG A 42 2.36 -17.39 -38.98
N LEU A 43 3.10 -16.48 -39.62
CA LEU A 43 3.43 -16.63 -41.03
C LEU A 43 4.39 -17.80 -41.26
N GLN A 44 5.28 -18.02 -40.31
CA GLN A 44 6.25 -19.11 -40.39
C GLN A 44 5.52 -20.45 -40.41
N SER A 45 4.50 -20.60 -39.57
CA SER A 45 3.75 -21.84 -39.50
C SER A 45 3.08 -22.17 -40.83
N ILE A 46 3.08 -21.22 -41.76
CA ILE A 46 2.48 -21.46 -43.07
C ILE A 46 3.46 -21.14 -44.19
N GLY A 47 4.75 -21.18 -43.87
CA GLY A 47 5.79 -20.91 -44.86
C GLY A 47 5.59 -19.65 -45.66
N THR A 48 5.35 -18.54 -44.98
CA THR A 48 5.15 -17.26 -45.65
C THR A 48 6.14 -16.25 -45.11
N GLU A 49 7.02 -15.76 -45.98
CA GLU A 49 8.03 -14.79 -45.58
C GLU A 49 7.38 -13.62 -44.85
N ASN A 50 8.04 -13.15 -43.79
CA ASN A 50 7.51 -12.05 -43.00
C ASN A 50 7.90 -10.69 -43.60
N THR A 51 7.23 -10.32 -44.68
CA THR A 51 7.48 -9.05 -45.34
C THR A 51 6.33 -8.10 -45.01
N GLU A 52 6.52 -6.80 -45.25
CA GLU A 52 5.47 -5.84 -44.95
C GLU A 52 4.27 -6.08 -45.86
N GLU A 53 4.55 -6.48 -47.10
CA GLU A 53 3.49 -6.73 -48.07
C GLU A 53 2.57 -7.86 -47.62
N ASN A 54 3.15 -9.00 -47.24
CA ASN A 54 2.34 -10.12 -46.79
C ASN A 54 1.53 -9.75 -45.56
N ARG A 55 2.12 -8.94 -44.69
CA ARG A 55 1.40 -8.51 -43.49
C ARG A 55 0.22 -7.63 -43.90
N ARG A 56 0.49 -6.69 -44.80
CA ARG A 56 -0.56 -5.79 -45.29
C ARG A 56 -1.65 -6.60 -45.96
N PHE A 57 -1.25 -7.55 -46.79
CA PHE A 57 -2.22 -8.39 -47.49
C PHE A 57 -3.05 -9.21 -46.49
N TYR A 58 -2.38 -9.80 -45.50
CA TYR A 58 -3.09 -10.60 -44.51
C TYR A 58 -4.09 -9.74 -43.75
N ARG A 59 -3.64 -8.58 -43.26
CA ARG A 59 -4.50 -7.67 -42.53
C ARG A 59 -5.66 -7.19 -43.42
N GLN A 60 -5.37 -6.91 -44.68
CA GLN A 60 -6.39 -6.47 -45.61
C GLN A 60 -7.46 -7.55 -45.72
N LEU A 61 -7.01 -8.80 -45.82
CA LEU A 61 -7.89 -9.95 -45.92
C LEU A 61 -8.92 -9.96 -44.80
N LEU A 62 -8.46 -9.75 -43.58
CA LEU A 62 -9.35 -9.74 -42.41
C LEU A 62 -10.26 -8.51 -42.40
N LEU A 63 -9.66 -7.33 -42.51
CA LEU A 63 -10.40 -6.07 -42.47
C LEU A 63 -11.44 -5.87 -43.58
N THR A 64 -11.25 -6.53 -44.72
CA THR A 64 -12.18 -6.38 -45.83
C THR A 64 -13.15 -7.55 -46.00
N ALA A 65 -13.24 -8.42 -45.00
CA ALA A 65 -14.16 -9.55 -45.07
C ALA A 65 -15.55 -8.98 -45.34
N ASP A 66 -16.43 -9.78 -45.94
CA ASP A 66 -17.78 -9.33 -46.27
C ASP A 66 -18.57 -8.79 -45.08
N ASP A 67 -19.57 -7.97 -45.39
CA ASP A 67 -20.42 -7.32 -44.40
C ASP A 67 -21.07 -8.17 -43.31
N ARG A 68 -20.97 -9.49 -43.42
CA ARG A 68 -21.56 -10.34 -42.39
C ARG A 68 -20.88 -10.14 -41.03
N VAL A 69 -19.64 -9.65 -41.07
CA VAL A 69 -18.87 -9.43 -39.84
C VAL A 69 -19.22 -8.10 -39.16
N ASN A 70 -19.69 -7.14 -39.95
CA ASN A 70 -20.04 -5.82 -39.45
C ASN A 70 -20.74 -5.79 -38.08
N PRO A 71 -21.86 -6.50 -37.93
CA PRO A 71 -22.54 -6.48 -36.64
C PRO A 71 -21.83 -7.32 -35.56
N CYS A 72 -20.80 -8.05 -35.97
CA CYS A 72 -20.04 -8.89 -35.05
C CYS A 72 -18.84 -8.15 -34.49
N ILE A 73 -18.25 -7.28 -35.31
CA ILE A 73 -17.06 -6.56 -34.89
C ILE A 73 -17.31 -5.13 -34.45
N GLY A 74 -17.21 -4.91 -33.15
CA GLY A 74 -17.41 -3.58 -32.60
C GLY A 74 -16.12 -2.77 -32.65
N GLY A 75 -14.99 -3.47 -32.67
CA GLY A 75 -13.71 -2.79 -32.73
C GLY A 75 -12.60 -3.65 -33.26
N VAL A 76 -11.55 -3.02 -33.77
CA VAL A 76 -10.39 -3.75 -34.31
C VAL A 76 -9.10 -3.16 -33.77
N ILE A 77 -8.28 -3.99 -33.14
CA ILE A 77 -7.01 -3.54 -32.59
C ILE A 77 -5.92 -3.70 -33.64
N LEU A 78 -5.23 -2.61 -33.95
CA LEU A 78 -4.17 -2.66 -34.94
C LEU A 78 -2.81 -2.38 -34.36
N PHE A 79 -1.79 -2.87 -35.07
CA PHE A 79 -0.40 -2.64 -34.70
C PHE A 79 -0.05 -1.35 -35.45
N HIS A 80 0.86 -0.56 -34.91
CA HIS A 80 1.25 0.71 -35.52
C HIS A 80 1.34 0.68 -37.05
N GLU A 81 2.17 -0.22 -37.57
CA GLU A 81 2.38 -0.37 -39.01
C GLU A 81 1.07 -0.42 -39.78
N THR A 82 0.15 -1.25 -39.33
CA THR A 82 -1.14 -1.43 -39.99
C THR A 82 -2.03 -0.20 -39.99
N LEU A 83 -1.97 0.57 -38.91
CA LEU A 83 -2.77 1.79 -38.79
C LEU A 83 -2.48 2.76 -39.92
N TYR A 84 -1.29 2.66 -40.50
CA TYR A 84 -0.90 3.58 -41.57
C TYR A 84 -0.77 2.94 -42.94
N GLN A 85 -1.34 1.76 -43.11
CA GLN A 85 -1.31 1.08 -44.41
C GLN A 85 -2.65 1.28 -45.09
N LYS A 86 -2.68 1.03 -46.40
CA LYS A 86 -3.91 1.18 -47.17
C LYS A 86 -4.27 -0.10 -47.90
N ALA A 87 -5.56 -0.28 -48.18
CA ALA A 87 -6.02 -1.44 -48.91
C ALA A 87 -5.64 -1.22 -50.37
N ASP A 88 -5.90 -2.21 -51.22
CA ASP A 88 -5.57 -2.08 -52.64
C ASP A 88 -6.21 -0.86 -53.27
N ASP A 89 -7.49 -0.64 -52.99
CA ASP A 89 -8.23 0.49 -53.54
C ASP A 89 -7.77 1.84 -53.01
N GLY A 90 -6.71 1.85 -52.21
CA GLY A 90 -6.18 3.09 -51.67
C GLY A 90 -6.79 3.58 -50.37
N ARG A 91 -7.83 2.92 -49.89
CA ARG A 91 -8.48 3.32 -48.64
C ARG A 91 -7.65 2.96 -47.41
N PRO A 92 -7.38 3.94 -46.54
CA PRO A 92 -6.60 3.65 -45.33
C PRO A 92 -7.37 2.61 -44.51
N PHE A 93 -6.66 1.62 -43.98
CA PHE A 93 -7.31 0.59 -43.18
C PHE A 93 -8.26 1.17 -42.12
N PRO A 94 -7.84 2.25 -41.44
CA PRO A 94 -8.74 2.81 -40.43
C PRO A 94 -10.10 3.14 -41.08
N GLN A 95 -10.06 3.63 -42.31
CA GLN A 95 -11.28 3.97 -43.03
C GLN A 95 -12.11 2.72 -43.35
N VAL A 96 -11.42 1.65 -43.72
CA VAL A 96 -12.09 0.38 -44.03
C VAL A 96 -12.85 -0.11 -42.81
N ILE A 97 -12.16 -0.13 -41.67
CA ILE A 97 -12.76 -0.58 -40.42
C ILE A 97 -13.99 0.24 -40.06
N LYS A 98 -13.85 1.56 -40.10
CA LYS A 98 -14.93 2.47 -39.77
C LYS A 98 -16.13 2.39 -40.72
N SER A 99 -15.88 2.12 -41.99
CA SER A 99 -16.97 2.03 -42.97
C SER A 99 -17.79 0.76 -42.73
N LYS A 100 -17.24 -0.16 -41.94
CA LYS A 100 -17.91 -1.42 -41.63
C LYS A 100 -18.56 -1.38 -40.25
N GLY A 101 -18.55 -0.20 -39.63
CA GLY A 101 -19.16 -0.04 -38.32
C GLY A 101 -18.30 -0.31 -37.10
N GLY A 102 -17.01 -0.50 -37.30
CA GLY A 102 -16.13 -0.77 -36.18
C GLY A 102 -15.29 0.41 -35.73
N VAL A 103 -14.90 0.39 -34.46
CA VAL A 103 -14.06 1.43 -33.90
C VAL A 103 -12.62 0.99 -34.11
N VAL A 104 -11.73 1.94 -34.39
CA VAL A 104 -10.33 1.60 -34.60
C VAL A 104 -9.51 1.68 -33.32
N GLY A 105 -8.75 0.62 -33.05
CA GLY A 105 -7.91 0.59 -31.86
C GLY A 105 -6.44 0.45 -32.20
N ILE A 106 -5.58 0.87 -31.29
CA ILE A 106 -4.14 0.80 -31.51
C ILE A 106 -3.38 0.27 -30.28
N LYS A 107 -2.58 -0.77 -30.48
CA LYS A 107 -1.81 -1.32 -29.38
C LYS A 107 -0.70 -0.32 -29.11
N VAL A 108 -0.48 0.04 -27.86
CA VAL A 108 0.54 1.03 -27.56
C VAL A 108 1.70 0.61 -26.65
N ASP A 109 1.66 -0.59 -26.08
CA ASP A 109 2.75 -1.02 -25.22
C ASP A 109 3.94 -1.37 -26.09
N LYS A 110 5.11 -1.48 -25.48
CA LYS A 110 6.32 -1.81 -26.22
C LYS A 110 6.95 -3.10 -25.71
N GLY A 111 6.09 -4.06 -25.37
CA GLY A 111 6.56 -5.36 -24.92
C GLY A 111 6.92 -5.45 -23.45
N VAL A 112 7.15 -6.68 -22.99
CA VAL A 112 7.49 -6.91 -21.60
C VAL A 112 8.99 -6.80 -21.37
N VAL A 113 9.36 -6.52 -20.13
CA VAL A 113 10.77 -6.43 -19.73
C VAL A 113 10.86 -7.20 -18.43
N PRO A 114 12.02 -7.82 -18.15
CA PRO A 114 12.15 -8.58 -16.91
C PRO A 114 12.24 -7.75 -15.64
N LEU A 115 11.63 -8.26 -14.57
CA LEU A 115 11.67 -7.62 -13.26
C LEU A 115 12.77 -8.33 -12.48
N ALA A 116 13.87 -7.62 -12.25
CA ALA A 116 15.01 -8.18 -11.51
C ALA A 116 14.60 -8.62 -10.12
N GLY A 117 15.19 -9.73 -9.65
CA GLY A 117 14.87 -10.21 -8.32
C GLY A 117 13.60 -11.05 -8.25
N THR A 118 13.03 -11.39 -9.41
CA THR A 118 11.83 -12.21 -9.43
C THR A 118 12.11 -13.50 -10.17
N ASN A 119 11.20 -14.46 -10.03
CA ASN A 119 11.36 -15.74 -10.70
C ASN A 119 10.84 -15.65 -12.13
N GLY A 120 11.60 -14.96 -12.99
CA GLY A 120 11.21 -14.82 -14.38
C GLY A 120 9.96 -14.00 -14.65
N GLU A 121 9.60 -13.10 -13.74
CA GLU A 121 8.41 -12.27 -13.93
C GLU A 121 8.73 -11.01 -14.70
N THR A 122 7.70 -10.36 -15.22
CA THR A 122 7.91 -9.16 -16.02
C THR A 122 6.91 -8.04 -15.75
N THR A 123 7.22 -6.89 -16.31
CA THR A 123 6.33 -5.75 -16.28
C THR A 123 6.33 -5.38 -17.76
N THR A 124 5.67 -4.27 -18.11
CA THR A 124 5.59 -3.87 -19.50
C THR A 124 6.03 -2.42 -19.65
N GLN A 125 6.73 -2.13 -20.75
CA GLN A 125 7.19 -0.77 -21.02
C GLN A 125 6.36 -0.15 -22.14
N GLY A 126 6.53 1.17 -22.32
CA GLY A 126 5.80 1.87 -23.38
C GLY A 126 5.22 3.21 -22.98
N LEU A 127 5.50 3.68 -21.77
CA LEU A 127 4.95 4.96 -21.31
C LEU A 127 5.66 6.20 -21.89
N ASP A 128 6.93 6.06 -22.24
CA ASP A 128 7.69 7.20 -22.77
C ASP A 128 7.08 7.79 -24.02
N GLY A 129 6.76 9.09 -23.96
CA GLY A 129 6.18 9.77 -25.10
C GLY A 129 4.79 9.25 -25.49
N LEU A 130 4.18 8.47 -24.60
CA LEU A 130 2.87 7.91 -24.87
C LEU A 130 1.79 8.96 -25.12
N SER A 131 1.82 10.06 -24.37
CA SER A 131 0.82 11.11 -24.56
C SER A 131 0.83 11.64 -25.99
N GLU A 132 2.02 11.93 -26.50
CA GLU A 132 2.17 12.45 -27.86
C GLU A 132 1.72 11.40 -28.87
N ARG A 133 2.05 10.14 -28.61
CA ARG A 133 1.66 9.05 -29.51
C ARG A 133 0.14 8.92 -29.56
N CYS A 134 -0.50 9.01 -28.40
CA CYS A 134 -1.94 8.89 -28.33
C CYS A 134 -2.62 10.04 -29.08
N ALA A 135 -2.11 11.25 -28.91
CA ALA A 135 -2.69 12.40 -29.59
C ALA A 135 -2.60 12.19 -31.10
N GLN A 136 -1.45 11.69 -31.56
CA GLN A 136 -1.25 11.43 -32.98
C GLN A 136 -2.17 10.31 -33.48
N TYR A 137 -2.28 9.24 -32.70
CA TYR A 137 -3.13 8.12 -33.08
C TYR A 137 -4.59 8.56 -33.16
N LYS A 138 -5.02 9.37 -32.18
CA LYS A 138 -6.39 9.86 -32.15
C LYS A 138 -6.67 10.63 -33.45
N LYS A 139 -5.76 11.55 -33.76
CA LYS A 139 -5.86 12.37 -34.97
C LYS A 139 -5.89 11.49 -36.22
N ASP A 140 -5.24 10.34 -36.14
CA ASP A 140 -5.18 9.44 -37.28
C ASP A 140 -6.21 8.33 -37.30
N GLY A 141 -7.30 8.49 -36.54
CA GLY A 141 -8.36 7.50 -36.57
C GLY A 141 -8.66 6.59 -35.40
N ALA A 142 -7.67 6.32 -34.55
CA ALA A 142 -7.89 5.43 -33.41
C ALA A 142 -8.68 6.07 -32.28
N ASP A 143 -9.59 5.31 -31.68
CA ASP A 143 -10.40 5.79 -30.56
C ASP A 143 -10.15 5.01 -29.27
N PHE A 144 -9.46 3.87 -29.38
CA PHE A 144 -9.12 3.09 -28.19
C PHE A 144 -7.74 2.49 -28.35
N ALA A 145 -7.13 2.09 -27.23
CA ALA A 145 -5.81 1.50 -27.26
C ALA A 145 -5.79 0.23 -26.44
N LYS A 146 -4.67 -0.49 -26.53
CA LYS A 146 -4.50 -1.72 -25.78
C LYS A 146 -3.08 -1.75 -25.23
N TRP A 147 -2.94 -2.30 -24.03
CA TRP A 147 -1.65 -2.42 -23.36
C TRP A 147 -1.69 -3.74 -22.62
N ARG A 148 -0.72 -4.60 -22.92
CA ARG A 148 -0.66 -5.91 -22.31
C ARG A 148 0.42 -6.13 -21.25
N CYS A 149 -0.02 -6.59 -20.08
CA CYS A 149 0.88 -6.92 -18.98
C CYS A 149 0.74 -8.43 -18.86
N VAL A 150 1.83 -9.12 -18.55
CA VAL A 150 1.78 -10.59 -18.45
C VAL A 150 2.22 -11.10 -17.07
N LEU A 151 1.38 -11.92 -16.46
CA LEU A 151 1.68 -12.50 -15.16
C LEU A 151 1.64 -14.01 -15.31
N LYS A 152 2.36 -14.73 -14.47
CA LYS A 152 2.39 -16.19 -14.55
C LYS A 152 2.13 -16.85 -13.21
N ILE A 153 1.39 -17.95 -13.24
CA ILE A 153 1.09 -18.69 -12.03
C ILE A 153 2.18 -19.74 -11.85
N GLY A 154 2.91 -19.65 -10.74
CA GLY A 154 3.98 -20.58 -10.46
C GLY A 154 4.06 -20.79 -8.96
N GLU A 155 5.12 -21.43 -8.48
CA GLU A 155 5.23 -21.68 -7.06
C GLU A 155 5.34 -20.41 -6.24
N HIS A 156 6.03 -19.39 -6.78
CA HIS A 156 6.20 -18.12 -6.07
C HIS A 156 5.66 -16.93 -6.87
N THR A 157 4.88 -17.21 -7.90
CA THR A 157 4.34 -16.14 -8.74
C THR A 157 2.84 -16.28 -9.03
N PRO A 158 2.16 -15.16 -9.34
CA PRO A 158 2.74 -13.81 -9.42
C PRO A 158 3.06 -13.26 -8.04
N SER A 159 4.22 -12.63 -7.91
CA SER A 159 4.66 -12.06 -6.64
C SER A 159 3.99 -10.73 -6.34
N ALA A 160 4.11 -10.28 -5.10
CA ALA A 160 3.54 -9.00 -4.69
C ALA A 160 4.09 -7.89 -5.57
N LEU A 161 5.40 -7.93 -5.85
CA LEU A 161 6.01 -6.93 -6.70
C LEU A 161 5.39 -6.92 -8.10
N ALA A 162 5.33 -8.09 -8.74
CA ALA A 162 4.78 -8.17 -10.08
C ALA A 162 3.34 -7.69 -10.15
N ILE A 163 2.53 -8.08 -9.18
CA ILE A 163 1.15 -7.66 -9.17
C ILE A 163 1.05 -6.15 -9.01
N MET A 164 1.76 -5.61 -8.02
CA MET A 164 1.74 -4.16 -7.78
C MET A 164 2.27 -3.34 -8.96
N GLU A 165 3.43 -3.72 -9.48
CA GLU A 165 4.05 -2.99 -10.58
C GLU A 165 3.22 -3.02 -11.88
N ASN A 166 2.70 -4.20 -12.25
CA ASN A 166 1.90 -4.30 -13.47
C ASN A 166 0.59 -3.53 -13.34
N ALA A 167 0.01 -3.53 -12.15
CA ALA A 167 -1.24 -2.81 -11.92
C ALA A 167 -0.95 -1.32 -12.05
N ASN A 168 0.17 -0.88 -11.50
CA ASN A 168 0.54 0.52 -11.54
C ASN A 168 0.82 1.03 -12.96
N VAL A 169 1.58 0.29 -13.75
CA VAL A 169 1.86 0.75 -15.10
C VAL A 169 0.60 0.74 -15.96
N LEU A 170 -0.30 -0.20 -15.69
CA LEU A 170 -1.56 -0.25 -16.42
C LEU A 170 -2.34 1.05 -16.14
N ALA A 171 -2.33 1.47 -14.88
CA ALA A 171 -3.02 2.69 -14.48
C ALA A 171 -2.42 3.93 -15.14
N ARG A 172 -1.09 3.98 -15.21
CA ARG A 172 -0.42 5.12 -15.85
C ARG A 172 -0.84 5.18 -17.31
N TYR A 173 -0.80 4.02 -17.96
CA TYR A 173 -1.18 3.90 -19.36
C TYR A 173 -2.62 4.38 -19.56
N ALA A 174 -3.52 3.92 -18.70
CA ALA A 174 -4.93 4.28 -18.78
C ALA A 174 -5.12 5.78 -18.64
N SER A 175 -4.41 6.37 -17.68
CA SER A 175 -4.49 7.81 -17.42
C SER A 175 -4.08 8.60 -18.65
N ILE A 176 -2.94 8.26 -19.21
CA ILE A 176 -2.44 8.95 -20.39
C ILE A 176 -3.43 8.82 -21.55
N CYS A 177 -3.95 7.61 -21.77
CA CYS A 177 -4.91 7.41 -22.84
C CYS A 177 -6.14 8.32 -22.69
N GLN A 178 -6.73 8.33 -21.50
CA GLN A 178 -7.92 9.13 -21.27
C GLN A 178 -7.70 10.62 -21.41
N GLN A 179 -6.47 11.08 -21.20
CA GLN A 179 -6.18 12.50 -21.37
C GLN A 179 -6.20 12.88 -22.84
N ASN A 180 -6.07 11.89 -23.71
CA ASN A 180 -6.06 12.14 -25.15
C ASN A 180 -7.28 11.61 -25.91
N GLY A 181 -8.38 11.40 -25.20
CA GLY A 181 -9.60 10.93 -25.82
C GLY A 181 -9.56 9.51 -26.33
N ILE A 182 -8.64 8.70 -25.81
CA ILE A 182 -8.50 7.31 -26.22
C ILE A 182 -8.98 6.38 -25.09
N VAL A 183 -9.87 5.46 -25.42
CA VAL A 183 -10.38 4.51 -24.43
C VAL A 183 -9.33 3.42 -24.21
N PRO A 184 -8.83 3.30 -22.98
CA PRO A 184 -7.82 2.26 -22.75
C PRO A 184 -8.38 0.88 -22.40
N ILE A 185 -7.91 -0.13 -23.11
CA ILE A 185 -8.32 -1.49 -22.81
C ILE A 185 -7.21 -1.95 -21.86
N VAL A 186 -7.59 -2.26 -20.62
CA VAL A 186 -6.65 -2.71 -19.62
C VAL A 186 -6.52 -4.22 -19.68
N GLU A 187 -5.36 -4.71 -20.14
CA GLU A 187 -5.15 -6.15 -20.27
C GLU A 187 -4.12 -6.75 -19.32
N PRO A 188 -4.57 -7.30 -18.19
CA PRO A 188 -3.68 -7.92 -17.21
C PRO A 188 -3.83 -9.43 -17.45
N GLU A 189 -3.07 -9.95 -18.42
CA GLU A 189 -3.17 -11.38 -18.73
C GLU A 189 -2.37 -12.31 -17.84
N ILE A 190 -3.08 -13.23 -17.20
CA ILE A 190 -2.47 -14.23 -16.36
C ILE A 190 -2.36 -15.44 -17.29
N LEU A 191 -1.13 -15.83 -17.61
CA LEU A 191 -0.90 -16.96 -18.51
C LEU A 191 -1.53 -18.25 -18.02
N PRO A 192 -1.88 -19.14 -18.97
CA PRO A 192 -2.50 -20.43 -18.62
C PRO A 192 -1.42 -21.50 -18.38
N ASP A 193 -0.17 -21.12 -18.53
CA ASP A 193 0.97 -22.04 -18.34
C ASP A 193 1.02 -22.65 -16.94
N GLY A 194 1.32 -23.94 -16.86
CA GLY A 194 1.42 -24.61 -15.58
C GLY A 194 0.40 -25.70 -15.34
N ASP A 195 0.57 -26.44 -14.25
CA ASP A 195 -0.35 -27.52 -13.92
C ASP A 195 -1.31 -27.15 -12.79
N HIS A 196 -1.45 -25.86 -12.52
CA HIS A 196 -2.35 -25.39 -11.46
C HIS A 196 -3.80 -25.70 -11.86
N ASP A 197 -4.69 -25.80 -10.88
CA ASP A 197 -6.09 -26.10 -11.19
C ASP A 197 -6.94 -24.85 -11.33
N LEU A 198 -8.25 -25.04 -11.52
CA LEU A 198 -9.18 -23.95 -11.69
C LEU A 198 -9.26 -23.01 -10.49
N LYS A 199 -9.27 -23.58 -9.29
CA LYS A 199 -9.34 -22.78 -8.06
C LYS A 199 -8.14 -21.84 -7.99
N ARG A 200 -6.97 -22.36 -8.32
CA ARG A 200 -5.74 -21.57 -8.29
C ARG A 200 -5.87 -20.37 -9.22
N CYS A 201 -6.31 -20.61 -10.45
CA CYS A 201 -6.44 -19.52 -11.40
C CYS A 201 -7.46 -18.50 -10.90
N GLN A 202 -8.60 -18.98 -10.39
CA GLN A 202 -9.61 -18.06 -9.91
C GLN A 202 -9.09 -17.17 -8.79
N TYR A 203 -8.33 -17.77 -7.88
CA TYR A 203 -7.76 -17.06 -6.75
C TYR A 203 -6.79 -15.98 -7.24
N VAL A 204 -5.87 -16.36 -8.12
CA VAL A 204 -4.90 -15.41 -8.64
C VAL A 204 -5.60 -14.31 -9.44
N THR A 205 -6.59 -14.69 -10.25
CA THR A 205 -7.30 -13.70 -11.06
C THR A 205 -7.98 -12.67 -10.15
N GLU A 206 -8.62 -13.16 -9.09
CA GLU A 206 -9.30 -12.26 -8.14
C GLU A 206 -8.30 -11.30 -7.48
N LYS A 207 -7.12 -11.78 -7.11
CA LYS A 207 -6.13 -10.91 -6.48
C LYS A 207 -5.55 -9.89 -7.45
N VAL A 208 -5.27 -10.32 -8.68
CA VAL A 208 -4.72 -9.43 -9.68
C VAL A 208 -5.73 -8.34 -10.03
N LEU A 209 -6.96 -8.73 -10.31
CA LEU A 209 -7.98 -7.75 -10.67
C LEU A 209 -8.25 -6.75 -9.54
N ALA A 210 -8.21 -7.23 -8.30
CA ALA A 210 -8.43 -6.35 -7.16
C ALA A 210 -7.29 -5.32 -7.15
N ALA A 211 -6.08 -5.77 -7.43
CA ALA A 211 -4.94 -4.87 -7.44
C ALA A 211 -5.09 -3.87 -8.60
N VAL A 212 -5.49 -4.38 -9.75
CA VAL A 212 -5.66 -3.56 -10.93
C VAL A 212 -6.64 -2.41 -10.68
N TYR A 213 -7.80 -2.71 -10.10
CA TYR A 213 -8.78 -1.65 -9.86
C TYR A 213 -8.41 -0.67 -8.75
N LYS A 214 -7.64 -1.11 -7.76
CA LYS A 214 -7.21 -0.19 -6.71
C LYS A 214 -6.26 0.81 -7.35
N ALA A 215 -5.39 0.31 -8.23
CA ALA A 215 -4.43 1.16 -8.92
C ALA A 215 -5.16 2.14 -9.84
N LEU A 216 -6.18 1.65 -10.55
CA LEU A 216 -6.94 2.53 -11.45
C LEU A 216 -7.58 3.66 -10.62
N SER A 217 -8.05 3.31 -9.42
CA SER A 217 -8.67 4.29 -8.54
C SER A 217 -7.63 5.29 -8.02
N ASP A 218 -6.45 4.80 -7.62
CA ASP A 218 -5.41 5.69 -7.12
C ASP A 218 -4.96 6.68 -8.18
N HIS A 219 -5.03 6.26 -9.45
CA HIS A 219 -4.60 7.12 -10.55
C HIS A 219 -5.75 7.91 -11.18
N HIS A 220 -6.91 7.87 -10.51
CA HIS A 220 -8.09 8.62 -10.96
C HIS A 220 -8.59 8.23 -12.34
N ILE A 221 -8.68 6.92 -12.61
CA ILE A 221 -9.14 6.45 -13.89
C ILE A 221 -10.67 6.42 -13.97
N TYR A 222 -11.19 6.93 -15.08
CA TYR A 222 -12.63 6.97 -15.33
C TYR A 222 -13.02 5.59 -15.87
N LEU A 223 -13.48 4.72 -14.97
CA LEU A 223 -13.84 3.36 -15.33
C LEU A 223 -14.83 3.20 -16.49
N GLU A 224 -15.82 4.08 -16.55
CA GLU A 224 -16.82 4.02 -17.61
C GLU A 224 -16.16 4.18 -18.97
N GLY A 225 -15.01 4.87 -18.97
CA GLY A 225 -14.27 5.08 -20.21
C GLY A 225 -13.16 4.06 -20.41
N THR A 226 -13.33 2.86 -19.84
CA THR A 226 -12.32 1.81 -19.97
C THR A 226 -12.98 0.47 -20.29
N LEU A 227 -12.14 -0.48 -20.68
CA LEU A 227 -12.58 -1.85 -20.95
C LEU A 227 -11.53 -2.73 -20.28
N LEU A 228 -11.92 -3.94 -19.92
CA LEU A 228 -10.99 -4.87 -19.28
C LEU A 228 -10.81 -6.08 -20.21
N LYS A 229 -9.57 -6.48 -20.43
CA LYS A 229 -9.27 -7.64 -21.26
C LYS A 229 -8.50 -8.61 -20.40
N PRO A 230 -9.21 -9.50 -19.68
CA PRO A 230 -8.56 -10.47 -18.81
C PRO A 230 -8.58 -11.87 -19.41
N ASN A 231 -7.88 -12.79 -18.73
CA ASN A 231 -7.88 -14.18 -19.14
C ASN A 231 -9.19 -14.70 -18.58
N MET A 232 -9.74 -15.75 -19.17
CA MET A 232 -10.93 -16.37 -18.60
C MET A 232 -10.29 -17.16 -17.47
N VAL A 233 -11.07 -17.63 -16.51
CA VAL A 233 -10.52 -18.41 -15.42
C VAL A 233 -10.57 -19.87 -15.86
N THR A 234 -9.39 -20.46 -16.02
CA THR A 234 -9.29 -21.85 -16.47
C THR A 234 -8.14 -22.55 -15.78
N PRO A 235 -8.15 -23.90 -15.81
CA PRO A 235 -7.06 -24.65 -15.18
C PRO A 235 -5.83 -24.42 -16.04
N GLY A 236 -4.65 -24.72 -15.50
CA GLY A 236 -3.43 -24.54 -16.29
C GLY A 236 -3.43 -25.50 -17.46
N HIS A 237 -2.60 -25.26 -18.45
CA HIS A 237 -2.53 -26.13 -19.63
C HIS A 237 -2.11 -27.55 -19.26
N ALA A 238 -1.22 -27.68 -18.28
CA ALA A 238 -0.73 -28.99 -17.87
C ALA A 238 -1.50 -29.62 -16.71
N CYS A 239 -2.64 -29.04 -16.35
CA CYS A 239 -3.42 -29.58 -15.25
C CYS A 239 -4.10 -30.89 -15.66
N THR A 240 -3.91 -31.92 -14.86
CA THR A 240 -4.49 -33.23 -15.14
C THR A 240 -5.99 -33.31 -14.87
N GLN A 241 -6.47 -32.51 -13.92
CA GLN A 241 -7.89 -32.50 -13.60
C GLN A 241 -8.65 -31.81 -14.74
N LYS A 242 -9.82 -32.33 -15.07
CA LYS A 242 -10.60 -31.77 -16.17
C LYS A 242 -11.89 -31.08 -15.70
N TYR A 243 -12.28 -30.02 -16.39
CA TYR A 243 -13.48 -29.27 -16.04
C TYR A 243 -14.43 -29.06 -17.22
N SER A 244 -15.68 -28.73 -16.89
CA SER A 244 -16.68 -28.47 -17.92
C SER A 244 -16.67 -26.98 -18.23
N HIS A 245 -17.26 -26.62 -19.36
CA HIS A 245 -17.32 -25.21 -19.73
C HIS A 245 -18.14 -24.42 -18.72
N GLU A 246 -19.15 -25.06 -18.16
CA GLU A 246 -19.99 -24.42 -17.15
C GLU A 246 -19.19 -24.07 -15.91
N GLU A 247 -18.20 -24.91 -15.58
CA GLU A 247 -17.37 -24.66 -14.41
C GLU A 247 -16.38 -23.52 -14.64
N ILE A 248 -15.75 -23.49 -15.80
CA ILE A 248 -14.81 -22.40 -16.04
C ILE A 248 -15.60 -21.10 -16.15
N ALA A 249 -16.84 -21.19 -16.63
CA ALA A 249 -17.69 -20.02 -16.77
C ALA A 249 -18.09 -19.52 -15.38
N MET A 250 -18.37 -20.45 -14.47
CA MET A 250 -18.75 -20.11 -13.11
C MET A 250 -17.58 -19.45 -12.38
N ALA A 251 -16.39 -20.00 -12.57
CA ALA A 251 -15.19 -19.45 -11.92
C ALA A 251 -14.84 -18.09 -12.51
N THR A 252 -15.00 -17.96 -13.82
CA THR A 252 -14.71 -16.70 -14.50
C THR A 252 -15.64 -15.60 -14.03
N VAL A 253 -16.94 -15.85 -14.12
CA VAL A 253 -17.94 -14.87 -13.71
C VAL A 253 -17.86 -14.55 -12.22
N THR A 254 -17.57 -15.55 -11.40
CA THR A 254 -17.47 -15.31 -9.97
C THR A 254 -16.27 -14.39 -9.67
N ALA A 255 -15.14 -14.65 -10.31
CA ALA A 255 -13.95 -13.83 -10.10
C ALA A 255 -14.19 -12.38 -10.53
N LEU A 256 -14.86 -12.19 -11.66
CA LEU A 256 -15.15 -10.85 -12.16
C LEU A 256 -16.14 -10.13 -11.25
N ARG A 257 -17.13 -10.87 -10.77
CA ARG A 257 -18.14 -10.31 -9.88
C ARG A 257 -17.55 -9.83 -8.56
N ARG A 258 -16.44 -10.45 -8.14
CA ARG A 258 -15.81 -10.09 -6.88
C ARG A 258 -14.75 -8.99 -6.97
N THR A 259 -14.46 -8.54 -8.19
CA THR A 259 -13.40 -7.55 -8.38
C THR A 259 -13.68 -6.37 -9.32
N VAL A 260 -14.45 -6.61 -10.38
CA VAL A 260 -14.72 -5.58 -11.37
C VAL A 260 -15.94 -4.70 -11.08
N PRO A 261 -15.70 -3.41 -10.76
CA PRO A 261 -16.82 -2.51 -10.47
C PRO A 261 -17.81 -2.47 -11.63
N PRO A 262 -19.11 -2.35 -11.32
CA PRO A 262 -20.18 -2.29 -12.32
C PRO A 262 -19.97 -1.17 -13.33
N ALA A 263 -19.25 -0.12 -12.91
CA ALA A 263 -19.01 1.02 -13.79
C ALA A 263 -18.16 0.65 -15.00
N VAL A 264 -17.38 -0.43 -14.91
CA VAL A 264 -16.57 -0.82 -16.05
C VAL A 264 -17.53 -1.18 -17.19
N THR A 265 -17.40 -0.47 -18.31
CA THR A 265 -18.30 -0.67 -19.45
C THR A 265 -18.32 -2.06 -20.06
N GLY A 266 -17.17 -2.73 -20.09
CA GLY A 266 -17.18 -4.06 -20.67
C GLY A 266 -15.93 -4.88 -20.47
N VAL A 267 -16.11 -6.20 -20.56
CA VAL A 267 -15.02 -7.16 -20.42
C VAL A 267 -14.88 -7.87 -21.77
N THR A 268 -13.67 -7.79 -22.34
CA THR A 268 -13.38 -8.40 -23.64
C THR A 268 -12.27 -9.43 -23.43
N PHE A 269 -12.67 -10.68 -23.20
CA PHE A 269 -11.74 -11.78 -22.96
C PHE A 269 -10.73 -12.05 -24.07
N LEU A 270 -9.51 -12.38 -23.67
CA LEU A 270 -8.46 -12.76 -24.61
C LEU A 270 -8.68 -14.27 -24.75
N SER A 271 -8.28 -14.88 -25.86
CA SER A 271 -8.47 -16.32 -26.01
C SER A 271 -7.27 -17.08 -25.47
N GLY A 272 -6.15 -16.37 -25.31
CA GLY A 272 -4.93 -16.94 -24.75
C GLY A 272 -4.54 -18.37 -25.04
N GLY A 273 -4.53 -18.77 -26.30
CA GLY A 273 -4.14 -20.13 -26.62
C GLY A 273 -5.27 -21.12 -26.79
N GLN A 274 -6.48 -20.75 -26.41
CA GLN A 274 -7.60 -21.67 -26.58
C GLN A 274 -7.84 -21.80 -28.08
N SER A 275 -8.49 -22.88 -28.49
CA SER A 275 -8.78 -23.07 -29.90
C SER A 275 -9.98 -22.19 -30.22
N GLU A 276 -10.22 -21.95 -31.51
CA GLU A 276 -11.34 -21.12 -31.93
C GLU A 276 -12.65 -21.61 -31.33
N GLU A 277 -12.89 -22.91 -31.41
CA GLU A 277 -14.12 -23.49 -30.90
C GLU A 277 -14.22 -23.39 -29.38
N GLU A 278 -13.14 -23.72 -28.70
CA GLU A 278 -13.10 -23.68 -27.24
C GLU A 278 -13.37 -22.27 -26.73
N ALA A 279 -12.74 -21.29 -27.35
CA ALA A 279 -12.91 -19.90 -26.97
C ALA A 279 -14.36 -19.44 -27.14
N SER A 280 -15.00 -19.90 -28.22
CA SER A 280 -16.38 -19.52 -28.47
C SER A 280 -17.31 -20.24 -27.49
N ILE A 281 -17.06 -21.52 -27.27
CA ILE A 281 -17.87 -22.29 -26.35
C ILE A 281 -17.76 -21.76 -24.92
N ASN A 282 -16.57 -21.33 -24.53
CA ASN A 282 -16.37 -20.79 -23.18
C ASN A 282 -17.06 -19.44 -23.02
N LEU A 283 -16.94 -18.58 -24.02
CA LEU A 283 -17.57 -17.26 -23.96
C LEU A 283 -19.08 -17.45 -23.86
N ASN A 284 -19.61 -18.39 -24.64
CA ASN A 284 -21.03 -18.69 -24.63
C ASN A 284 -21.46 -19.12 -23.23
N ALA A 285 -20.71 -20.06 -22.65
CA ALA A 285 -21.02 -20.56 -21.31
C ALA A 285 -20.98 -19.42 -20.30
N ILE A 286 -20.03 -18.51 -20.48
CA ILE A 286 -19.89 -17.36 -19.58
C ILE A 286 -21.12 -16.46 -19.61
N ASN A 287 -21.68 -16.24 -20.79
CA ASN A 287 -22.85 -15.40 -20.94
C ASN A 287 -24.15 -16.06 -20.48
N LYS A 288 -24.16 -17.39 -20.39
CA LYS A 288 -25.35 -18.10 -19.94
C LYS A 288 -25.25 -18.40 -18.45
N CYS A 289 -24.11 -18.07 -17.84
CA CYS A 289 -23.89 -18.31 -16.43
C CYS A 289 -25.02 -17.65 -15.62
N PRO A 290 -25.70 -18.42 -14.77
CA PRO A 290 -26.81 -17.98 -13.91
C PRO A 290 -26.49 -17.00 -12.78
N LEU A 291 -25.58 -16.07 -13.04
CA LEU A 291 -25.22 -15.07 -12.04
C LEU A 291 -25.38 -13.69 -12.67
N LEU A 292 -25.56 -12.68 -11.84
CA LEU A 292 -25.74 -11.32 -12.35
C LEU A 292 -24.40 -10.78 -12.87
N LYS A 293 -24.40 -10.31 -14.10
CA LYS A 293 -23.21 -9.72 -14.74
C LYS A 293 -23.57 -8.32 -15.22
N PRO A 294 -23.15 -7.29 -14.48
CA PRO A 294 -23.43 -5.89 -14.81
C PRO A 294 -22.61 -5.26 -15.93
N TRP A 295 -21.78 -6.05 -16.61
CA TRP A 295 -20.98 -5.51 -17.72
C TRP A 295 -21.07 -6.44 -18.90
N ALA A 296 -20.84 -5.90 -20.09
CA ALA A 296 -20.86 -6.72 -21.28
C ALA A 296 -19.74 -7.74 -21.15
N LEU A 297 -20.03 -8.98 -21.55
CA LEU A 297 -19.03 -10.04 -21.49
C LEU A 297 -18.86 -10.53 -22.90
N THR A 298 -17.84 -10.02 -23.59
CA THR A 298 -17.60 -10.38 -24.96
C THR A 298 -16.16 -10.79 -25.24
N PHE A 299 -15.74 -10.65 -26.49
CA PHE A 299 -14.41 -11.06 -26.89
C PHE A 299 -13.49 -9.98 -27.44
N SER A 300 -12.20 -10.27 -27.35
CA SER A 300 -11.14 -9.45 -27.88
C SER A 300 -10.21 -10.58 -28.25
N TYR A 301 -10.56 -11.25 -29.36
CA TYR A 301 -9.81 -12.40 -29.81
C TYR A 301 -8.80 -12.16 -30.93
N GLY A 302 -7.62 -12.72 -30.73
CA GLY A 302 -6.57 -12.61 -31.73
C GLY A 302 -6.54 -13.96 -32.43
N ARG A 303 -5.85 -14.90 -31.81
CA ARG A 303 -5.71 -16.24 -32.37
C ARG A 303 -7.04 -16.94 -32.61
N ALA A 304 -7.97 -16.80 -31.68
CA ALA A 304 -9.29 -17.44 -31.79
C ALA A 304 -10.16 -16.94 -32.93
N LEU A 305 -9.72 -15.89 -33.61
CA LEU A 305 -10.48 -15.35 -34.74
C LEU A 305 -9.71 -15.53 -36.04
N GLN A 306 -8.42 -15.83 -35.92
CA GLN A 306 -7.54 -15.96 -37.09
C GLN A 306 -6.99 -17.35 -37.44
N ALA A 307 -6.98 -18.27 -36.46
CA ALA A 307 -6.43 -19.61 -36.66
C ALA A 307 -6.76 -20.23 -38.01
N SER A 308 -8.04 -20.48 -38.25
CA SER A 308 -8.48 -21.10 -39.51
C SER A 308 -8.25 -20.21 -40.72
N ALA A 309 -8.44 -18.91 -40.57
CA ALA A 309 -8.25 -17.99 -41.69
C ALA A 309 -6.79 -17.98 -42.14
N LEU A 310 -5.88 -17.93 -41.17
CA LEU A 310 -4.45 -17.91 -41.46
C LEU A 310 -4.05 -19.17 -42.22
N LYS A 311 -4.54 -20.32 -41.76
CA LYS A 311 -4.23 -21.60 -42.39
C LYS A 311 -4.79 -21.69 -43.81
N ALA A 312 -6.05 -21.31 -43.97
CA ALA A 312 -6.69 -21.35 -45.29
C ALA A 312 -5.95 -20.45 -46.29
N TRP A 313 -5.45 -19.31 -45.83
CA TRP A 313 -4.73 -18.38 -46.69
C TRP A 313 -3.42 -19.01 -47.18
N GLY A 314 -2.64 -19.54 -46.24
CA GLY A 314 -1.38 -20.17 -46.59
C GLY A 314 -0.40 -19.24 -47.29
N GLY A 315 -0.70 -17.94 -47.27
CA GLY A 315 0.17 -16.97 -47.91
C GLY A 315 -0.07 -16.88 -49.40
N LYS A 316 -1.19 -17.46 -49.84
CA LYS A 316 -1.54 -17.46 -51.26
C LYS A 316 -2.78 -16.61 -51.53
N LYS A 317 -2.59 -15.54 -52.30
CA LYS A 317 -3.67 -14.63 -52.63
C LYS A 317 -4.85 -15.39 -53.22
N GLU A 318 -4.57 -16.51 -53.85
CA GLU A 318 -5.60 -17.35 -54.47
C GLU A 318 -6.64 -17.78 -53.45
N ASN A 319 -6.19 -18.00 -52.21
CA ASN A 319 -7.07 -18.44 -51.13
C ASN A 319 -7.72 -17.31 -50.35
N LEU A 320 -7.81 -16.13 -50.96
CA LEU A 320 -8.42 -14.98 -50.31
C LEU A 320 -9.82 -15.28 -49.76
N LYS A 321 -10.73 -15.62 -50.65
CA LYS A 321 -12.11 -15.91 -50.27
C LYS A 321 -12.24 -17.07 -49.28
N ALA A 322 -11.38 -18.07 -49.40
CA ALA A 322 -11.42 -19.22 -48.50
C ALA A 322 -11.03 -18.76 -47.09
N ALA A 323 -9.94 -18.01 -47.02
CA ALA A 323 -9.44 -17.49 -45.76
C ALA A 323 -10.48 -16.61 -45.05
N GLN A 324 -11.01 -15.62 -45.78
CA GLN A 324 -12.00 -14.72 -45.20
C GLN A 324 -13.21 -15.48 -44.67
N GLU A 325 -13.62 -16.52 -45.38
CA GLU A 325 -14.78 -17.31 -44.96
C GLU A 325 -14.56 -17.89 -43.57
N GLU A 326 -13.35 -18.35 -43.29
CA GLU A 326 -13.05 -18.91 -41.98
C GLU A 326 -13.15 -17.83 -40.91
N TYR A 327 -12.62 -16.66 -41.21
CA TYR A 327 -12.69 -15.54 -40.28
C TYR A 327 -14.14 -15.17 -40.01
N VAL A 328 -14.91 -15.00 -41.08
CA VAL A 328 -16.33 -14.64 -40.95
C VAL A 328 -17.06 -15.64 -40.05
N LYS A 329 -16.82 -16.93 -40.28
CA LYS A 329 -17.47 -17.95 -39.47
C LYS A 329 -17.14 -17.79 -37.98
N ARG A 330 -15.89 -17.48 -37.65
CA ARG A 330 -15.55 -17.30 -36.23
C ARG A 330 -16.12 -16.00 -35.70
N ALA A 331 -16.19 -14.97 -36.54
CA ALA A 331 -16.76 -13.70 -36.11
C ALA A 331 -18.23 -13.94 -35.78
N LEU A 332 -18.92 -14.69 -36.66
CA LEU A 332 -20.33 -15.00 -36.46
C LEU A 332 -20.51 -15.84 -35.20
N ALA A 333 -19.65 -16.84 -35.03
CA ALA A 333 -19.72 -17.73 -33.87
C ALA A 333 -19.60 -16.96 -32.56
N ASN A 334 -18.58 -16.11 -32.47
CA ASN A 334 -18.37 -15.36 -31.25
C ASN A 334 -19.40 -14.28 -31.01
N SER A 335 -20.00 -13.77 -32.08
CA SER A 335 -21.03 -12.75 -31.93
C SER A 335 -22.20 -13.40 -31.20
N LEU A 336 -22.51 -14.64 -31.58
CA LEU A 336 -23.58 -15.38 -30.94
C LEU A 336 -23.17 -15.74 -29.52
N ALA A 337 -21.89 -16.08 -29.37
CA ALA A 337 -21.35 -16.47 -28.07
C ALA A 337 -21.52 -15.37 -27.02
N CYS A 338 -21.17 -14.14 -27.39
CA CYS A 338 -21.30 -13.04 -26.43
C CYS A 338 -22.76 -12.70 -26.17
N GLN A 339 -23.66 -13.47 -26.77
CA GLN A 339 -25.10 -13.30 -26.58
C GLN A 339 -25.65 -14.57 -25.94
N GLY A 340 -24.78 -15.55 -25.75
CA GLY A 340 -25.18 -16.81 -25.14
C GLY A 340 -26.11 -17.63 -26.03
N LYS A 341 -25.94 -17.49 -27.34
CA LYS A 341 -26.79 -18.21 -28.29
C LYS A 341 -25.98 -19.04 -29.29
N TYR A 342 -24.79 -19.47 -28.89
CA TYR A 342 -23.95 -20.28 -29.77
C TYR A 342 -23.98 -21.76 -29.45
N THR A 343 -23.95 -22.58 -30.50
CA THR A 343 -23.94 -24.03 -30.40
C THR A 343 -23.13 -24.53 -31.60
N PRO A 344 -21.89 -25.00 -31.35
CA PRO A 344 -20.92 -25.51 -32.32
C PRO A 344 -21.30 -26.58 -33.33
N SER A 345 -22.00 -27.63 -32.91
CA SER A 345 -22.36 -28.70 -33.82
C SER A 345 -23.73 -28.60 -34.49
N SER A 359 -26.38 -20.10 -8.11
CA SER A 359 -25.04 -19.77 -7.65
C SER A 359 -24.41 -20.99 -6.99
N ASN A 360 -23.09 -21.02 -6.95
CA ASN A 360 -22.38 -22.13 -6.32
C ASN A 360 -21.33 -21.59 -5.35
N HIS A 361 -21.49 -21.96 -4.09
CA HIS A 361 -20.58 -21.52 -3.04
C HIS A 361 -19.28 -22.31 -3.07
N ALA A 362 -19.15 -23.17 -4.06
CA ALA A 362 -17.94 -23.97 -4.22
C ALA A 362 -16.87 -23.15 -4.92
N TYR A 363 -17.20 -21.90 -5.22
CA TYR A 363 -16.26 -21.00 -5.89
C TYR A 363 -15.87 -19.85 -4.97
N PRO B 1 7.88 -14.11 0.02
CA PRO B 1 8.65 -14.63 1.17
C PRO B 1 9.89 -15.38 0.68
N HIS B 2 10.01 -15.48 -0.65
CA HIS B 2 11.13 -16.17 -1.26
C HIS B 2 12.03 -15.24 -2.07
N SER B 3 13.33 -15.50 -2.00
CA SER B 3 14.32 -14.70 -2.68
C SER B 3 14.83 -15.29 -3.99
N HIS B 4 15.09 -14.40 -4.93
CA HIS B 4 15.62 -14.75 -6.25
C HIS B 4 16.63 -13.66 -6.53
N PRO B 5 17.83 -13.75 -5.92
CA PRO B 5 18.93 -12.80 -6.06
C PRO B 5 18.93 -12.04 -7.37
N ALA B 6 18.71 -10.74 -7.27
CA ALA B 6 18.71 -9.89 -8.45
C ALA B 6 20.15 -9.66 -8.90
N LEU B 7 21.08 -9.77 -7.94
CA LEU B 7 22.49 -9.54 -8.21
C LEU B 7 23.39 -10.60 -7.56
N THR B 8 24.51 -10.88 -8.22
CA THR B 8 25.49 -11.83 -7.71
C THR B 8 26.44 -11.06 -6.82
N PRO B 9 27.27 -11.76 -6.02
CA PRO B 9 28.21 -11.06 -5.15
C PRO B 9 29.18 -10.17 -5.94
N GLU B 10 29.52 -10.61 -7.15
CA GLU B 10 30.44 -9.86 -8.01
C GLU B 10 29.80 -8.57 -8.49
N GLN B 11 28.53 -8.65 -8.86
CA GLN B 11 27.80 -7.47 -9.34
C GLN B 11 27.64 -6.49 -8.19
N LYS B 12 27.36 -7.03 -7.00
CA LYS B 12 27.20 -6.18 -5.82
C LYS B 12 28.50 -5.45 -5.55
N LYS B 13 29.61 -6.19 -5.53
CA LYS B 13 30.92 -5.58 -5.28
C LYS B 13 31.17 -4.45 -6.25
N GLU B 14 30.93 -4.69 -7.54
CA GLU B 14 31.15 -3.67 -8.55
C GLU B 14 30.36 -2.40 -8.25
N LEU B 15 29.07 -2.55 -7.99
CA LEU B 15 28.22 -1.40 -7.70
C LEU B 15 28.64 -0.68 -6.42
N SER B 16 28.91 -1.43 -5.36
CA SER B 16 29.32 -0.84 -4.10
C SER B 16 30.64 -0.06 -4.27
N ASP B 17 31.61 -0.67 -4.95
CA ASP B 17 32.89 -0.01 -5.15
C ASP B 17 32.70 1.32 -5.88
N ILE B 18 31.86 1.31 -6.91
CA ILE B 18 31.60 2.51 -7.69
C ILE B 18 30.99 3.62 -6.83
N ALA B 19 29.94 3.30 -6.09
CA ALA B 19 29.26 4.28 -5.24
C ALA B 19 30.22 4.89 -4.20
N HIS B 20 31.07 4.05 -3.61
CA HIS B 20 32.02 4.54 -2.62
C HIS B 20 33.07 5.47 -3.23
N ARG B 21 33.49 5.16 -4.46
CA ARG B 21 34.50 6.01 -5.12
C ARG B 21 33.96 7.41 -5.37
N ILE B 22 32.70 7.49 -5.79
CA ILE B 22 32.07 8.77 -6.07
C ILE B 22 32.00 9.68 -4.85
N VAL B 23 31.69 9.10 -3.70
CA VAL B 23 31.57 9.89 -2.49
C VAL B 23 32.71 9.68 -1.48
N ALA B 24 33.89 9.32 -1.99
CA ALA B 24 35.04 9.13 -1.12
C ALA B 24 35.22 10.43 -0.33
N PRO B 25 35.83 10.37 0.86
CA PRO B 25 36.03 11.56 1.69
C PRO B 25 36.52 12.79 0.92
N GLY B 26 35.87 13.92 1.15
CA GLY B 26 36.24 15.16 0.50
C GLY B 26 35.79 15.27 -0.95
N LYS B 27 35.09 14.26 -1.47
CA LYS B 27 34.65 14.29 -2.85
C LYS B 27 33.15 14.51 -3.07
N GLY B 28 32.83 15.14 -4.18
CA GLY B 28 31.45 15.41 -4.52
C GLY B 28 31.20 15.20 -5.99
N ILE B 29 30.01 15.56 -6.44
CA ILE B 29 29.65 15.39 -7.84
C ILE B 29 29.38 16.71 -8.56
N LEU B 30 29.89 16.81 -9.79
CA LEU B 30 29.65 17.98 -10.62
C LEU B 30 28.51 17.55 -11.51
N ALA B 31 27.35 18.19 -11.34
CA ALA B 31 26.18 17.86 -12.13
C ALA B 31 26.12 18.80 -13.34
N ALA B 32 26.59 18.32 -14.47
CA ALA B 32 26.59 19.12 -15.70
C ALA B 32 25.74 18.43 -16.75
N ASP B 33 24.67 17.78 -16.30
CA ASP B 33 23.77 17.04 -17.18
C ASP B 33 22.60 17.83 -17.74
N GLU B 34 22.74 19.15 -17.86
CA GLU B 34 21.66 19.96 -18.40
C GLU B 34 21.35 19.58 -19.84
N SER B 35 20.07 19.34 -20.12
CA SER B 35 19.63 19.00 -21.46
C SER B 35 19.79 20.22 -22.36
N THR B 36 19.61 20.01 -23.67
CA THR B 36 19.73 21.10 -24.63
C THR B 36 18.82 22.25 -24.22
N GLY B 37 17.57 21.93 -23.90
CA GLY B 37 16.61 22.94 -23.50
C GLY B 37 16.94 23.59 -22.16
N SER B 38 17.57 22.84 -21.28
CA SER B 38 17.94 23.35 -19.97
C SER B 38 19.15 24.27 -20.05
N ILE B 39 20.18 23.83 -20.75
CA ILE B 39 21.39 24.64 -20.89
C ILE B 39 21.10 25.90 -21.70
N ALA B 40 20.05 25.83 -22.50
CA ALA B 40 19.64 26.96 -23.34
C ALA B 40 19.41 28.22 -22.50
N LYS B 41 18.75 28.07 -21.35
CA LYS B 41 18.48 29.20 -20.47
C LYS B 41 19.80 29.74 -19.91
N ARG B 42 20.66 28.81 -19.48
CA ARG B 42 21.95 29.15 -18.91
C ARG B 42 22.76 29.97 -19.90
N LEU B 43 22.89 29.47 -21.13
CA LEU B 43 23.65 30.18 -22.16
C LEU B 43 22.98 31.50 -22.52
N GLN B 44 21.65 31.49 -22.50
CA GLN B 44 20.86 32.66 -22.84
C GLN B 44 21.02 33.74 -21.78
N SER B 45 21.17 33.34 -20.51
CA SER B 45 21.32 34.28 -19.41
C SER B 45 22.63 35.06 -19.56
N ILE B 46 23.55 34.55 -20.37
CA ILE B 46 24.82 35.22 -20.60
C ILE B 46 24.94 35.62 -22.07
N GLY B 47 23.81 35.69 -22.75
CA GLY B 47 23.78 36.08 -24.15
C GLY B 47 24.66 35.27 -25.08
N THR B 48 24.57 33.96 -24.99
CA THR B 48 25.37 33.07 -25.84
C THR B 48 24.45 32.14 -26.61
N GLU B 49 24.71 31.99 -27.90
CA GLU B 49 23.90 31.13 -28.75
C GLU B 49 24.01 29.67 -28.32
N ASN B 50 22.86 29.02 -28.16
CA ASN B 50 22.85 27.62 -27.75
C ASN B 50 23.14 26.69 -28.93
N THR B 51 24.43 26.56 -29.25
CA THR B 51 24.88 25.72 -30.34
C THR B 51 25.62 24.52 -29.77
N GLU B 52 25.73 23.45 -30.56
CA GLU B 52 26.43 22.26 -30.10
C GLU B 52 27.86 22.63 -29.70
N GLU B 53 28.52 23.47 -30.50
CA GLU B 53 29.89 23.86 -30.22
C GLU B 53 30.01 24.64 -28.91
N ASN B 54 29.11 25.60 -28.68
CA ASN B 54 29.17 26.38 -27.44
C ASN B 54 28.90 25.48 -26.23
N ARG B 55 28.02 24.49 -26.40
CA ARG B 55 27.74 23.58 -25.31
C ARG B 55 28.98 22.71 -25.09
N ARG B 56 29.62 22.30 -26.19
CA ARG B 56 30.83 21.48 -26.10
C ARG B 56 31.93 22.28 -25.40
N PHE B 57 32.09 23.54 -25.79
CA PHE B 57 33.12 24.38 -25.20
C PHE B 57 32.91 24.59 -23.71
N TYR B 58 31.69 24.97 -23.34
CA TYR B 58 31.37 25.20 -21.93
C TYR B 58 31.65 23.93 -21.12
N ARG B 59 31.21 22.78 -21.61
CA ARG B 59 31.45 21.53 -20.89
C ARG B 59 32.95 21.25 -20.82
N GLN B 60 33.67 21.53 -21.90
CA GLN B 60 35.11 21.32 -21.91
C GLN B 60 35.73 22.19 -20.83
N LEU B 61 35.27 23.44 -20.77
CA LEU B 61 35.75 24.41 -19.81
C LEU B 61 35.68 23.86 -18.40
N LEU B 62 34.57 23.22 -18.07
CA LEU B 62 34.38 22.66 -16.73
C LEU B 62 35.18 21.38 -16.50
N LEU B 63 35.09 20.45 -17.44
CA LEU B 63 35.77 19.16 -17.31
C LEU B 63 37.29 19.20 -17.39
N THR B 64 37.85 20.24 -18.01
CA THR B 64 39.30 20.32 -18.12
C THR B 64 39.93 21.36 -17.20
N ALA B 65 39.30 21.64 -16.07
CA ALA B 65 39.85 22.59 -15.11
C ALA B 65 41.12 21.94 -14.56
N ASP B 66 42.01 22.74 -13.96
CA ASP B 66 43.26 22.19 -13.44
C ASP B 66 43.07 21.09 -12.41
N ASP B 67 44.14 20.35 -12.13
CA ASP B 67 44.10 19.23 -11.19
C ASP B 67 43.66 19.54 -9.76
N ARG B 68 43.50 20.81 -9.41
CA ARG B 68 43.07 21.16 -8.07
C ARG B 68 41.64 20.66 -7.78
N VAL B 69 40.88 20.39 -8.84
CA VAL B 69 39.51 19.91 -8.67
C VAL B 69 39.47 18.38 -8.52
N ASN B 70 40.53 17.72 -8.95
CA ASN B 70 40.62 16.26 -8.90
C ASN B 70 40.21 15.67 -7.54
N PRO B 71 40.76 16.18 -6.44
CA PRO B 71 40.41 15.65 -5.11
C PRO B 71 39.02 16.09 -4.69
N CYS B 72 38.47 17.07 -5.38
CA CYS B 72 37.15 17.59 -5.06
C CYS B 72 36.03 16.87 -5.78
N ILE B 73 36.33 16.37 -6.98
CA ILE B 73 35.33 15.71 -7.80
C ILE B 73 35.42 14.19 -7.89
N GLY B 74 34.46 13.52 -7.26
CA GLY B 74 34.43 12.07 -7.30
C GLY B 74 33.62 11.60 -8.50
N GLY B 75 32.76 12.47 -9.01
CA GLY B 75 31.96 12.10 -10.16
C GLY B 75 31.43 13.28 -10.96
N VAL B 76 31.09 13.02 -12.22
CA VAL B 76 30.56 14.06 -13.10
C VAL B 76 29.38 13.47 -13.87
N ILE B 77 28.22 14.11 -13.73
CA ILE B 77 27.03 13.65 -14.44
C ILE B 77 26.98 14.40 -15.76
N LEU B 78 26.81 13.67 -16.85
CA LEU B 78 26.74 14.29 -18.15
C LEU B 78 25.40 14.00 -18.83
N PHE B 79 25.08 14.81 -19.82
CA PHE B 79 23.87 14.64 -20.61
C PHE B 79 24.34 13.81 -21.81
N HIS B 80 23.43 13.05 -22.41
CA HIS B 80 23.78 12.19 -23.56
C HIS B 80 24.76 12.83 -24.54
N GLU B 81 24.38 13.97 -25.11
CA GLU B 81 25.22 14.66 -26.07
C GLU B 81 26.67 14.78 -25.65
N THR B 82 26.88 15.26 -24.42
CA THR B 82 28.23 15.45 -23.89
C THR B 82 29.03 14.17 -23.71
N LEU B 83 28.36 13.07 -23.40
CA LEU B 83 29.05 11.80 -23.20
C LEU B 83 29.76 11.40 -24.48
N TYR B 84 29.28 11.91 -25.60
CA TYR B 84 29.84 11.59 -26.90
C TYR B 84 30.61 12.71 -27.58
N GLN B 85 30.96 13.75 -26.83
CA GLN B 85 31.73 14.84 -27.41
C GLN B 85 33.19 14.70 -26.99
N LYS B 86 34.06 15.48 -27.63
CA LYS B 86 35.48 15.43 -27.34
C LYS B 86 36.01 16.82 -27.03
N ALA B 87 37.11 16.86 -26.29
CA ALA B 87 37.76 18.13 -25.94
C ALA B 87 38.61 18.52 -27.15
N ASP B 88 39.22 19.70 -27.10
CA ASP B 88 40.05 20.18 -28.21
C ASP B 88 41.22 19.27 -28.55
N ASP B 89 41.68 18.49 -27.57
CA ASP B 89 42.79 17.57 -27.77
C ASP B 89 42.34 16.23 -28.35
N GLY B 90 41.07 16.15 -28.73
CA GLY B 90 40.54 14.94 -29.33
C GLY B 90 40.10 13.86 -28.36
N ARG B 91 40.35 14.08 -27.07
CA ARG B 91 39.96 13.09 -26.07
C ARG B 91 38.48 13.16 -25.72
N PRO B 92 37.77 12.02 -25.77
CA PRO B 92 36.35 12.07 -25.43
C PRO B 92 36.20 12.53 -23.98
N PHE B 93 35.14 13.26 -23.68
CA PHE B 93 34.94 13.76 -22.32
C PHE B 93 34.99 12.69 -21.24
N PRO B 94 34.48 11.48 -21.51
CA PRO B 94 34.52 10.43 -20.48
C PRO B 94 35.97 10.12 -20.09
N GLN B 95 36.87 10.15 -21.07
CA GLN B 95 38.29 9.89 -20.84
C GLN B 95 38.90 11.05 -20.04
N VAL B 96 38.50 12.28 -20.37
CA VAL B 96 38.99 13.45 -19.67
C VAL B 96 38.64 13.31 -18.18
N ILE B 97 37.36 13.08 -17.92
CA ILE B 97 36.87 12.92 -16.56
C ILE B 97 37.63 11.83 -15.81
N LYS B 98 37.72 10.65 -16.42
CA LYS B 98 38.42 9.53 -15.79
C LYS B 98 39.89 9.81 -15.50
N SER B 99 40.58 10.45 -16.45
CA SER B 99 41.99 10.75 -16.26
C SER B 99 42.23 11.68 -15.07
N LYS B 100 41.17 12.36 -14.64
CA LYS B 100 41.29 13.27 -13.50
C LYS B 100 40.82 12.60 -12.22
N GLY B 101 40.63 11.29 -12.28
CA GLY B 101 40.19 10.53 -11.12
C GLY B 101 38.69 10.55 -10.87
N GLY B 102 37.91 10.98 -11.85
CA GLY B 102 36.48 11.04 -11.67
C GLY B 102 35.73 9.88 -12.29
N VAL B 103 34.59 9.55 -11.71
CA VAL B 103 33.74 8.49 -12.25
C VAL B 103 32.77 9.19 -13.19
N VAL B 104 32.45 8.56 -14.32
CA VAL B 104 31.54 9.16 -15.28
C VAL B 104 30.08 8.75 -15.05
N GLY B 105 29.20 9.75 -15.02
CA GLY B 105 27.78 9.51 -14.83
C GLY B 105 26.96 9.99 -16.01
N ILE B 106 25.77 9.41 -16.19
CA ILE B 106 24.90 9.78 -17.30
C ILE B 106 23.45 9.95 -16.85
N LYS B 107 22.85 11.09 -17.18
CA LYS B 107 21.45 11.32 -16.82
C LYS B 107 20.64 10.49 -17.81
N VAL B 108 19.73 9.67 -17.31
CA VAL B 108 18.96 8.81 -18.21
C VAL B 108 17.45 9.05 -18.25
N ASP B 109 16.94 9.94 -17.41
CA ASP B 109 15.50 10.18 -17.42
C ASP B 109 15.14 11.02 -18.64
N LYS B 110 13.87 11.01 -19.02
CA LYS B 110 13.44 11.79 -20.18
C LYS B 110 12.46 12.89 -19.80
N GLY B 111 12.71 13.51 -18.65
CA GLY B 111 11.86 14.61 -18.22
C GLY B 111 10.60 14.22 -17.50
N VAL B 112 9.97 15.22 -16.88
CA VAL B 112 8.75 15.01 -16.13
C VAL B 112 7.54 15.09 -17.05
N VAL B 113 6.44 14.46 -16.62
CA VAL B 113 5.19 14.47 -17.35
C VAL B 113 4.09 14.68 -16.32
N PRO B 114 2.99 15.33 -16.73
CA PRO B 114 1.89 15.59 -15.80
C PRO B 114 1.06 14.37 -15.38
N LEU B 115 0.74 14.30 -14.09
CA LEU B 115 -0.09 13.23 -13.55
C LEU B 115 -1.52 13.76 -13.61
N ALA B 116 -2.35 13.15 -14.44
CA ALA B 116 -3.74 13.58 -14.59
C ALA B 116 -4.48 13.42 -13.27
N GLY B 117 -5.36 14.38 -12.97
CA GLY B 117 -6.12 14.30 -11.74
C GLY B 117 -5.41 14.88 -10.53
N THR B 118 -4.27 15.55 -10.75
CA THR B 118 -3.55 16.15 -9.64
C THR B 118 -3.45 17.65 -9.84
N ASN B 119 -3.06 18.36 -8.79
CA ASN B 119 -2.93 19.81 -8.90
C ASN B 119 -1.55 20.16 -9.43
N GLY B 120 -1.37 19.94 -10.73
CA GLY B 120 -0.11 20.25 -11.38
C GLY B 120 1.09 19.39 -11.02
N GLU B 121 0.83 18.18 -10.51
CA GLU B 121 1.92 17.29 -10.13
C GLU B 121 2.42 16.45 -11.30
N THR B 122 3.62 15.91 -11.15
CA THR B 122 4.22 15.12 -12.22
C THR B 122 4.90 13.84 -11.75
N THR B 123 5.24 13.00 -12.73
CA THR B 123 6.02 11.81 -12.46
C THR B 123 7.10 11.96 -13.53
N THR B 124 7.97 10.99 -13.68
CA THR B 124 9.04 11.11 -14.65
C THR B 124 9.07 9.92 -15.60
N GLN B 125 9.38 10.19 -16.85
CA GLN B 125 9.45 9.12 -17.85
C GLN B 125 10.90 8.81 -18.23
N GLY B 126 11.10 7.73 -18.97
CA GLY B 126 12.44 7.36 -19.39
C GLY B 126 12.79 5.88 -19.21
N LEU B 127 11.82 5.05 -18.83
CA LEU B 127 12.12 3.64 -18.63
C LEU B 127 12.22 2.80 -19.91
N ASP B 128 11.55 3.24 -20.98
CA ASP B 128 11.55 2.47 -22.22
C ASP B 128 12.94 2.27 -22.85
N GLY B 129 13.33 1.00 -22.99
CA GLY B 129 14.62 0.68 -23.55
C GLY B 129 15.76 1.14 -22.65
N LEU B 130 15.47 1.45 -21.39
CA LEU B 130 16.51 1.91 -20.47
C LEU B 130 17.61 0.87 -20.30
N SER B 131 17.24 -0.40 -20.28
CA SER B 131 18.23 -1.45 -20.11
C SER B 131 19.28 -1.46 -21.21
N GLU B 132 18.84 -1.38 -22.47
CA GLU B 132 19.77 -1.36 -23.59
C GLU B 132 20.62 -0.11 -23.52
N ARG B 133 19.99 1.01 -23.18
CA ARG B 133 20.72 2.27 -23.07
C ARG B 133 21.80 2.18 -22.02
N CYS B 134 21.47 1.60 -20.87
CA CYS B 134 22.44 1.45 -19.79
C CYS B 134 23.61 0.56 -20.21
N ALA B 135 23.32 -0.56 -20.85
CA ALA B 135 24.35 -1.46 -21.31
C ALA B 135 25.31 -0.70 -22.23
N GLN B 136 24.75 0.13 -23.12
CA GLN B 136 25.57 0.91 -24.04
C GLN B 136 26.36 1.99 -23.29
N TYR B 137 25.70 2.70 -22.37
CA TYR B 137 26.38 3.74 -21.62
C TYR B 137 27.54 3.16 -20.82
N LYS B 138 27.34 1.96 -20.27
CA LYS B 138 28.38 1.30 -19.50
C LYS B 138 29.59 1.07 -20.41
N LYS B 139 29.35 0.55 -21.60
CA LYS B 139 30.42 0.28 -22.55
C LYS B 139 31.15 1.56 -22.95
N ASP B 140 30.42 2.68 -22.97
CA ASP B 140 31.02 3.95 -23.35
C ASP B 140 31.63 4.76 -22.21
N GLY B 141 31.84 4.14 -21.06
CA GLY B 141 32.48 4.85 -19.96
C GLY B 141 31.72 5.29 -18.72
N ALA B 142 30.39 5.20 -18.72
CA ALA B 142 29.63 5.61 -17.55
C ALA B 142 29.51 4.47 -16.54
N ASP B 143 29.58 4.81 -15.26
CA ASP B 143 29.46 3.82 -14.19
C ASP B 143 28.30 4.12 -13.26
N PHE B 144 27.73 5.31 -13.38
CA PHE B 144 26.57 5.67 -12.58
C PHE B 144 25.61 6.49 -13.43
N ALA B 145 24.36 6.58 -12.98
CA ALA B 145 23.34 7.31 -13.70
C ALA B 145 22.53 8.20 -12.76
N LYS B 146 21.70 9.06 -13.34
CA LYS B 146 20.88 9.95 -12.55
C LYS B 146 19.47 10.03 -13.14
N TRP B 147 18.48 10.08 -12.27
CA TRP B 147 17.08 10.16 -12.69
C TRP B 147 16.41 11.12 -11.70
N ARG B 148 15.82 12.18 -12.23
CA ARG B 148 15.18 13.20 -11.40
C ARG B 148 13.66 13.21 -11.36
N CYS B 149 13.12 13.06 -10.16
CA CYS B 149 11.68 13.12 -9.95
C CYS B 149 11.46 14.45 -9.24
N VAL B 150 10.34 15.09 -9.52
CA VAL B 150 10.07 16.40 -8.93
C VAL B 150 8.74 16.42 -8.20
N LEU B 151 8.77 16.88 -6.96
CA LEU B 151 7.60 16.99 -6.11
C LEU B 151 7.52 18.43 -5.62
N LYS B 152 6.31 18.90 -5.36
CA LYS B 152 6.12 20.28 -4.92
C LYS B 152 5.26 20.37 -3.68
N ILE B 153 5.69 21.20 -2.74
CA ILE B 153 4.93 21.40 -1.50
C ILE B 153 3.89 22.48 -1.78
N GLY B 154 2.62 22.12 -1.59
CA GLY B 154 1.55 23.06 -1.83
C GLY B 154 0.34 22.75 -0.97
N GLU B 155 -0.78 23.38 -1.28
CA GLU B 155 -2.00 23.18 -0.51
C GLU B 155 -2.42 21.71 -0.41
N HIS B 156 -2.34 20.98 -1.53
CA HIS B 156 -2.73 19.58 -1.55
C HIS B 156 -1.63 18.69 -2.11
N THR B 157 -0.39 19.20 -2.13
CA THR B 157 0.73 18.44 -2.66
C THR B 157 1.92 18.45 -1.70
N PRO B 158 2.78 17.43 -1.78
CA PRO B 158 2.70 16.28 -2.69
C PRO B 158 1.55 15.35 -2.29
N SER B 159 0.80 14.88 -3.26
CA SER B 159 -0.34 13.99 -2.99
C SER B 159 0.13 12.56 -2.77
N ALA B 160 -0.76 11.72 -2.26
CA ALA B 160 -0.43 10.32 -2.03
C ALA B 160 0.01 9.68 -3.35
N LEU B 161 -0.75 9.96 -4.42
CA LEU B 161 -0.44 9.42 -5.73
C LEU B 161 0.93 9.86 -6.22
N ALA B 162 1.20 11.15 -6.13
CA ALA B 162 2.48 11.67 -6.60
C ALA B 162 3.65 11.03 -5.85
N ILE B 163 3.51 10.89 -4.53
CA ILE B 163 4.57 10.28 -3.74
C ILE B 163 4.78 8.82 -4.14
N MET B 164 3.69 8.07 -4.17
CA MET B 164 3.75 6.65 -4.53
C MET B 164 4.30 6.41 -5.94
N GLU B 165 3.79 7.13 -6.93
CA GLU B 165 4.22 6.95 -8.32
C GLU B 165 5.68 7.33 -8.56
N ASN B 166 6.09 8.48 -8.03
CA ASN B 166 7.49 8.88 -8.23
C ASN B 166 8.43 7.89 -7.52
N ALA B 167 8.03 7.45 -6.32
CA ALA B 167 8.84 6.49 -5.59
C ALA B 167 8.95 5.21 -6.41
N ASN B 168 7.84 4.80 -7.00
CA ASN B 168 7.83 3.57 -7.79
C ASN B 168 8.70 3.65 -9.05
N VAL B 169 8.60 4.76 -9.78
CA VAL B 169 9.39 4.87 -11.00
C VAL B 169 10.88 4.95 -10.69
N LEU B 170 11.23 5.54 -9.55
CA LEU B 170 12.63 5.62 -9.16
C LEU B 170 13.13 4.20 -8.92
N ALA B 171 12.30 3.38 -8.28
CA ALA B 171 12.69 2.01 -8.00
C ALA B 171 12.91 1.23 -9.29
N ARG B 172 12.02 1.42 -10.27
CA ARG B 172 12.16 0.73 -11.55
C ARG B 172 13.49 1.13 -12.20
N TYR B 173 13.74 2.43 -12.25
CA TYR B 173 14.98 2.96 -12.85
C TYR B 173 16.21 2.39 -12.12
N ALA B 174 16.18 2.39 -10.79
CA ALA B 174 17.30 1.87 -10.01
C ALA B 174 17.53 0.40 -10.32
N SER B 175 16.45 -0.37 -10.39
CA SER B 175 16.52 -1.79 -10.68
C SER B 175 17.21 -2.04 -12.02
N ILE B 176 16.75 -1.35 -13.05
CA ILE B 176 17.33 -1.52 -14.37
C ILE B 176 18.82 -1.14 -14.38
N CYS B 177 19.17 -0.02 -13.76
CA CYS B 177 20.56 0.40 -13.71
C CYS B 177 21.48 -0.66 -13.11
N GLN B 178 21.10 -1.18 -11.94
CA GLN B 178 21.93 -2.17 -11.27
C GLN B 178 22.10 -3.46 -12.06
N GLN B 179 21.14 -3.79 -12.92
CA GLN B 179 21.27 -5.00 -13.73
C GLN B 179 22.34 -4.81 -14.80
N ASN B 180 22.71 -3.56 -15.02
CA ASN B 180 23.70 -3.23 -16.04
C ASN B 180 25.01 -2.64 -15.49
N GLY B 181 25.27 -2.87 -14.22
CA GLY B 181 26.51 -2.38 -13.62
C GLY B 181 26.59 -0.88 -13.45
N ILE B 182 25.44 -0.22 -13.44
CA ILE B 182 25.40 1.23 -13.29
C ILE B 182 24.81 1.58 -11.92
N VAL B 183 25.55 2.39 -11.15
CA VAL B 183 25.07 2.82 -9.84
C VAL B 183 24.02 3.90 -10.08
N PRO B 184 22.78 3.69 -9.58
CA PRO B 184 21.76 4.72 -9.80
C PRO B 184 21.73 5.75 -8.68
N ILE B 185 21.70 7.02 -9.07
CA ILE B 185 21.58 8.10 -8.09
C ILE B 185 20.07 8.36 -8.08
N VAL B 186 19.45 8.11 -6.94
CA VAL B 186 18.02 8.29 -6.78
C VAL B 186 17.75 9.73 -6.39
N GLU B 187 17.13 10.49 -7.29
CA GLU B 187 16.82 11.89 -7.02
C GLU B 187 15.34 12.25 -6.90
N PRO B 188 14.82 12.27 -5.66
CA PRO B 188 13.41 12.62 -5.43
C PRO B 188 13.43 14.06 -4.94
N GLU B 189 13.56 15.01 -5.85
CA GLU B 189 13.62 16.41 -5.47
C GLU B 189 12.30 17.09 -5.09
N ILE B 190 12.26 17.59 -3.86
CA ILE B 190 11.11 18.32 -3.37
C ILE B 190 11.52 19.79 -3.59
N LEU B 191 10.81 20.47 -4.48
CA LEU B 191 11.13 21.86 -4.80
C LEU B 191 11.04 22.78 -3.59
N PRO B 192 11.80 23.88 -3.60
CA PRO B 192 11.79 24.84 -2.50
C PRO B 192 10.69 25.88 -2.71
N ASP B 193 10.01 25.78 -3.85
CA ASP B 193 8.94 26.71 -4.21
C ASP B 193 7.84 26.83 -3.15
N GLY B 194 7.48 28.06 -2.81
CA GLY B 194 6.43 28.26 -1.82
C GLY B 194 6.83 29.03 -0.59
N ASP B 195 5.84 29.32 0.25
CA ASP B 195 6.09 30.07 1.48
C ASP B 195 5.98 29.19 2.72
N HIS B 196 6.08 27.88 2.53
CA HIS B 196 6.01 26.94 3.64
C HIS B 196 7.26 27.10 4.49
N ASP B 197 7.18 26.72 5.76
CA ASP B 197 8.32 26.84 6.65
C ASP B 197 9.21 25.60 6.69
N LEU B 198 10.26 25.66 7.50
CA LEU B 198 11.22 24.58 7.64
C LEU B 198 10.57 23.28 8.10
N LYS B 199 9.70 23.38 9.10
CA LYS B 199 9.01 22.21 9.66
C LYS B 199 8.23 21.45 8.59
N ARG B 200 7.51 22.18 7.74
CA ARG B 200 6.72 21.56 6.68
C ARG B 200 7.64 20.83 5.69
N CYS B 201 8.76 21.45 5.33
CA CYS B 201 9.66 20.80 4.39
C CYS B 201 10.23 19.53 5.04
N GLN B 202 10.58 19.61 6.31
CA GLN B 202 11.13 18.44 6.97
C GLN B 202 10.08 17.31 7.00
N TYR B 203 8.84 17.69 7.24
CA TYR B 203 7.74 16.71 7.27
C TYR B 203 7.59 16.01 5.92
N VAL B 204 7.43 16.82 4.87
CA VAL B 204 7.27 16.29 3.52
C VAL B 204 8.49 15.46 3.10
N THR B 205 9.69 15.93 3.45
CA THR B 205 10.91 15.20 3.10
C THR B 205 10.94 13.83 3.78
N GLU B 206 10.53 13.77 5.04
CA GLU B 206 10.51 12.52 5.78
C GLU B 206 9.52 11.53 5.16
N LYS B 207 8.35 12.03 4.76
CA LYS B 207 7.34 11.17 4.17
C LYS B 207 7.75 10.67 2.79
N VAL B 208 8.34 11.56 2.00
CA VAL B 208 8.80 11.22 0.65
C VAL B 208 9.92 10.17 0.69
N LEU B 209 10.92 10.39 1.54
CA LEU B 209 12.04 9.44 1.63
C LEU B 209 11.62 8.07 2.17
N ALA B 210 10.65 8.05 3.09
CA ALA B 210 10.19 6.77 3.62
C ALA B 210 9.53 6.01 2.48
N ALA B 211 8.83 6.74 1.62
CA ALA B 211 8.16 6.11 0.48
C ALA B 211 9.20 5.61 -0.52
N VAL B 212 10.24 6.42 -0.75
CA VAL B 212 11.28 6.03 -1.68
C VAL B 212 11.95 4.72 -1.28
N TYR B 213 12.35 4.61 -0.01
CA TYR B 213 13.03 3.41 0.43
C TYR B 213 12.15 2.17 0.53
N LYS B 214 10.86 2.37 0.79
CA LYS B 214 9.95 1.23 0.82
C LYS B 214 9.83 0.73 -0.61
N ALA B 215 9.74 1.65 -1.57
CA ALA B 215 9.65 1.25 -2.97
C ALA B 215 10.95 0.55 -3.37
N LEU B 216 12.09 1.13 -2.98
CA LEU B 216 13.39 0.52 -3.31
C LEU B 216 13.44 -0.90 -2.75
N SER B 217 12.88 -1.10 -1.57
CA SER B 217 12.86 -2.42 -0.94
C SER B 217 11.96 -3.37 -1.73
N ASP B 218 10.75 -2.91 -2.06
CA ASP B 218 9.81 -3.74 -2.82
C ASP B 218 10.41 -4.18 -4.14
N HIS B 219 11.23 -3.32 -4.74
CA HIS B 219 11.84 -3.64 -6.03
C HIS B 219 13.20 -4.35 -5.91
N HIS B 220 13.55 -4.73 -4.69
CA HIS B 220 14.80 -5.45 -4.41
C HIS B 220 16.06 -4.69 -4.80
N ILE B 221 16.08 -3.40 -4.52
CA ILE B 221 17.23 -2.58 -4.84
C ILE B 221 18.34 -2.75 -3.81
N TYR B 222 19.57 -2.86 -4.30
CA TYR B 222 20.77 -3.03 -3.47
C TYR B 222 21.24 -1.63 -3.06
N LEU B 223 20.86 -1.21 -1.85
CA LEU B 223 21.18 0.13 -1.35
C LEU B 223 22.65 0.52 -1.34
N GLU B 224 23.52 -0.43 -0.99
CA GLU B 224 24.95 -0.17 -0.94
C GLU B 224 25.44 0.23 -2.33
N GLY B 225 24.68 -0.16 -3.34
CA GLY B 225 25.03 0.16 -4.71
C GLY B 225 24.21 1.32 -5.25
N THR B 226 23.80 2.23 -4.37
CA THR B 226 23.02 3.41 -4.78
C THR B 226 23.50 4.64 -4.05
N LEU B 227 23.03 5.80 -4.53
CA LEU B 227 23.31 7.09 -3.89
C LEU B 227 21.98 7.80 -3.86
N LEU B 228 21.82 8.71 -2.91
CA LEU B 228 20.60 9.48 -2.80
C LEU B 228 20.91 10.95 -3.06
N LYS B 229 20.14 11.58 -3.96
CA LYS B 229 20.32 12.99 -4.26
C LYS B 229 19.02 13.69 -3.86
N PRO B 230 18.92 14.09 -2.59
CA PRO B 230 17.71 14.76 -2.12
C PRO B 230 17.90 16.25 -1.98
N ASN B 231 16.82 16.94 -1.69
CA ASN B 231 16.85 18.37 -1.45
C ASN B 231 17.28 18.48 0.02
N MET B 232 17.96 19.54 0.38
CA MET B 232 18.31 19.73 1.78
C MET B 232 16.96 20.15 2.35
N VAL B 233 16.80 20.08 3.67
CA VAL B 233 15.54 20.50 4.27
C VAL B 233 15.70 21.99 4.57
N THR B 234 14.92 22.82 3.88
CA THR B 234 15.00 24.26 4.06
C THR B 234 13.61 24.88 4.01
N PRO B 235 13.48 26.14 4.47
CA PRO B 235 12.15 26.75 4.42
C PRO B 235 11.86 27.03 2.94
N GLY B 236 10.59 27.30 2.61
CA GLY B 236 10.24 27.60 1.23
C GLY B 236 11.00 28.84 0.80
N HIS B 237 11.21 28.99 -0.50
CA HIS B 237 11.94 30.14 -1.02
C HIS B 237 11.28 31.47 -0.68
N ALA B 238 9.97 31.46 -0.42
CA ALA B 238 9.26 32.69 -0.08
C ALA B 238 8.73 32.72 1.34
N CYS B 239 9.28 31.90 2.21
CA CYS B 239 8.85 31.86 3.60
C CYS B 239 9.26 33.13 4.34
N THR B 240 8.31 33.76 5.02
CA THR B 240 8.59 35.00 5.75
C THR B 240 9.42 34.72 7.00
N GLN B 241 9.24 33.53 7.57
CA GLN B 241 10.00 33.16 8.76
C GLN B 241 11.42 32.87 8.29
N LYS B 242 12.40 33.30 9.07
CA LYS B 242 13.80 33.07 8.69
C LYS B 242 14.46 32.07 9.63
N TYR B 243 15.47 31.37 9.11
CA TYR B 243 16.18 30.38 9.90
C TYR B 243 17.67 30.50 9.70
N SER B 244 18.43 29.81 10.56
CA SER B 244 19.88 29.83 10.47
C SER B 244 20.37 28.55 9.78
N HIS B 245 21.62 28.57 9.35
CA HIS B 245 22.21 27.43 8.68
C HIS B 245 22.18 26.21 9.60
N GLU B 246 22.40 26.45 10.90
CA GLU B 246 22.39 25.38 11.87
C GLU B 246 21.01 24.71 11.95
N GLU B 247 19.96 25.51 11.84
CA GLU B 247 18.60 24.98 11.89
C GLU B 247 18.32 24.18 10.61
N ILE B 248 18.83 24.66 9.50
CA ILE B 248 18.65 23.99 8.22
C ILE B 248 19.38 22.64 8.26
N ALA B 249 20.58 22.67 8.84
CA ALA B 249 21.40 21.46 8.97
C ALA B 249 20.76 20.44 9.89
N MET B 250 20.16 20.92 10.98
CA MET B 250 19.52 20.03 11.96
C MET B 250 18.26 19.40 11.34
N ALA B 251 17.46 20.21 10.66
CA ALA B 251 16.25 19.72 10.03
C ALA B 251 16.60 18.68 8.96
N THR B 252 17.66 18.95 8.20
CA THR B 252 18.09 18.06 7.13
C THR B 252 18.63 16.73 7.67
N VAL B 253 19.58 16.80 8.59
CA VAL B 253 20.16 15.60 9.15
C VAL B 253 19.13 14.76 9.90
N THR B 254 18.19 15.43 10.56
CA THR B 254 17.16 14.72 11.30
C THR B 254 16.25 13.96 10.35
N ALA B 255 15.85 14.60 9.27
CA ALA B 255 14.98 13.98 8.27
C ALA B 255 15.65 12.73 7.69
N LEU B 256 16.92 12.85 7.35
CA LEU B 256 17.66 11.73 6.77
C LEU B 256 17.84 10.58 7.77
N ARG B 257 18.17 10.93 9.00
CA ARG B 257 18.38 9.90 10.03
C ARG B 257 17.10 9.11 10.30
N ARG B 258 15.96 9.72 10.02
CA ARG B 258 14.67 9.07 10.25
C ARG B 258 14.17 8.28 9.06
N THR B 259 14.90 8.34 7.94
CA THR B 259 14.45 7.65 6.74
C THR B 259 15.47 6.91 5.89
N VAL B 260 16.72 7.38 5.89
CA VAL B 260 17.73 6.74 5.05
C VAL B 260 18.51 5.62 5.73
N PRO B 261 18.28 4.37 5.32
CA PRO B 261 18.99 3.26 5.92
C PRO B 261 20.51 3.48 5.85
N PRO B 262 21.26 3.06 6.89
CA PRO B 262 22.71 3.20 6.94
C PRO B 262 23.43 2.54 5.75
N ALA B 263 22.75 1.58 5.13
CA ALA B 263 23.32 0.86 3.99
C ALA B 263 23.50 1.73 2.75
N VAL B 264 22.77 2.83 2.67
CA VAL B 264 22.90 3.73 1.53
C VAL B 264 24.31 4.30 1.62
N THR B 265 25.07 4.15 0.53
CA THR B 265 26.45 4.59 0.52
C THR B 265 26.70 6.07 0.66
N GLY B 266 25.86 6.90 0.04
CA GLY B 266 26.07 8.32 0.15
C GLY B 266 24.88 9.18 -0.19
N VAL B 267 24.88 10.39 0.36
CA VAL B 267 23.83 11.37 0.09
C VAL B 267 24.52 12.54 -0.59
N THR B 268 24.10 12.81 -1.83
CA THR B 268 24.68 13.89 -2.61
C THR B 268 23.62 14.96 -2.86
N PHE B 269 23.61 15.97 -2.00
CA PHE B 269 22.64 17.05 -2.06
C PHE B 269 22.63 17.88 -3.32
N LEU B 270 21.43 18.20 -3.78
CA LEU B 270 21.23 19.06 -4.94
C LEU B 270 21.23 20.47 -4.34
N SER B 271 21.65 21.47 -5.11
CA SER B 271 21.68 22.84 -4.60
C SER B 271 20.32 23.54 -4.69
N GLY B 272 19.48 23.06 -5.62
CA GLY B 272 18.15 23.59 -5.81
C GLY B 272 17.87 25.09 -5.80
N GLY B 273 18.69 25.88 -6.47
CA GLY B 273 18.45 27.30 -6.51
C GLY B 273 19.21 28.10 -5.46
N GLN B 274 19.84 27.42 -4.51
CA GLN B 274 20.61 28.12 -3.49
C GLN B 274 21.80 28.76 -4.20
N SER B 275 22.33 29.83 -3.63
CA SER B 275 23.48 30.49 -4.25
C SER B 275 24.69 29.60 -4.01
N GLU B 276 25.79 29.87 -4.70
CA GLU B 276 27.00 29.07 -4.54
C GLU B 276 27.47 29.06 -3.08
N GLU B 277 27.54 30.23 -2.48
CA GLU B 277 27.98 30.35 -1.10
C GLU B 277 27.05 29.63 -0.13
N GLU B 278 25.75 29.90 -0.27
CA GLU B 278 24.74 29.30 0.58
C GLU B 278 24.79 27.78 0.55
N ALA B 279 24.88 27.21 -0.65
CA ALA B 279 24.95 25.76 -0.82
C ALA B 279 26.15 25.18 -0.10
N SER B 280 27.27 25.89 -0.13
CA SER B 280 28.47 25.43 0.53
C SER B 280 28.35 25.57 2.05
N ILE B 281 27.77 26.68 2.51
CA ILE B 281 27.59 26.93 3.94
C ILE B 281 26.64 25.90 4.56
N ASN B 282 25.54 25.60 3.87
CA ASN B 282 24.60 24.63 4.38
C ASN B 282 25.20 23.23 4.40
N LEU B 283 25.96 22.90 3.37
CA LEU B 283 26.59 21.58 3.32
C LEU B 283 27.58 21.45 4.48
N ASN B 284 28.27 22.54 4.77
CA ASN B 284 29.23 22.55 5.86
C ASN B 284 28.51 22.35 7.19
N ALA B 285 27.42 23.08 7.39
CA ALA B 285 26.64 22.99 8.62
C ALA B 285 26.05 21.59 8.78
N ILE B 286 25.67 20.99 7.66
CA ILE B 286 25.10 19.65 7.68
C ILE B 286 26.16 18.68 8.19
N ASN B 287 27.39 18.84 7.71
CA ASN B 287 28.47 17.98 8.15
C ASN B 287 28.97 18.28 9.56
N LYS B 288 28.61 19.45 10.09
CA LYS B 288 29.01 19.81 11.44
C LYS B 288 27.88 19.55 12.44
N CYS B 289 26.72 19.14 11.93
CA CYS B 289 25.59 18.86 12.80
C CYS B 289 25.95 17.78 13.83
N PRO B 290 25.71 18.06 15.12
CA PRO B 290 26.02 17.13 16.22
C PRO B 290 25.13 15.89 16.37
N LEU B 291 24.87 15.22 15.26
CA LEU B 291 24.07 14.00 15.27
C LEU B 291 24.84 12.97 14.45
N LEU B 292 24.67 11.70 14.77
CA LEU B 292 25.37 10.63 14.06
C LEU B 292 24.85 10.51 12.61
N LYS B 293 25.78 10.55 11.65
CA LYS B 293 25.45 10.44 10.23
C LYS B 293 26.22 9.27 9.62
N PRO B 294 25.55 8.13 9.42
CA PRO B 294 26.13 6.91 8.87
C PRO B 294 26.40 6.86 7.37
N TRP B 295 26.23 7.99 6.68
CA TRP B 295 26.50 8.02 5.24
C TRP B 295 27.23 9.29 4.89
N ALA B 296 27.95 9.27 3.77
CA ALA B 296 28.67 10.46 3.34
C ALA B 296 27.61 11.50 3.01
N LEU B 297 27.87 12.73 3.44
CA LEU B 297 26.96 13.83 3.18
C LEU B 297 27.75 14.82 2.33
N THR B 298 27.62 14.67 1.02
CA THR B 298 28.36 15.52 0.11
C THR B 298 27.46 16.25 -0.87
N PHE B 299 28.01 16.63 -2.02
CA PHE B 299 27.28 17.38 -3.01
C PHE B 299 27.15 16.76 -4.39
N SER B 300 26.11 17.20 -5.09
CA SER B 300 25.85 16.85 -6.47
C SER B 300 25.29 18.18 -6.94
N TYR B 301 26.20 19.13 -7.12
CA TYR B 301 25.80 20.47 -7.51
C TYR B 301 25.89 20.78 -8.99
N GLY B 302 24.86 21.45 -9.49
CA GLY B 302 24.83 21.86 -10.86
C GLY B 302 25.09 23.35 -10.83
N ARG B 303 24.05 24.12 -10.56
CA ARG B 303 24.14 25.57 -10.49
C ARG B 303 25.13 26.09 -9.44
N ALA B 304 25.21 25.40 -8.30
CA ALA B 304 26.08 25.79 -7.20
C ALA B 304 27.57 25.66 -7.52
N LEU B 305 27.89 25.00 -8.63
CA LEU B 305 29.28 24.85 -9.02
C LEU B 305 29.54 25.59 -10.33
N GLN B 306 28.48 26.04 -11.00
CA GLN B 306 28.60 26.70 -12.29
C GLN B 306 28.22 28.17 -12.41
N ALA B 307 27.52 28.71 -11.41
CA ALA B 307 27.06 30.10 -11.46
C ALA B 307 28.12 31.10 -11.91
N SER B 308 29.20 31.21 -11.14
CA SER B 308 30.27 32.16 -11.44
C SER B 308 31.09 31.79 -12.67
N ALA B 309 31.29 30.50 -12.89
CA ALA B 309 32.07 30.03 -14.03
C ALA B 309 31.39 30.44 -15.34
N LEU B 310 30.07 30.29 -15.37
CA LEU B 310 29.28 30.63 -16.56
C LEU B 310 29.30 32.14 -16.80
N LYS B 311 29.28 32.90 -15.71
CA LYS B 311 29.29 34.35 -15.79
C LYS B 311 30.66 34.88 -16.20
N ALA B 312 31.72 34.29 -15.66
CA ALA B 312 33.07 34.71 -15.99
C ALA B 312 33.39 34.36 -17.44
N TRP B 313 32.73 33.32 -17.94
CA TRP B 313 32.93 32.90 -19.32
C TRP B 313 32.23 33.89 -20.25
N GLY B 314 30.91 33.96 -20.15
CA GLY B 314 30.17 34.89 -20.98
C GLY B 314 30.17 34.54 -22.45
N GLY B 315 30.57 33.32 -22.78
CA GLY B 315 30.60 32.90 -24.17
C GLY B 315 31.84 33.35 -24.92
N LYS B 316 32.80 33.93 -24.20
CA LYS B 316 34.04 34.39 -24.80
C LYS B 316 35.17 33.41 -24.51
N LYS B 317 35.79 32.92 -25.57
CA LYS B 317 36.88 31.96 -25.43
C LYS B 317 38.08 32.50 -24.69
N GLU B 318 38.25 33.82 -24.64
CA GLU B 318 39.38 34.41 -23.96
C GLU B 318 39.19 34.47 -22.44
N ASN B 319 38.00 34.09 -21.98
CA ASN B 319 37.71 34.09 -20.55
C ASN B 319 37.73 32.66 -20.01
N LEU B 320 38.36 31.76 -20.77
CA LEU B 320 38.45 30.36 -20.38
C LEU B 320 39.00 30.15 -18.97
N LYS B 321 40.26 30.55 -18.77
CA LYS B 321 40.90 30.39 -17.47
C LYS B 321 40.21 31.14 -16.35
N ALA B 322 39.64 32.31 -16.65
CA ALA B 322 38.93 33.09 -15.64
C ALA B 322 37.72 32.30 -15.17
N ALA B 323 36.97 31.74 -16.12
CA ALA B 323 35.77 30.96 -15.81
C ALA B 323 36.14 29.68 -15.06
N GLN B 324 37.18 28.99 -15.50
CA GLN B 324 37.61 27.76 -14.86
C GLN B 324 38.02 28.04 -13.41
N GLU B 325 38.66 29.19 -13.20
CA GLU B 325 39.10 29.59 -11.87
C GLU B 325 37.92 29.68 -10.90
N GLU B 326 36.79 30.21 -11.37
CA GLU B 326 35.61 30.33 -10.53
C GLU B 326 35.05 28.96 -10.17
N TYR B 327 35.09 28.04 -11.14
CA TYR B 327 34.60 26.68 -10.91
C TYR B 327 35.49 25.99 -9.88
N VAL B 328 36.80 26.09 -10.08
CA VAL B 328 37.76 25.48 -9.17
C VAL B 328 37.51 25.98 -7.75
N LYS B 329 37.23 27.26 -7.61
CA LYS B 329 36.97 27.84 -6.30
C LYS B 329 35.75 27.20 -5.62
N ARG B 330 34.68 26.96 -6.37
CA ARG B 330 33.50 26.35 -5.79
C ARG B 330 33.71 24.86 -5.54
N ALA B 331 34.58 24.24 -6.32
CA ALA B 331 34.87 22.82 -6.14
C ALA B 331 35.64 22.68 -4.83
N LEU B 332 36.62 23.57 -4.64
CA LEU B 332 37.43 23.56 -3.43
C LEU B 332 36.57 23.86 -2.20
N ALA B 333 35.74 24.88 -2.31
CA ALA B 333 34.86 25.28 -1.22
C ALA B 333 33.96 24.13 -0.79
N ASN B 334 33.35 23.45 -1.75
CA ASN B 334 32.45 22.34 -1.46
C ASN B 334 33.15 21.07 -1.00
N SER B 335 34.40 20.88 -1.43
CA SER B 335 35.17 19.72 -1.01
C SER B 335 35.43 19.84 0.49
N LEU B 336 35.69 21.07 0.94
CA LEU B 336 35.93 21.31 2.36
C LEU B 336 34.62 21.20 3.12
N ALA B 337 33.56 21.70 2.50
CA ALA B 337 32.22 21.67 3.10
C ALA B 337 31.72 20.26 3.41
N CYS B 338 31.92 19.33 2.47
CA CYS B 338 31.45 17.97 2.70
C CYS B 338 32.30 17.28 3.76
N GLN B 339 33.22 18.03 4.36
CA GLN B 339 34.08 17.50 5.42
C GLN B 339 33.88 18.36 6.67
N GLY B 340 33.00 19.36 6.57
CA GLY B 340 32.73 20.24 7.68
C GLY B 340 33.93 21.13 8.01
N LYS B 341 34.80 21.31 7.03
CA LYS B 341 36.00 22.13 7.20
C LYS B 341 35.93 23.41 6.38
N TYR B 342 34.72 23.83 6.03
CA TYR B 342 34.57 25.05 5.23
C TYR B 342 34.16 26.27 6.03
N THR B 343 34.92 27.34 5.85
CA THR B 343 34.63 28.61 6.50
C THR B 343 34.59 29.60 5.34
N PRO B 344 33.53 30.43 5.27
CA PRO B 344 33.43 31.40 4.18
C PRO B 344 34.67 32.31 4.09
N SER B 345 35.64 32.06 4.97
CA SER B 345 36.87 32.84 5.01
C SER B 345 37.91 32.28 4.03
N SER B 359 18.00 20.86 22.68
CA SER B 359 16.65 20.74 22.14
C SER B 359 16.55 20.44 20.65
N ASN B 360 17.05 19.27 20.24
CA ASN B 360 16.96 18.87 18.85
C ASN B 360 15.62 18.15 18.73
N HIS B 361 14.90 18.11 19.85
CA HIS B 361 13.60 17.48 19.95
C HIS B 361 12.54 18.41 19.36
N ALA B 362 12.96 19.61 19.01
CA ALA B 362 12.07 20.60 18.41
C ALA B 362 11.93 20.30 16.92
N TYR B 363 12.65 19.28 16.47
CA TYR B 363 12.64 18.86 15.08
C TYR B 363 11.90 17.54 14.92
N PRO C 1 -0.26 15.94 3.13
CA PRO C 1 0.99 16.72 2.92
C PRO C 1 1.20 17.73 4.04
N HIS C 2 0.26 17.75 4.98
CA HIS C 2 0.35 18.68 6.11
C HIS C 2 0.59 17.97 7.43
N SER C 3 1.49 18.55 8.22
CA SER C 3 1.84 17.98 9.52
C SER C 3 0.89 18.40 10.63
N HIS C 4 0.51 17.44 11.46
CA HIS C 4 -0.36 17.67 12.60
C HIS C 4 0.35 16.99 13.75
N PRO C 5 1.44 17.60 14.23
CA PRO C 5 2.29 17.11 15.32
C PRO C 5 1.58 16.21 16.33
N ALA C 6 2.01 14.95 16.38
CA ALA C 6 1.42 14.01 17.32
C ALA C 6 2.04 14.22 18.69
N LEU C 7 3.27 14.73 18.71
CA LEU C 7 3.98 14.96 19.97
C LEU C 7 4.61 16.35 20.04
N THR C 8 4.70 16.90 21.24
CA THR C 8 5.31 18.21 21.45
C THR C 8 6.79 17.97 21.72
N PRO C 9 7.61 19.04 21.66
CA PRO C 9 9.05 18.89 21.91
C PRO C 9 9.33 18.28 23.29
N GLU C 10 8.47 18.59 24.27
CA GLU C 10 8.65 18.07 25.62
C GLU C 10 8.38 16.58 25.66
N GLN C 11 7.32 16.15 25.01
CA GLN C 11 6.97 14.73 24.95
C GLN C 11 8.04 13.93 24.23
N LYS C 12 8.57 14.49 23.15
CA LYS C 12 9.62 13.82 22.38
C LYS C 12 10.86 13.63 23.26
N LYS C 13 11.23 14.69 23.98
CA LYS C 13 12.41 14.63 24.84
C LYS C 13 12.29 13.51 25.87
N GLU C 14 11.12 13.42 26.51
CA GLU C 14 10.89 12.40 27.52
C GLU C 14 11.06 11.00 26.92
N LEU C 15 10.44 10.77 25.77
CA LEU C 15 10.52 9.47 25.10
C LEU C 15 11.95 9.15 24.67
N SER C 16 12.66 10.14 24.13
CA SER C 16 14.03 9.93 23.70
C SER C 16 14.94 9.61 24.88
N ASP C 17 14.81 10.38 25.96
CA ASP C 17 15.62 10.16 27.16
C ASP C 17 15.39 8.76 27.74
N ILE C 18 14.12 8.35 27.78
CA ILE C 18 13.78 7.03 28.30
C ILE C 18 14.42 5.95 27.44
N ALA C 19 14.22 6.03 26.12
CA ALA C 19 14.78 5.04 25.21
C ALA C 19 16.30 4.94 25.34
N HIS C 20 16.98 6.07 25.47
CA HIS C 20 18.44 6.06 25.61
C HIS C 20 18.91 5.47 26.93
N ARG C 21 18.17 5.69 28.01
CA ARG C 21 18.56 5.14 29.31
C ARG C 21 18.53 3.63 29.28
N ILE C 22 17.54 3.08 28.59
CA ILE C 22 17.37 1.63 28.51
C ILE C 22 18.53 0.93 27.81
N VAL C 23 19.02 1.51 26.73
CA VAL C 23 20.11 0.88 25.99
C VAL C 23 21.45 1.59 26.12
N ALA C 24 21.67 2.28 27.25
CA ALA C 24 22.92 2.98 27.48
C ALA C 24 24.07 1.99 27.38
N PRO C 25 25.27 2.46 27.03
CA PRO C 25 26.45 1.60 26.89
C PRO C 25 26.58 0.54 27.97
N GLY C 26 26.68 -0.72 27.54
CA GLY C 26 26.82 -1.83 28.46
C GLY C 26 25.53 -2.34 29.06
N LYS C 27 24.40 -1.73 28.72
CA LYS C 27 23.12 -2.15 29.28
C LYS C 27 22.18 -2.83 28.30
N GLY C 28 21.38 -3.75 28.84
CA GLY C 28 20.41 -4.47 28.03
C GLY C 28 19.12 -4.61 28.83
N ILE C 29 18.21 -5.44 28.34
CA ILE C 29 16.92 -5.62 28.99
C ILE C 29 16.66 -7.04 29.46
N LEU C 30 16.15 -7.16 30.69
CA LEU C 30 15.77 -8.46 31.23
C LEU C 30 14.30 -8.61 30.84
N ALA C 31 14.00 -9.58 30.00
CA ALA C 31 12.62 -9.80 29.58
C ALA C 31 12.00 -10.88 30.46
N ALA C 32 11.30 -10.45 31.51
CA ALA C 32 10.66 -11.39 32.43
C ALA C 32 9.15 -11.24 32.36
N ASP C 33 8.66 -10.86 31.19
CA ASP C 33 7.24 -10.63 30.98
C ASP C 33 6.41 -11.84 30.58
N GLU C 34 6.81 -13.03 31.03
CA GLU C 34 6.04 -14.22 30.71
C GLU C 34 4.68 -14.19 31.38
N SER C 35 3.64 -14.45 30.60
CA SER C 35 2.28 -14.47 31.12
C SER C 35 2.09 -15.72 31.98
N THR C 36 0.94 -15.82 32.63
CA THR C 36 0.65 -16.97 33.48
C THR C 36 0.85 -18.28 32.71
N GLY C 37 0.21 -18.38 31.56
CA GLY C 37 0.33 -19.58 30.73
C GLY C 37 1.74 -19.84 30.25
N SER C 38 2.46 -18.78 29.94
CA SER C 38 3.83 -18.90 29.46
C SER C 38 4.78 -19.34 30.58
N ILE C 39 4.71 -18.68 31.73
CA ILE C 39 5.57 -19.03 32.84
C ILE C 39 5.23 -20.41 33.39
N ALA C 40 3.99 -20.85 33.16
CA ALA C 40 3.56 -22.16 33.62
C ALA C 40 4.48 -23.23 33.03
N LYS C 41 4.85 -23.03 31.77
CA LYS C 41 5.72 -23.96 31.08
C LYS C 41 7.11 -23.97 31.72
N ARG C 42 7.60 -22.79 32.08
CA ARG C 42 8.91 -22.67 32.70
C ARG C 42 8.93 -23.33 34.07
N LEU C 43 7.89 -23.08 34.86
CA LEU C 43 7.80 -23.65 36.19
C LEU C 43 7.64 -25.17 36.16
N GLN C 44 7.01 -25.68 35.10
CA GLN C 44 6.80 -27.11 34.97
C GLN C 44 8.12 -27.84 34.70
N SER C 45 9.03 -27.18 34.00
CA SER C 45 10.32 -27.79 33.67
C SER C 45 11.17 -28.03 34.91
N ILE C 46 10.81 -27.40 36.03
CA ILE C 46 11.55 -27.57 37.27
C ILE C 46 10.64 -28.13 38.35
N GLY C 47 9.60 -28.84 37.91
CA GLY C 47 8.65 -29.43 38.84
C GLY C 47 8.22 -28.48 39.94
N THR C 48 7.69 -27.33 39.54
CA THR C 48 7.24 -26.32 40.49
C THR C 48 5.81 -25.90 40.15
N GLU C 49 4.94 -25.90 41.16
CA GLU C 49 3.55 -25.51 40.95
C GLU C 49 3.46 -24.05 40.52
N ASN C 50 2.60 -23.78 39.54
CA ASN C 50 2.42 -22.42 39.04
C ASN C 50 1.41 -21.65 39.87
N THR C 51 1.87 -21.11 40.99
CA THR C 51 1.02 -20.32 41.89
C THR C 51 1.53 -18.88 41.86
N GLU C 52 0.67 -17.94 42.21
CA GLU C 52 1.08 -16.54 42.22
C GLU C 52 2.31 -16.34 43.11
N GLU C 53 2.33 -17.02 44.26
CA GLU C 53 3.45 -16.89 45.17
C GLU C 53 4.76 -17.37 44.57
N ASN C 54 4.73 -18.50 43.87
CA ASN C 54 5.95 -19.01 43.26
C ASN C 54 6.43 -18.06 42.17
N ARG C 55 5.48 -17.51 41.43
CA ARG C 55 5.83 -16.56 40.38
C ARG C 55 6.43 -15.32 41.03
N ARG C 56 5.82 -14.84 42.11
CA ARG C 56 6.32 -13.66 42.81
C ARG C 56 7.73 -13.97 43.31
N PHE C 57 7.89 -15.13 43.93
CA PHE C 57 9.18 -15.51 44.46
C PHE C 57 10.22 -15.56 43.35
N TYR C 58 9.84 -16.11 42.20
CA TYR C 58 10.77 -16.21 41.08
C TYR C 58 11.16 -14.84 40.54
N ARG C 59 10.16 -14.00 40.30
CA ARG C 59 10.43 -12.65 39.80
C ARG C 59 11.28 -11.89 40.82
N GLN C 60 10.96 -12.08 42.11
CA GLN C 60 11.72 -11.42 43.16
C GLN C 60 13.18 -11.87 43.09
N LEU C 61 13.37 -13.16 42.84
CA LEU C 61 14.71 -13.74 42.73
C LEU C 61 15.57 -12.98 41.72
N LEU C 62 15.00 -12.70 40.55
CA LEU C 62 15.71 -11.98 39.50
C LEU C 62 15.85 -10.49 39.78
N LEU C 63 14.76 -9.85 40.17
CA LEU C 63 14.76 -8.42 40.42
C LEU C 63 15.64 -7.94 41.57
N THR C 64 15.79 -8.75 42.60
CA THR C 64 16.61 -8.37 43.76
C THR C 64 18.04 -8.92 43.75
N ALA C 65 18.52 -9.36 42.59
CA ALA C 65 19.87 -9.88 42.48
C ALA C 65 20.81 -8.75 42.95
N ASP C 66 21.99 -9.11 43.42
CA ASP C 66 22.94 -8.11 43.93
C ASP C 66 23.31 -7.02 42.93
N ASP C 67 23.84 -5.91 43.44
CA ASP C 67 24.20 -4.75 42.62
C ASP C 67 25.13 -4.95 41.43
N ARG C 68 25.64 -6.16 41.23
CA ARG C 68 26.51 -6.39 40.08
C ARG C 68 25.72 -6.28 38.78
N VAL C 69 24.41 -6.48 38.85
CA VAL C 69 23.55 -6.40 37.66
C VAL C 69 23.13 -4.97 37.29
N ASN C 70 23.24 -4.05 38.24
CA ASN C 70 22.84 -2.68 38.01
C ASN C 70 23.36 -2.07 36.71
N PRO C 71 24.68 -2.10 36.48
CA PRO C 71 25.18 -1.52 35.22
C PRO C 71 24.90 -2.40 34.00
N CYS C 72 24.34 -3.57 34.22
CA CYS C 72 24.03 -4.50 33.13
C CYS C 72 22.59 -4.40 32.66
N ILE C 73 21.71 -4.00 33.58
CA ILE C 73 20.30 -3.93 33.27
C ILE C 73 19.75 -2.52 33.12
N GLY C 74 19.48 -2.13 31.88
CA GLY C 74 18.94 -0.80 31.63
C GLY C 74 17.43 -0.82 31.75
N GLY C 75 16.84 -2.01 31.58
CA GLY C 75 15.40 -2.12 31.68
C GLY C 75 14.92 -3.53 31.98
N VAL C 76 13.73 -3.63 32.55
CA VAL C 76 13.15 -4.93 32.88
C VAL C 76 11.70 -4.95 32.39
N ILE C 77 11.35 -5.93 31.55
CA ILE C 77 10.00 -6.02 31.06
C ILE C 77 9.22 -6.94 32.00
N LEU C 78 8.10 -6.43 32.50
CA LEU C 78 7.24 -7.19 33.41
C LEU C 78 5.88 -7.51 32.81
N PHE C 79 5.28 -8.59 33.31
CA PHE C 79 3.94 -8.99 32.90
C PHE C 79 3.06 -8.19 33.86
N HIS C 80 1.81 -7.94 33.49
CA HIS C 80 0.90 -7.16 34.33
C HIS C 80 0.93 -7.52 35.80
N GLU C 81 0.77 -8.81 36.11
CA GLU C 81 0.77 -9.30 37.48
C GLU C 81 1.93 -8.79 38.32
N THR C 82 3.14 -8.97 37.79
CA THR C 82 4.38 -8.60 38.47
C THR C 82 4.52 -7.11 38.76
N LEU C 83 4.03 -6.27 37.84
CA LEU C 83 4.11 -4.83 38.02
C LEU C 83 3.43 -4.42 39.32
N TYR C 84 2.47 -5.22 39.78
CA TYR C 84 1.73 -4.89 40.99
C TYR C 84 2.03 -5.77 42.20
N GLN C 85 3.13 -6.51 42.13
CA GLN C 85 3.53 -7.36 43.24
C GLN C 85 4.64 -6.65 44.01
N LYS C 86 4.90 -7.10 45.23
CA LYS C 86 5.93 -6.48 46.07
C LYS C 86 6.97 -7.48 46.55
N ALA C 87 8.16 -6.97 46.83
CA ALA C 87 9.23 -7.80 47.35
C ALA C 87 8.89 -8.09 48.82
N ASP C 88 9.62 -9.02 49.44
CA ASP C 88 9.37 -9.36 50.84
C ASP C 88 9.38 -8.16 51.77
N ASP C 89 10.21 -7.17 51.46
CA ASP C 89 10.32 -5.98 52.30
C ASP C 89 9.18 -4.99 52.05
N GLY C 90 8.21 -5.37 51.23
CA GLY C 90 7.08 -4.48 50.95
C GLY C 90 7.27 -3.50 49.81
N ARG C 91 8.46 -3.48 49.22
CA ARG C 91 8.68 -2.55 48.11
C ARG C 91 8.05 -3.06 46.82
N PRO C 92 7.30 -2.19 46.11
CA PRO C 92 6.70 -2.64 44.86
C PRO C 92 7.85 -2.99 43.93
N PHE C 93 7.69 -4.02 43.11
CA PHE C 93 8.76 -4.41 42.19
C PHE C 93 9.27 -3.27 41.31
N PRO C 94 8.38 -2.39 40.83
CA PRO C 94 8.85 -1.28 40.00
C PRO C 94 9.88 -0.43 40.76
N GLN C 95 9.65 -0.26 42.06
CA GLN C 95 10.56 0.53 42.90
C GLN C 95 11.90 -0.20 43.02
N VAL C 96 11.84 -1.53 43.17
CA VAL C 96 13.05 -2.34 43.28
C VAL C 96 13.91 -2.13 42.04
N ILE C 97 13.28 -2.25 40.87
CA ILE C 97 13.97 -2.09 39.60
C ILE C 97 14.57 -0.70 39.47
N LYS C 98 13.76 0.33 39.76
CA LYS C 98 14.22 1.70 39.67
C LYS C 98 15.41 2.00 40.59
N SER C 99 15.35 1.48 41.82
CA SER C 99 16.43 1.71 42.77
C SER C 99 17.75 1.10 42.32
N LYS C 100 17.67 0.12 41.42
CA LYS C 100 18.87 -0.53 40.89
C LYS C 100 19.28 0.10 39.56
N GLY C 101 18.67 1.23 39.23
CA GLY C 101 19.00 1.93 38.00
C GLY C 101 18.30 1.45 36.75
N GLY C 102 17.34 0.54 36.89
CA GLY C 102 16.65 0.04 35.73
C GLY C 102 15.34 0.74 35.42
N VAL C 103 15.02 0.86 34.14
CA VAL C 103 13.75 1.47 33.72
C VAL C 103 12.72 0.34 33.74
N VAL C 104 11.49 0.65 34.15
CA VAL C 104 10.44 -0.37 34.21
C VAL C 104 9.61 -0.45 32.93
N GLY C 105 9.46 -1.67 32.42
CA GLY C 105 8.68 -1.88 31.21
C GLY C 105 7.51 -2.82 31.45
N ILE C 106 6.51 -2.73 30.59
CA ILE C 106 5.31 -3.56 30.72
C ILE C 106 4.88 -4.14 29.38
N LYS C 107 4.66 -5.46 29.34
CA LYS C 107 4.20 -6.10 28.11
C LYS C 107 2.71 -5.76 28.01
N VAL C 108 2.28 -5.28 26.85
CA VAL C 108 0.88 -4.88 26.72
C VAL C 108 0.03 -5.61 25.67
N ASP C 109 0.63 -6.47 24.86
CA ASP C 109 -0.17 -7.18 23.86
C ASP C 109 -0.98 -8.27 24.55
N LYS C 110 -2.02 -8.75 23.88
CA LYS C 110 -2.85 -9.79 24.43
C LYS C 110 -2.76 -11.08 23.63
N GLY C 111 -1.54 -11.36 23.16
CA GLY C 111 -1.27 -12.57 22.41
C GLY C 111 -1.62 -12.55 20.95
N VAL C 112 -1.20 -13.62 20.25
CA VAL C 112 -1.44 -13.75 18.84
C VAL C 112 -2.81 -14.36 18.59
N VAL C 113 -3.33 -14.14 17.37
CA VAL C 113 -4.61 -14.69 16.94
C VAL C 113 -4.41 -15.07 15.49
N PRO C 114 -5.10 -16.11 15.04
CA PRO C 114 -4.99 -16.59 13.65
C PRO C 114 -5.54 -15.66 12.59
N LEU C 115 -4.80 -15.53 11.48
CA LEU C 115 -5.21 -14.71 10.35
C LEU C 115 -5.88 -15.67 9.36
N ALA C 116 -7.20 -15.54 9.21
CA ALA C 116 -7.94 -16.40 8.31
C ALA C 116 -7.44 -16.26 6.87
N GLY C 117 -7.44 -17.37 6.14
CA GLY C 117 -7.00 -17.33 4.76
C GLY C 117 -5.49 -17.44 4.59
N THR C 118 -4.77 -17.69 5.68
CA THR C 118 -3.32 -17.83 5.60
C THR C 118 -2.93 -19.24 6.01
N ASN C 119 -1.66 -19.58 5.79
CA ASN C 119 -1.17 -20.90 6.16
C ASN C 119 -0.62 -20.85 7.58
N GLY C 120 -1.53 -20.83 8.54
CA GLY C 120 -1.14 -20.81 9.94
C GLY C 120 -0.49 -19.53 10.45
N GLU C 121 -0.73 -18.41 9.76
CA GLU C 121 -0.14 -17.15 10.18
C GLU C 121 -1.01 -16.41 11.19
N THR C 122 -0.39 -15.50 11.93
CA THR C 122 -1.09 -14.76 12.95
C THR C 122 -0.79 -13.26 12.94
N THR C 123 -1.60 -12.54 13.69
CA THR C 123 -1.39 -11.11 13.92
C THR C 123 -1.50 -11.07 15.43
N THR C 124 -1.43 -9.88 16.03
CA THR C 124 -1.49 -9.77 17.47
C THR C 124 -2.57 -8.80 17.93
N GLN C 125 -3.28 -9.15 19.00
CA GLN C 125 -4.34 -8.28 19.51
C GLN C 125 -3.92 -7.58 20.78
N GLY C 126 -4.72 -6.59 21.20
CA GLY C 126 -4.42 -5.86 22.41
C GLY C 126 -4.54 -4.35 22.34
N LEU C 127 -5.07 -3.81 21.23
CA LEU C 127 -5.21 -2.35 21.10
C LEU C 127 -6.40 -1.79 21.87
N ASP C 128 -7.39 -2.64 22.14
CA ASP C 128 -8.60 -2.17 22.82
C ASP C 128 -8.31 -1.66 24.22
N GLY C 129 -8.67 -0.41 24.47
CA GLY C 129 -8.46 0.20 25.77
C GLY C 129 -6.98 0.37 26.10
N LEU C 130 -6.12 0.22 25.08
CA LEU C 130 -4.69 0.35 25.30
C LEU C 130 -4.23 1.71 25.81
N SER C 131 -4.85 2.78 25.33
CA SER C 131 -4.44 4.11 25.78
C SER C 131 -4.66 4.24 27.29
N GLU C 132 -5.84 3.82 27.75
CA GLU C 132 -6.14 3.88 29.18
C GLU C 132 -5.16 3.03 29.96
N ARG C 133 -4.83 1.86 29.43
CA ARG C 133 -3.89 0.96 30.11
C ARG C 133 -2.51 1.60 30.21
N CYS C 134 -2.08 2.28 29.15
CA CYS C 134 -0.77 2.92 29.15
C CYS C 134 -0.74 4.08 30.13
N ALA C 135 -1.82 4.85 30.19
CA ALA C 135 -1.87 5.98 31.10
C ALA C 135 -1.73 5.45 32.53
N GLN C 136 -2.42 4.35 32.82
CA GLN C 136 -2.37 3.74 34.15
C GLN C 136 -1.00 3.15 34.45
N TYR C 137 -0.41 2.44 33.48
CA TYR C 137 0.90 1.85 33.69
C TYR C 137 1.95 2.93 33.92
N LYS C 138 1.86 4.00 33.15
CA LYS C 138 2.80 5.12 33.27
C LYS C 138 2.74 5.60 34.73
N LYS C 139 1.53 5.91 35.17
CA LYS C 139 1.32 6.38 36.53
C LYS C 139 1.85 5.36 37.55
N ASP C 140 1.74 4.07 37.23
CA ASP C 140 2.19 3.05 38.15
C ASP C 140 3.66 2.63 38.03
N GLY C 141 4.47 3.47 37.39
CA GLY C 141 5.90 3.18 37.29
C GLY C 141 6.54 2.70 36.01
N ALA C 142 5.76 2.35 34.98
CA ALA C 142 6.36 1.88 33.74
C ALA C 142 6.62 3.03 32.77
N ASP C 143 7.77 2.96 32.09
CA ASP C 143 8.16 4.00 31.12
C ASP C 143 8.29 3.46 29.69
N PHE C 144 8.27 2.14 29.54
CA PHE C 144 8.32 1.56 28.20
C PHE C 144 7.42 0.33 28.16
N ALA C 145 7.13 -0.14 26.96
CA ALA C 145 6.25 -1.30 26.79
C ALA C 145 6.78 -2.25 25.74
N LYS C 146 6.14 -3.40 25.63
CA LYS C 146 6.53 -4.40 24.65
C LYS C 146 5.28 -5.02 24.03
N TRP C 147 5.35 -5.22 22.72
CA TRP C 147 4.25 -5.83 21.97
C TRP C 147 4.92 -6.80 21.00
N ARG C 148 4.52 -8.06 21.06
CA ARG C 148 5.12 -9.09 20.22
C ARG C 148 4.26 -9.62 19.09
N CYS C 149 4.79 -9.51 17.88
CA CYS C 149 4.14 -10.02 16.68
C CYS C 149 5.00 -11.21 16.29
N VAL C 150 4.38 -12.23 15.72
CA VAL C 150 5.10 -13.45 15.35
C VAL C 150 4.89 -13.81 13.89
N LEU C 151 5.99 -13.99 13.17
CA LEU C 151 5.95 -14.37 11.77
C LEU C 151 6.73 -15.67 11.59
N LYS C 152 6.39 -16.43 10.57
CA LYS C 152 7.08 -17.71 10.35
C LYS C 152 7.57 -17.86 8.93
N ILE C 153 8.77 -18.40 8.77
CA ILE C 153 9.33 -18.62 7.45
C ILE C 153 8.90 -20.01 6.97
N GLY C 154 8.23 -20.04 5.83
CA GLY C 154 7.75 -21.29 5.28
C GLY C 154 7.64 -21.19 3.77
N GLU C 155 6.92 -22.11 3.14
CA GLU C 155 6.79 -22.09 1.69
C GLU C 155 5.99 -20.89 1.18
N HIS C 156 4.96 -20.49 1.93
CA HIS C 156 4.13 -19.35 1.53
C HIS C 156 4.14 -18.25 2.57
N THR C 157 5.03 -18.35 3.56
CA THR C 157 5.09 -17.36 4.63
C THR C 157 6.49 -16.80 4.86
N PRO C 158 6.58 -15.56 5.38
CA PRO C 158 5.47 -14.68 5.75
C PRO C 158 4.78 -14.14 4.51
N SER C 159 3.45 -14.20 4.48
CA SER C 159 2.70 -13.72 3.33
C SER C 159 2.63 -12.20 3.31
N ALA C 160 2.23 -11.65 2.18
CA ALA C 160 2.11 -10.21 2.08
C ALA C 160 1.14 -9.68 3.15
N LEU C 161 0.02 -10.39 3.36
CA LEU C 161 -0.96 -9.97 4.37
C LEU C 161 -0.37 -9.98 5.77
N ALA C 162 0.24 -11.10 6.16
CA ALA C 162 0.82 -11.22 7.49
C ALA C 162 1.82 -10.08 7.74
N ILE C 163 2.67 -9.83 6.76
CA ILE C 163 3.66 -8.77 6.91
C ILE C 163 2.98 -7.41 7.07
N MET C 164 2.07 -7.09 6.16
CA MET C 164 1.36 -5.82 6.21
C MET C 164 0.58 -5.63 7.52
N GLU C 165 -0.26 -6.60 7.85
CA GLU C 165 -1.09 -6.53 9.06
C GLU C 165 -0.28 -6.43 10.35
N ASN C 166 0.75 -7.26 10.50
CA ASN C 166 1.56 -7.19 11.71
C ASN C 166 2.31 -5.86 11.80
N ALA C 167 2.77 -5.35 10.68
CA ALA C 167 3.47 -4.08 10.68
C ALA C 167 2.48 -2.98 11.08
N ASN C 168 1.24 -3.09 10.60
CA ASN C 168 0.23 -2.09 10.92
C ASN C 168 -0.16 -2.06 12.39
N VAL C 169 -0.39 -3.23 12.98
CA VAL C 169 -0.79 -3.28 14.39
C VAL C 169 0.34 -2.76 15.28
N LEU C 170 1.58 -3.07 14.91
CA LEU C 170 2.73 -2.59 15.69
C LEU C 170 2.75 -1.06 15.67
N ALA C 171 2.46 -0.47 14.51
CA ALA C 171 2.45 0.99 14.40
C ALA C 171 1.37 1.60 15.29
N ARG C 172 0.18 0.99 15.28
CA ARG C 172 -0.93 1.46 16.10
C ARG C 172 -0.54 1.40 17.57
N TYR C 173 0.07 0.28 17.96
CA TYR C 173 0.51 0.06 19.33
C TYR C 173 1.55 1.12 19.72
N ALA C 174 2.50 1.38 18.83
CA ALA C 174 3.55 2.37 19.09
C ALA C 174 2.97 3.78 19.22
N SER C 175 2.00 4.08 18.36
CA SER C 175 1.36 5.40 18.39
C SER C 175 0.67 5.64 19.73
N ILE C 176 -0.13 4.67 20.16
CA ILE C 176 -0.84 4.82 21.43
C ILE C 176 0.14 4.97 22.59
N CYS C 177 1.22 4.18 22.59
CA CYS C 177 2.23 4.26 23.64
C CYS C 177 2.85 5.66 23.77
N GLN C 178 3.27 6.23 22.65
CA GLN C 178 3.92 7.54 22.68
C GLN C 178 2.98 8.66 23.12
N GLN C 179 1.68 8.49 22.92
CA GLN C 179 0.72 9.50 23.35
C GLN C 179 0.63 9.51 24.87
N ASN C 180 1.13 8.45 25.50
CA ASN C 180 1.07 8.33 26.95
C ASN C 180 2.43 8.34 27.67
N GLY C 181 3.45 8.86 27.00
CA GLY C 181 4.77 8.93 27.60
C GLY C 181 5.47 7.59 27.75
N ILE C 182 5.01 6.57 27.01
CA ILE C 182 5.61 5.25 27.07
C ILE C 182 6.39 4.94 25.81
N VAL C 183 7.66 4.53 25.98
CA VAL C 183 8.50 4.18 24.85
C VAL C 183 8.14 2.77 24.39
N PRO C 184 7.67 2.63 23.14
CA PRO C 184 7.30 1.31 22.62
C PRO C 184 8.46 0.51 22.05
N ILE C 185 8.56 -0.75 22.48
CA ILE C 185 9.56 -1.63 21.92
C ILE C 185 8.79 -2.39 20.85
N VAL C 186 9.21 -2.22 19.60
CA VAL C 186 8.55 -2.88 18.46
C VAL C 186 9.18 -4.26 18.27
N GLU C 187 8.40 -5.33 18.49
CA GLU C 187 8.94 -6.68 18.34
C GLU C 187 8.30 -7.52 17.24
N PRO C 188 8.90 -7.52 16.05
CA PRO C 188 8.41 -8.30 14.91
C PRO C 188 9.26 -9.56 14.82
N GLU C 189 8.99 -10.52 15.70
CA GLU C 189 9.77 -11.74 15.71
C GLU C 189 9.51 -12.71 14.57
N ILE C 190 10.59 -13.05 13.87
CA ILE C 190 10.52 -14.02 12.79
C ILE C 190 11.08 -15.27 13.46
N LEU C 191 10.23 -16.27 13.67
CA LEU C 191 10.65 -17.50 14.33
C LEU C 191 11.78 -18.18 13.56
N PRO C 192 12.63 -18.94 14.28
CA PRO C 192 13.75 -19.65 13.65
C PRO C 192 13.34 -21.04 13.17
N ASP C 193 12.09 -21.40 13.42
CA ASP C 193 11.55 -22.70 13.01
C ASP C 193 11.69 -22.97 11.51
N GLY C 194 12.17 -24.17 11.16
CA GLY C 194 12.30 -24.52 9.76
C GLY C 194 13.69 -24.94 9.33
N ASP C 195 13.81 -25.34 8.07
CA ASP C 195 15.08 -25.79 7.52
C ASP C 195 15.68 -24.78 6.55
N HIS C 196 15.19 -23.54 6.57
CA HIS C 196 15.71 -22.49 5.68
C HIS C 196 17.13 -22.13 6.09
N ASP C 197 17.91 -21.57 5.16
CA ASP C 197 19.29 -21.20 5.46
C ASP C 197 19.42 -19.74 5.93
N LEU C 198 20.66 -19.32 6.19
CA LEU C 198 20.93 -17.98 6.66
C LEU C 198 20.46 -16.88 5.71
N LYS C 199 20.74 -17.03 4.42
CA LYS C 199 20.32 -16.00 3.48
C LYS C 199 18.80 -15.87 3.35
N ARG C 200 18.09 -16.96 3.58
CA ARG C 200 16.63 -16.92 3.50
C ARG C 200 16.11 -16.06 4.67
N CYS C 201 16.68 -16.28 5.86
CA CYS C 201 16.27 -15.51 7.03
C CYS C 201 16.61 -14.03 6.86
N GLN C 202 17.79 -13.75 6.31
CA GLN C 202 18.20 -12.38 6.11
C GLN C 202 17.22 -11.70 5.15
N TYR C 203 16.85 -12.42 4.10
CA TYR C 203 15.93 -11.88 3.10
C TYR C 203 14.60 -11.51 3.74
N VAL C 204 14.01 -12.46 4.47
CA VAL C 204 12.73 -12.23 5.12
C VAL C 204 12.83 -11.15 6.18
N THR C 205 13.92 -11.15 6.94
CA THR C 205 14.10 -10.14 7.98
C THR C 205 14.15 -8.76 7.32
N GLU C 206 14.87 -8.65 6.21
CA GLU C 206 14.95 -7.37 5.52
C GLU C 206 13.58 -6.88 5.04
N LYS C 207 12.79 -7.77 4.45
CA LYS C 207 11.47 -7.39 3.94
C LYS C 207 10.52 -7.04 5.07
N VAL C 208 10.59 -7.78 6.18
CA VAL C 208 9.73 -7.51 7.31
C VAL C 208 10.06 -6.15 7.93
N LEU C 209 11.34 -5.92 8.20
CA LEU C 209 11.73 -4.65 8.81
C LEU C 209 11.41 -3.46 7.91
N ALA C 210 11.54 -3.63 6.60
CA ALA C 210 11.22 -2.54 5.68
C ALA C 210 9.73 -2.21 5.83
N ALA C 211 8.91 -3.24 5.94
CA ALA C 211 7.48 -3.04 6.11
C ALA C 211 7.18 -2.36 7.44
N VAL C 212 7.89 -2.79 8.48
CA VAL C 212 7.68 -2.23 9.81
C VAL C 212 7.94 -0.72 9.84
N TYR C 213 9.07 -0.28 9.29
CA TYR C 213 9.37 1.14 9.33
C TYR C 213 8.52 2.00 8.41
N LYS C 214 8.00 1.43 7.32
CA LYS C 214 7.13 2.20 6.44
C LYS C 214 5.83 2.43 7.22
N ALA C 215 5.37 1.39 7.91
CA ALA C 215 4.16 1.48 8.73
C ALA C 215 4.35 2.53 9.83
N LEU C 216 5.50 2.49 10.50
CA LEU C 216 5.77 3.45 11.57
C LEU C 216 5.75 4.87 11.01
N SER C 217 6.25 5.02 9.78
CA SER C 217 6.26 6.32 9.12
C SER C 217 4.82 6.79 8.85
N ASP C 218 4.01 5.90 8.28
CA ASP C 218 2.63 6.21 7.96
C ASP C 218 1.82 6.59 9.20
N HIS C 219 2.16 5.99 10.34
CA HIS C 219 1.44 6.27 11.58
C HIS C 219 2.08 7.38 12.42
N HIS C 220 3.06 8.07 11.81
CA HIS C 220 3.76 9.20 12.45
C HIS C 220 4.49 8.87 13.75
N ILE C 221 5.14 7.71 13.78
CA ILE C 221 5.87 7.28 14.97
C ILE C 221 7.22 7.98 15.12
N TYR C 222 7.48 8.48 16.32
CA TYR C 222 8.73 9.17 16.65
C TYR C 222 9.77 8.09 16.94
N LEU C 223 10.59 7.79 15.93
CA LEU C 223 11.59 6.74 16.02
C LEU C 223 12.63 6.84 17.14
N GLU C 224 13.04 8.07 17.45
CA GLU C 224 14.01 8.30 18.51
C GLU C 224 13.42 7.86 19.84
N GLY C 225 12.09 7.76 19.88
CA GLY C 225 11.40 7.35 21.09
C GLY C 225 10.89 5.93 21.03
N THR C 226 11.62 5.08 20.31
CA THR C 226 11.25 3.67 20.16
C THR C 226 12.51 2.81 20.20
N LEU C 227 12.30 1.51 20.36
CA LEU C 227 13.36 0.53 20.35
C LEU C 227 12.85 -0.59 19.45
N LEU C 228 13.77 -1.38 18.91
CA LEU C 228 13.40 -2.51 18.04
C LEU C 228 13.87 -3.80 18.69
N LYS C 229 13.00 -4.80 18.73
CA LYS C 229 13.33 -6.10 19.30
C LYS C 229 13.11 -7.12 18.21
N PRO C 230 14.12 -7.33 17.36
CA PRO C 230 14.01 -8.30 16.27
C PRO C 230 14.77 -9.59 16.55
N ASN C 231 14.55 -10.57 15.69
CA ASN C 231 15.25 -11.83 15.78
C ASN C 231 16.61 -11.54 15.17
N MET C 232 17.63 -12.27 15.59
CA MET C 232 18.93 -12.10 14.97
C MET C 232 18.71 -12.85 13.67
N VAL C 233 19.58 -12.66 12.69
CA VAL C 233 19.44 -13.38 11.44
C VAL C 233 20.27 -14.64 11.56
N THR C 234 19.59 -15.79 11.55
CA THR C 234 20.25 -17.08 11.69
C THR C 234 19.58 -18.10 10.79
N PRO C 235 20.24 -19.24 10.57
CA PRO C 235 19.62 -20.28 9.73
C PRO C 235 18.46 -20.84 10.55
N GLY C 236 17.57 -21.60 9.90
CA GLY C 236 16.47 -22.19 10.63
C GLY C 236 17.00 -23.25 11.57
N HIS C 237 16.24 -23.61 12.60
CA HIS C 237 16.68 -24.61 13.55
C HIS C 237 17.05 -25.93 12.87
N ALA C 238 16.27 -26.31 11.85
CA ALA C 238 16.51 -27.56 11.14
C ALA C 238 17.42 -27.45 9.93
N CYS C 239 18.14 -26.33 9.79
CA CYS C 239 19.03 -26.16 8.64
C CYS C 239 20.23 -27.09 8.78
N THR C 240 20.54 -27.83 7.71
CA THR C 240 21.67 -28.76 7.72
C THR C 240 23.02 -28.05 7.58
N GLN C 241 23.03 -26.93 6.87
CA GLN C 241 24.26 -26.17 6.69
C GLN C 241 24.62 -25.43 7.98
N LYS C 242 25.91 -25.42 8.31
CA LYS C 242 26.38 -24.75 9.52
C LYS C 242 26.97 -23.39 9.20
N TYR C 243 26.85 -22.46 10.14
CA TYR C 243 27.36 -21.10 9.98
C TYR C 243 28.14 -20.66 11.21
N SER C 244 29.11 -19.77 11.02
CA SER C 244 29.91 -19.27 12.12
C SER C 244 29.18 -18.09 12.76
N HIS C 245 29.62 -17.69 13.96
CA HIS C 245 29.00 -16.56 14.64
C HIS C 245 29.29 -15.29 13.86
N GLU C 246 30.41 -15.29 13.15
CA GLU C 246 30.81 -14.13 12.35
C GLU C 246 29.83 -13.93 11.20
N GLU C 247 29.36 -15.03 10.63
CA GLU C 247 28.41 -14.97 9.51
C GLU C 247 27.03 -14.54 10.03
N ILE C 248 26.66 -15.04 11.20
CA ILE C 248 25.37 -14.70 11.82
C ILE C 248 25.37 -13.18 12.05
N ALA C 249 26.48 -12.68 12.58
CA ALA C 249 26.64 -11.27 12.87
C ALA C 249 26.58 -10.42 11.59
N MET C 250 27.29 -10.86 10.56
CA MET C 250 27.33 -10.13 9.29
C MET C 250 25.93 -10.05 8.69
N ALA C 251 25.23 -11.18 8.66
CA ALA C 251 23.88 -11.27 8.12
C ALA C 251 22.90 -10.42 8.92
N THR C 252 23.02 -10.47 10.23
CA THR C 252 22.16 -9.71 11.13
C THR C 252 22.40 -8.21 10.94
N VAL C 253 23.65 -7.79 11.08
CA VAL C 253 23.98 -6.38 10.94
C VAL C 253 23.64 -5.85 9.54
N THR C 254 23.88 -6.66 8.52
CA THR C 254 23.57 -6.23 7.16
C THR C 254 22.06 -5.98 7.01
N ALA C 255 21.26 -6.92 7.51
CA ALA C 255 19.81 -6.76 7.41
C ALA C 255 19.35 -5.47 8.08
N LEU C 256 19.89 -5.20 9.27
CA LEU C 256 19.51 -3.99 9.99
C LEU C 256 19.98 -2.71 9.28
N ARG C 257 21.22 -2.72 8.77
CA ARG C 257 21.76 -1.55 8.09
C ARG C 257 20.91 -1.19 6.86
N ARG C 258 20.29 -2.19 6.26
CA ARG C 258 19.47 -1.99 5.07
C ARG C 258 18.03 -1.56 5.33
N THR C 259 17.60 -1.57 6.59
CA THR C 259 16.22 -1.25 6.92
C THR C 259 15.94 -0.35 8.12
N VAL C 260 16.78 -0.41 9.15
CA VAL C 260 16.55 0.39 10.34
C VAL C 260 17.15 1.78 10.32
N PRO C 261 16.30 2.81 10.28
CA PRO C 261 16.78 4.20 10.25
C PRO C 261 17.69 4.47 11.45
N PRO C 262 18.76 5.24 11.25
CA PRO C 262 19.67 5.54 12.37
C PRO C 262 18.99 6.29 13.51
N ALA C 263 17.82 6.86 13.25
CA ALA C 263 17.08 7.59 14.28
C ALA C 263 16.61 6.63 15.37
N VAL C 264 16.45 5.36 15.03
CA VAL C 264 16.02 4.37 16.01
C VAL C 264 17.12 4.33 17.07
N THR C 265 16.72 4.58 18.33
CA THR C 265 17.66 4.63 19.43
C THR C 265 18.41 3.34 19.73
N GLY C 266 17.74 2.20 19.60
CA GLY C 266 18.42 0.96 19.89
C GLY C 266 17.73 -0.31 19.45
N VAL C 267 18.55 -1.36 19.26
CA VAL C 267 18.06 -2.67 18.86
C VAL C 267 18.36 -3.63 20.01
N THR C 268 17.31 -4.20 20.58
CA THR C 268 17.45 -5.14 21.70
C THR C 268 17.00 -6.51 21.20
N PHE C 269 17.97 -7.34 20.81
CA PHE C 269 17.67 -8.68 20.28
C PHE C 269 17.01 -9.64 21.24
N LEU C 270 16.12 -10.46 20.70
CA LEU C 270 15.43 -11.49 21.46
C LEU C 270 16.36 -12.71 21.30
N SER C 271 16.39 -13.62 22.26
CA SER C 271 17.26 -14.78 22.14
C SER C 271 16.59 -15.93 21.37
N GLY C 272 15.26 -15.88 21.30
CA GLY C 272 14.47 -16.85 20.57
C GLY C 272 14.86 -18.32 20.54
N GLY C 273 15.16 -18.91 21.68
CA GLY C 273 15.51 -20.33 21.69
C GLY C 273 16.99 -20.64 21.75
N GLN C 274 17.83 -19.63 21.49
CA GLN C 274 19.27 -19.84 21.55
C GLN C 274 19.67 -20.13 22.99
N SER C 275 20.74 -20.89 23.19
CA SER C 275 21.20 -21.20 24.54
C SER C 275 21.73 -19.91 25.14
N GLU C 276 21.94 -19.90 26.45
CA GLU C 276 22.44 -18.71 27.12
C GLU C 276 23.76 -18.24 26.53
N GLU C 277 24.71 -19.17 26.37
CA GLU C 277 26.02 -18.86 25.84
C GLU C 277 25.97 -18.47 24.36
N GLU C 278 25.10 -19.15 23.61
CA GLU C 278 24.94 -18.88 22.19
C GLU C 278 24.48 -17.44 21.97
N ALA C 279 23.45 -17.04 22.72
CA ALA C 279 22.91 -15.69 22.62
C ALA C 279 23.96 -14.63 22.96
N SER C 280 24.83 -14.95 23.91
CA SER C 280 25.88 -14.02 24.31
C SER C 280 26.98 -13.92 23.25
N ILE C 281 27.41 -15.06 22.71
CA ILE C 281 28.45 -15.07 21.68
C ILE C 281 27.97 -14.34 20.42
N ASN C 282 26.75 -14.64 20.00
CA ASN C 282 26.21 -13.99 18.81
C ASN C 282 26.09 -12.49 18.99
N LEU C 283 25.64 -12.06 20.17
CA LEU C 283 25.51 -10.64 20.45
C LEU C 283 26.88 -9.98 20.41
N ASN C 284 27.89 -10.64 20.98
CA ASN C 284 29.24 -10.11 20.97
C ASN C 284 29.74 -9.97 19.54
N ALA C 285 29.53 -11.01 18.74
CA ALA C 285 29.95 -11.01 17.34
C ALA C 285 29.26 -9.87 16.59
N ILE C 286 27.97 -9.70 16.84
CA ILE C 286 27.21 -8.63 16.19
C ILE C 286 27.87 -7.29 16.50
N ASN C 287 28.26 -7.09 17.74
CA ASN C 287 28.89 -5.85 18.14
C ASN C 287 30.32 -5.70 17.61
N LYS C 288 30.95 -6.80 17.24
CA LYS C 288 32.30 -6.75 16.70
C LYS C 288 32.29 -6.72 15.17
N CYS C 289 31.11 -6.91 14.58
CA CYS C 289 31.00 -6.89 13.12
C CYS C 289 31.60 -5.61 12.56
N PRO C 290 32.51 -5.73 11.57
CA PRO C 290 33.20 -4.61 10.93
C PRO C 290 32.34 -3.77 9.98
N LEU C 291 31.16 -3.37 10.43
CA LEU C 291 30.28 -2.53 9.62
C LEU C 291 29.78 -1.39 10.52
N LEU C 292 29.43 -0.26 9.93
CA LEU C 292 28.95 0.86 10.71
C LEU C 292 27.56 0.55 11.27
N LYS C 293 27.41 0.68 12.59
CA LYS C 293 26.15 0.41 13.27
C LYS C 293 25.75 1.68 14.03
N PRO C 294 24.79 2.45 13.48
CA PRO C 294 24.32 3.70 14.08
C PRO C 294 23.36 3.60 15.26
N TRP C 295 23.07 2.39 15.73
CA TRP C 295 22.17 2.24 16.88
C TRP C 295 22.80 1.27 17.87
N ALA C 296 22.41 1.38 19.14
CA ALA C 296 22.92 0.48 20.15
C ALA C 296 22.45 -0.93 19.78
N LEU C 297 23.35 -1.90 19.88
CA LEU C 297 23.01 -3.28 19.58
C LEU C 297 23.18 -4.04 20.87
N THR C 298 22.08 -4.25 21.58
CA THR C 298 22.14 -4.92 22.86
C THR C 298 21.10 -6.04 22.98
N PHE C 299 20.77 -6.41 24.21
CA PHE C 299 19.84 -7.51 24.42
C PHE C 299 18.53 -7.18 25.12
N SER C 300 17.57 -8.07 24.91
CA SER C 300 16.27 -8.03 25.55
C SER C 300 16.01 -9.52 25.63
N TYR C 301 16.73 -10.17 26.52
CA TYR C 301 16.65 -11.61 26.69
C TYR C 301 15.74 -12.11 27.81
N GLY C 302 14.98 -13.14 27.49
CA GLY C 302 14.11 -13.75 28.47
C GLY C 302 14.76 -15.05 28.89
N ARG C 303 14.65 -16.06 28.03
CA ARG C 303 15.23 -17.37 28.30
C ARG C 303 16.75 -17.34 28.46
N ALA C 304 17.43 -16.57 27.60
CA ALA C 304 18.89 -16.48 27.65
C ALA C 304 19.46 -15.86 28.92
N LEU C 305 18.59 -15.34 29.78
CA LEU C 305 19.04 -14.76 31.05
C LEU C 305 18.47 -15.55 32.24
N GLN C 306 17.47 -16.37 31.98
CA GLN C 306 16.81 -17.13 33.06
C GLN C 306 16.97 -18.65 33.07
N ALA C 307 17.42 -19.23 31.96
CA ALA C 307 17.58 -20.68 31.86
C ALA C 307 18.24 -21.33 33.07
N SER C 308 19.50 -20.98 33.32
CA SER C 308 20.23 -21.55 34.44
C SER C 308 19.67 -21.19 35.82
N ALA C 309 19.27 -19.92 35.97
CA ALA C 309 18.71 -19.48 37.25
C ALA C 309 17.49 -20.29 37.61
N LEU C 310 16.58 -20.43 36.64
CA LEU C 310 15.36 -21.20 36.86
C LEU C 310 15.68 -22.62 37.29
N LYS C 311 16.66 -23.24 36.63
CA LYS C 311 17.05 -24.61 36.95
C LYS C 311 17.74 -24.71 38.30
N ALA C 312 18.62 -23.76 38.60
CA ALA C 312 19.35 -23.76 39.86
C ALA C 312 18.38 -23.58 41.03
N TRP C 313 17.28 -22.86 40.79
CA TRP C 313 16.28 -22.61 41.82
C TRP C 313 15.47 -23.87 42.13
N GLY C 314 14.99 -24.53 41.08
CA GLY C 314 14.21 -25.74 41.25
C GLY C 314 12.95 -25.55 42.08
N GLY C 315 12.65 -24.30 42.41
CA GLY C 315 11.46 -24.01 43.20
C GLY C 315 11.72 -24.12 44.69
N LYS C 316 13.00 -24.16 45.06
CA LYS C 316 13.39 -24.28 46.46
C LYS C 316 14.02 -22.99 46.98
N LYS C 317 13.45 -22.44 48.04
CA LYS C 317 13.98 -21.20 48.63
C LYS C 317 15.44 -21.36 48.98
N GLU C 318 15.83 -22.58 49.33
CA GLU C 318 17.19 -22.89 49.72
C GLU C 318 18.20 -22.51 48.64
N ASN C 319 17.80 -22.66 47.38
CA ASN C 319 18.70 -22.36 46.26
C ASN C 319 18.64 -20.92 45.73
N LEU C 320 18.03 -20.03 46.50
CA LEU C 320 17.92 -18.63 46.09
C LEU C 320 19.22 -18.02 45.61
N LYS C 321 20.24 -18.03 46.47
CA LYS C 321 21.54 -17.46 46.14
C LYS C 321 22.19 -18.12 44.93
N ALA C 322 22.02 -19.43 44.83
CA ALA C 322 22.59 -20.18 43.70
C ALA C 322 21.92 -19.77 42.39
N ALA C 323 20.60 -19.60 42.45
CA ALA C 323 19.83 -19.22 41.27
C ALA C 323 20.12 -17.77 40.87
N GLN C 324 20.31 -16.89 41.85
CA GLN C 324 20.60 -15.49 41.55
C GLN C 324 21.98 -15.36 40.93
N GLU C 325 22.89 -16.23 41.35
CA GLU C 325 24.25 -16.22 40.86
C GLU C 325 24.28 -16.52 39.36
N GLU C 326 23.48 -17.50 38.95
CA GLU C 326 23.41 -17.87 37.53
C GLU C 326 22.91 -16.69 36.72
N TYR C 327 21.87 -16.02 37.20
CA TYR C 327 21.31 -14.87 36.52
C TYR C 327 22.34 -13.76 36.38
N VAL C 328 23.00 -13.44 37.48
CA VAL C 328 24.02 -12.40 37.49
C VAL C 328 25.12 -12.70 36.49
N LYS C 329 25.54 -13.95 36.42
CA LYS C 329 26.58 -14.34 35.47
C LYS C 329 26.17 -14.06 34.03
N ARG C 330 24.93 -14.37 33.67
CA ARG C 330 24.47 -14.11 32.30
C ARG C 330 24.31 -12.61 32.08
N ALA C 331 23.90 -11.90 33.12
CA ALA C 331 23.72 -10.45 33.02
C ALA C 331 25.08 -9.81 32.73
N LEU C 332 26.12 -10.31 33.40
CA LEU C 332 27.47 -9.79 33.21
C LEU C 332 27.97 -10.10 31.81
N ALA C 333 27.81 -11.35 31.38
CA ALA C 333 28.26 -11.79 30.07
C ALA C 333 27.66 -10.93 28.97
N ASN C 334 26.34 -10.77 29.01
CA ASN C 334 25.64 -10.00 27.99
C ASN C 334 25.95 -8.51 28.05
N SER C 335 26.28 -8.00 29.24
CA SER C 335 26.63 -6.60 29.36
C SER C 335 27.92 -6.41 28.57
N LEU C 336 28.83 -7.38 28.67
CA LEU C 336 30.09 -7.32 27.94
C LEU C 336 29.83 -7.54 26.45
N ALA C 337 28.89 -8.42 26.14
CA ALA C 337 28.55 -8.73 24.75
C ALA C 337 27.98 -7.55 23.98
N CYS C 338 27.15 -6.73 24.63
CA CYS C 338 26.57 -5.59 23.93
C CYS C 338 27.60 -4.48 23.75
N GLN C 339 28.84 -4.76 24.14
CA GLN C 339 29.93 -3.81 24.00
C GLN C 339 31.05 -4.45 23.18
N GLY C 340 30.83 -5.71 22.78
CA GLY C 340 31.82 -6.42 22.00
C GLY C 340 33.05 -6.75 22.82
N LYS C 341 32.87 -6.80 24.14
CA LYS C 341 33.98 -7.09 25.05
C LYS C 341 33.82 -8.43 25.73
N TYR C 342 32.92 -9.26 25.21
CA TYR C 342 32.69 -10.57 25.79
C TYR C 342 33.72 -11.59 25.32
N THR C 343 34.18 -12.42 26.26
CA THR C 343 35.13 -13.48 25.97
C THR C 343 34.87 -14.62 26.94
N PRO C 344 35.11 -15.86 26.50
CA PRO C 344 34.88 -17.02 27.37
C PRO C 344 35.73 -16.90 28.63
N SER C 345 36.69 -15.97 28.59
CA SER C 345 37.58 -15.72 29.71
C SER C 345 36.80 -15.26 30.93
N GLY C 346 35.87 -14.34 30.71
CA GLY C 346 35.08 -13.83 31.81
C GLY C 346 34.66 -12.39 31.57
N GLN C 347 35.21 -11.49 32.37
CA GLN C 347 34.90 -10.08 32.24
C GLN C 347 36.16 -9.25 32.12
N ALA C 348 37.11 -9.77 31.34
CA ALA C 348 38.39 -9.11 31.12
C ALA C 348 38.81 -9.32 29.67
N SER C 359 34.12 -11.22 2.45
CA SER C 359 33.43 -10.25 1.61
C SER C 359 31.98 -10.08 2.06
N ASN C 360 31.60 -8.83 2.36
CA ASN C 360 30.24 -8.55 2.80
C ASN C 360 29.30 -8.46 1.60
N HIS C 361 29.87 -8.57 0.40
CA HIS C 361 29.07 -8.49 -0.82
C HIS C 361 28.32 -9.79 -1.04
N ALA C 362 28.65 -10.81 -0.26
CA ALA C 362 27.99 -12.10 -0.38
C ALA C 362 26.74 -12.10 0.50
N TYR C 363 26.41 -10.94 1.04
CA TYR C 363 25.24 -10.79 1.90
C TYR C 363 24.21 -9.87 1.28
N PRO D 1 0.20 -15.83 -3.59
CA PRO D 1 -0.19 -16.41 -4.89
C PRO D 1 -0.83 -17.77 -4.69
N HIS D 2 -0.73 -18.29 -3.46
CA HIS D 2 -1.30 -19.59 -3.13
C HIS D 2 -2.50 -19.44 -2.20
N SER D 3 -3.62 -20.05 -2.60
CA SER D 3 -4.86 -19.99 -1.85
C SER D 3 -4.92 -20.92 -0.64
N HIS D 4 -5.41 -20.38 0.47
CA HIS D 4 -5.57 -21.12 1.71
C HIS D 4 -6.96 -20.77 2.19
N PRO D 5 -7.99 -21.37 1.57
CA PRO D 5 -9.40 -21.15 1.86
C PRO D 5 -9.70 -20.78 3.31
N ALA D 6 -10.21 -19.57 3.49
CA ALA D 6 -10.55 -19.09 4.81
C ALA D 6 -11.89 -19.70 5.19
N LEU D 7 -12.68 -20.02 4.18
CA LEU D 7 -14.02 -20.59 4.39
C LEU D 7 -14.30 -21.81 3.51
N THR D 8 -15.08 -22.75 4.03
CA THR D 8 -15.46 -23.94 3.30
C THR D 8 -16.72 -23.58 2.51
N PRO D 9 -17.11 -24.41 1.54
CA PRO D 9 -18.32 -24.13 0.75
C PRO D 9 -19.55 -24.04 1.66
N GLU D 10 -19.57 -24.87 2.70
CA GLU D 10 -20.67 -24.90 3.65
C GLU D 10 -20.74 -23.57 4.41
N GLN D 11 -19.58 -23.06 4.82
CA GLN D 11 -19.53 -21.81 5.55
C GLN D 11 -19.96 -20.65 4.65
N LYS D 12 -19.50 -20.65 3.40
CA LYS D 12 -19.87 -19.59 2.46
C LYS D 12 -21.38 -19.57 2.28
N LYS D 13 -21.98 -20.74 2.10
CA LYS D 13 -23.41 -20.84 1.91
C LYS D 13 -24.17 -20.21 3.07
N GLU D 14 -23.78 -20.54 4.29
CA GLU D 14 -24.44 -20.01 5.47
C GLU D 14 -24.39 -18.47 5.47
N LEU D 15 -23.20 -17.92 5.25
CA LEU D 15 -23.02 -16.48 5.24
C LEU D 15 -23.82 -15.83 4.10
N SER D 16 -23.75 -16.42 2.91
CA SER D 16 -24.47 -15.88 1.77
C SER D 16 -25.98 -15.91 2.00
N ASP D 17 -26.48 -17.04 2.50
CA ASP D 17 -27.92 -17.17 2.76
C ASP D 17 -28.35 -16.13 3.77
N ILE D 18 -27.56 -15.98 4.83
CA ILE D 18 -27.87 -15.00 5.86
C ILE D 18 -27.94 -13.59 5.29
N ALA D 19 -26.92 -13.21 4.52
CA ALA D 19 -26.85 -11.87 3.94
C ALA D 19 -28.03 -11.57 3.01
N HIS D 20 -28.44 -12.55 2.21
CA HIS D 20 -29.56 -12.36 1.30
C HIS D 20 -30.88 -12.21 2.05
N ARG D 21 -31.04 -12.96 3.14
CA ARG D 21 -32.26 -12.88 3.92
C ARG D 21 -32.45 -11.48 4.47
N ILE D 22 -31.36 -10.88 4.94
CA ILE D 22 -31.40 -9.54 5.51
C ILE D 22 -31.85 -8.47 4.52
N VAL D 23 -31.39 -8.55 3.28
CA VAL D 23 -31.75 -7.56 2.28
C VAL D 23 -32.70 -8.09 1.22
N ALA D 24 -33.49 -9.10 1.58
CA ALA D 24 -34.46 -9.68 0.66
C ALA D 24 -35.30 -8.52 0.13
N PRO D 25 -35.83 -8.65 -1.09
CA PRO D 25 -36.65 -7.56 -1.64
C PRO D 25 -37.67 -6.95 -0.69
N GLY D 26 -37.71 -5.62 -0.65
CA GLY D 26 -38.63 -4.91 0.20
C GLY D 26 -38.20 -4.84 1.65
N LYS D 27 -37.14 -5.56 2.02
CA LYS D 27 -36.68 -5.57 3.40
C LYS D 27 -35.49 -4.67 3.72
N GLY D 28 -35.44 -4.21 4.96
CA GLY D 28 -34.36 -3.36 5.41
C GLY D 28 -33.96 -3.69 6.83
N ILE D 29 -33.07 -2.89 7.40
CA ILE D 29 -32.58 -3.10 8.75
C ILE D 29 -32.95 -2.00 9.73
N LEU D 30 -33.37 -2.41 10.93
CA LEU D 30 -33.67 -1.45 11.98
C LEU D 30 -32.42 -1.44 12.82
N ALA D 31 -31.78 -0.28 12.91
CA ALA D 31 -30.56 -0.16 13.68
C ALA D 31 -30.85 0.41 15.05
N ALA D 32 -31.04 -0.48 16.03
CA ALA D 32 -31.33 -0.08 17.40
C ALA D 32 -30.16 -0.43 18.30
N ASP D 33 -28.95 -0.33 17.75
CA ASP D 33 -27.74 -0.67 18.49
C ASP D 33 -27.07 0.48 19.24
N GLU D 34 -27.83 1.51 19.61
CA GLU D 34 -27.25 2.63 20.33
C GLU D 34 -26.67 2.16 21.66
N SER D 35 -25.45 2.59 21.97
CA SER D 35 -24.80 2.20 23.21
C SER D 35 -25.50 2.89 24.37
N THR D 36 -25.12 2.53 25.59
CA THR D 36 -25.70 3.12 26.78
C THR D 36 -25.55 4.65 26.76
N GLY D 37 -24.36 5.11 26.43
CA GLY D 37 -24.10 6.54 26.39
C GLY D 37 -24.73 7.22 25.19
N SER D 38 -25.04 6.44 24.16
CA SER D 38 -25.65 6.97 22.94
C SER D 38 -27.16 7.10 23.06
N ILE D 39 -27.81 6.03 23.51
CA ILE D 39 -29.27 6.04 23.66
C ILE D 39 -29.66 7.03 24.76
N ALA D 40 -28.76 7.21 25.72
CA ALA D 40 -29.00 8.13 26.83
C ALA D 40 -29.30 9.52 26.28
N LYS D 41 -28.61 9.89 25.21
CA LYS D 41 -28.80 11.19 24.58
C LYS D 41 -30.22 11.27 24.03
N ARG D 42 -30.66 10.17 23.42
CA ARG D 42 -32.00 10.09 22.84
C ARG D 42 -33.08 10.19 23.92
N LEU D 43 -32.92 9.40 24.97
CA LEU D 43 -33.88 9.39 26.07
C LEU D 43 -33.88 10.74 26.78
N GLN D 44 -32.74 11.43 26.71
CA GLN D 44 -32.61 12.73 27.34
C GLN D 44 -33.42 13.79 26.61
N SER D 45 -33.55 13.64 25.30
CA SER D 45 -34.31 14.57 24.48
C SER D 45 -35.81 14.42 24.69
N ILE D 46 -36.20 13.48 25.55
CA ILE D 46 -37.61 13.25 25.83
C ILE D 46 -37.86 13.13 27.33
N GLY D 47 -37.05 13.85 28.10
CA GLY D 47 -37.19 13.85 29.55
C GLY D 47 -37.29 12.48 30.19
N THR D 48 -36.66 11.49 29.56
CA THR D 48 -36.66 10.13 30.10
C THR D 48 -35.25 9.80 30.57
N GLU D 49 -35.12 9.46 31.86
CA GLU D 49 -33.81 9.12 32.40
C GLU D 49 -33.32 7.80 31.81
N ASN D 50 -32.02 7.70 31.59
CA ASN D 50 -31.42 6.50 31.04
C ASN D 50 -31.22 5.41 32.08
N THR D 51 -32.17 4.48 32.13
CA THR D 51 -32.10 3.36 33.06
C THR D 51 -32.21 2.08 32.23
N GLU D 52 -31.78 0.96 32.79
CA GLU D 52 -31.85 -0.30 32.04
C GLU D 52 -33.29 -0.62 31.65
N GLU D 53 -34.22 -0.36 32.56
CA GLU D 53 -35.63 -0.62 32.29
C GLU D 53 -36.20 0.25 31.19
N ASN D 54 -35.92 1.55 31.24
CA ASN D 54 -36.42 2.45 30.20
C ASN D 54 -35.88 2.00 28.85
N ARG D 55 -34.60 1.64 28.81
CA ARG D 55 -34.00 1.19 27.57
C ARG D 55 -34.68 -0.10 27.12
N ARG D 56 -34.85 -1.05 28.04
CA ARG D 56 -35.49 -2.32 27.72
C ARG D 56 -36.87 -2.05 27.14
N PHE D 57 -37.65 -1.22 27.82
CA PHE D 57 -39.00 -0.89 27.38
C PHE D 57 -38.99 -0.27 25.99
N TYR D 58 -38.09 0.68 25.78
CA TYR D 58 -38.02 1.34 24.48
C TYR D 58 -37.71 0.35 23.36
N ARG D 59 -36.74 -0.53 23.58
CA ARG D 59 -36.39 -1.53 22.58
C ARG D 59 -37.57 -2.48 22.36
N GLN D 60 -38.27 -2.82 23.44
CA GLN D 60 -39.43 -3.71 23.34
C GLN D 60 -40.48 -3.03 22.48
N LEU D 61 -40.66 -1.74 22.68
CA LEU D 61 -41.65 -0.97 21.94
C LEU D 61 -41.44 -1.12 20.43
N LEU D 62 -40.19 -1.03 20.00
CA LEU D 62 -39.85 -1.15 18.58
C LEU D 62 -39.89 -2.60 18.10
N LEU D 63 -39.26 -3.49 18.85
CA LEU D 63 -39.19 -4.89 18.47
C LEU D 63 -40.52 -5.64 18.45
N THR D 64 -41.48 -5.18 19.25
CA THR D 64 -42.78 -5.87 19.31
C THR D 64 -43.89 -5.17 18.52
N ALA D 65 -43.53 -4.36 17.53
CA ALA D 65 -44.52 -3.67 16.72
C ALA D 65 -45.38 -4.72 16.03
N ASP D 66 -46.55 -4.32 15.52
CA ASP D 66 -47.46 -5.26 14.87
C ASP D 66 -46.86 -5.88 13.61
N ASP D 67 -47.40 -7.02 13.21
CA ASP D 67 -46.93 -7.77 12.05
C ASP D 67 -46.78 -7.03 10.73
N ARG D 68 -47.20 -5.76 10.68
CA ARG D 68 -47.07 -4.99 9.45
C ARG D 68 -45.62 -4.70 9.12
N VAL D 69 -44.75 -4.77 10.14
CA VAL D 69 -43.32 -4.50 9.94
C VAL D 69 -42.56 -5.72 9.44
N ASN D 70 -43.10 -6.91 9.73
CA ASN D 70 -42.47 -8.17 9.33
C ASN D 70 -41.90 -8.18 7.91
N PRO D 71 -42.70 -7.75 6.91
CA PRO D 71 -42.22 -7.73 5.52
C PRO D 71 -41.20 -6.62 5.28
N CYS D 72 -41.21 -5.62 6.15
CA CYS D 72 -40.30 -4.47 6.03
C CYS D 72 -38.93 -4.69 6.67
N ILE D 73 -38.88 -5.48 7.73
CA ILE D 73 -37.64 -5.70 8.46
C ILE D 73 -36.94 -7.03 8.23
N GLY D 74 -35.80 -6.98 7.55
CA GLY D 74 -35.03 -8.18 7.29
C GLY D 74 -34.08 -8.47 8.43
N GLY D 75 -33.72 -7.42 9.16
CA GLY D 75 -32.81 -7.59 10.27
C GLY D 75 -32.89 -6.46 11.27
N VAL D 76 -32.41 -6.72 12.47
CA VAL D 76 -32.41 -5.73 13.55
C VAL D 76 -31.06 -5.77 14.24
N ILE D 77 -30.40 -4.63 14.32
CA ILE D 77 -29.10 -4.56 14.98
C ILE D 77 -29.34 -4.16 16.42
N LEU D 78 -28.77 -4.92 17.34
CA LEU D 78 -28.92 -4.64 18.76
C LEU D 78 -27.57 -4.37 19.41
N PHE D 79 -27.63 -3.79 20.60
CA PHE D 79 -26.45 -3.51 21.40
C PHE D 79 -26.35 -4.71 22.33
N HIS D 80 -25.15 -4.99 22.85
CA HIS D 80 -24.94 -6.12 23.74
C HIS D 80 -26.07 -6.33 24.77
N GLU D 81 -26.32 -5.29 25.56
CA GLU D 81 -27.36 -5.34 26.60
C GLU D 81 -28.71 -5.87 26.11
N THR D 82 -29.22 -5.25 25.06
CA THR D 82 -30.51 -5.61 24.49
C THR D 82 -30.55 -7.06 24.00
N LEU D 83 -29.43 -7.59 23.56
CA LEU D 83 -29.37 -8.95 23.05
C LEU D 83 -29.74 -9.97 24.13
N TYR D 84 -29.50 -9.59 25.38
CA TYR D 84 -29.79 -10.48 26.51
C TYR D 84 -30.97 -10.04 27.36
N GLN D 85 -31.76 -9.12 26.84
CA GLN D 85 -32.95 -8.65 27.55
C GLN D 85 -34.18 -9.41 27.05
N LYS D 86 -35.25 -9.39 27.84
CA LYS D 86 -36.47 -10.09 27.49
C LYS D 86 -37.68 -9.17 27.42
N ALA D 87 -38.67 -9.56 26.62
CA ALA D 87 -39.89 -8.79 26.48
C ALA D 87 -40.76 -9.10 27.71
N ASP D 88 -41.86 -8.36 27.87
CA ASP D 88 -42.74 -8.57 29.03
C ASP D 88 -43.29 -9.99 29.11
N ASP D 89 -43.35 -10.69 27.98
CA ASP D 89 -43.85 -12.06 27.96
C ASP D 89 -42.75 -13.08 28.25
N GLY D 90 -41.60 -12.60 28.67
CA GLY D 90 -40.49 -13.50 28.99
C GLY D 90 -39.62 -13.95 27.83
N ARG D 91 -40.01 -13.61 26.60
CA ARG D 91 -39.23 -14.01 25.44
C ARG D 91 -37.99 -13.14 25.21
N PRO D 92 -36.82 -13.78 25.05
CA PRO D 92 -35.60 -13.00 24.82
C PRO D 92 -35.82 -12.19 23.53
N PHE D 93 -35.34 -10.95 23.51
CA PHE D 93 -35.53 -10.13 22.32
C PHE D 93 -35.11 -10.81 21.02
N PRO D 94 -34.02 -11.59 21.01
CA PRO D 94 -33.62 -12.24 19.76
C PRO D 94 -34.72 -13.18 19.26
N GLN D 95 -35.41 -13.84 20.19
CA GLN D 95 -36.50 -14.75 19.84
C GLN D 95 -37.64 -13.91 19.28
N VAL D 96 -37.91 -12.77 19.89
CA VAL D 96 -38.97 -11.88 19.42
C VAL D 96 -38.70 -11.48 17.98
N ILE D 97 -37.47 -11.05 17.72
CA ILE D 97 -37.07 -10.65 16.38
C ILE D 97 -37.22 -11.78 15.37
N LYS D 98 -36.73 -12.97 15.71
CA LYS D 98 -36.83 -14.10 14.80
C LYS D 98 -38.28 -14.50 14.52
N SER D 99 -39.11 -14.53 15.56
CA SER D 99 -40.51 -14.92 15.39
C SER D 99 -41.22 -14.04 14.37
N LYS D 100 -40.68 -12.84 14.15
CA LYS D 100 -41.25 -11.91 13.19
C LYS D 100 -40.55 -11.95 11.83
N GLY D 101 -39.78 -13.02 11.61
CA GLY D 101 -39.07 -13.18 10.36
C GLY D 101 -37.80 -12.36 10.20
N GLY D 102 -37.32 -11.79 11.30
CA GLY D 102 -36.11 -10.98 11.22
C GLY D 102 -34.85 -11.70 11.65
N VAL D 103 -33.72 -11.27 11.10
CA VAL D 103 -32.42 -11.84 11.45
C VAL D 103 -31.86 -10.96 12.56
N VAL D 104 -31.20 -11.57 13.54
CA VAL D 104 -30.65 -10.80 14.65
C VAL D 104 -29.20 -10.41 14.42
N GLY D 105 -28.91 -9.13 14.62
CA GLY D 105 -27.57 -8.62 14.45
C GLY D 105 -27.05 -8.00 15.72
N ILE D 106 -25.74 -8.02 15.90
CA ILE D 106 -25.11 -7.48 17.10
C ILE D 106 -23.98 -6.51 16.74
N LYS D 107 -24.01 -5.33 17.35
CA LYS D 107 -22.95 -4.34 17.11
C LYS D 107 -21.77 -4.84 17.94
N VAL D 108 -20.60 -4.92 17.34
CA VAL D 108 -19.43 -5.43 18.06
C VAL D 108 -18.24 -4.49 18.23
N ASP D 109 -18.28 -3.30 17.62
CA ASP D 109 -17.15 -2.40 17.80
C ASP D 109 -17.20 -1.77 19.18
N LYS D 110 -16.06 -1.23 19.62
CA LYS D 110 -15.98 -0.61 20.94
C LYS D 110 -15.71 0.89 20.82
N GLY D 111 -16.29 1.52 19.80
CA GLY D 111 -16.14 2.94 19.62
C GLY D 111 -14.88 3.42 18.93
N VAL D 112 -14.87 4.70 18.59
CA VAL D 112 -13.73 5.32 17.92
C VAL D 112 -12.69 5.79 18.92
N VAL D 113 -11.46 5.88 18.45
CA VAL D 113 -10.34 6.35 19.26
C VAL D 113 -9.56 7.28 18.33
N PRO D 114 -8.89 8.30 18.89
CA PRO D 114 -8.14 9.23 18.06
C PRO D 114 -6.86 8.67 17.43
N LEU D 115 -6.60 9.09 16.19
CA LEU D 115 -5.39 8.69 15.49
C LEU D 115 -4.38 9.80 15.74
N ALA D 116 -3.31 9.49 16.44
CA ALA D 116 -2.29 10.48 16.74
C ALA D 116 -1.68 11.01 15.44
N GLY D 117 -1.33 12.29 15.43
CA GLY D 117 -0.74 12.88 14.24
C GLY D 117 -1.70 13.26 13.13
N THR D 118 -3.00 13.19 13.41
CA THR D 118 -4.01 13.56 12.41
C THR D 118 -4.81 14.75 12.92
N ASN D 119 -5.56 15.37 12.02
CA ASN D 119 -6.37 16.51 12.40
C ASN D 119 -7.74 16.04 12.92
N GLY D 120 -7.75 15.53 14.15
CA GLY D 120 -8.98 15.06 14.76
C GLY D 120 -9.59 13.82 14.15
N GLU D 121 -8.78 13.02 13.46
CA GLU D 121 -9.29 11.81 12.85
C GLU D 121 -9.25 10.62 13.80
N THR D 122 -10.03 9.60 13.47
CA THR D 122 -10.13 8.42 14.31
C THR D 122 -10.11 7.11 13.56
N THR D 123 -9.95 6.03 14.34
CA THR D 123 -10.04 4.69 13.82
C THR D 123 -11.00 4.06 14.83
N THR D 124 -11.30 2.78 14.69
CA THR D 124 -12.24 2.14 15.61
C THR D 124 -11.62 0.92 16.27
N GLN D 125 -11.92 0.73 17.57
CA GLN D 125 -11.39 -0.41 18.31
C GLN D 125 -12.46 -1.45 18.56
N GLY D 126 -12.05 -2.62 19.05
CA GLY D 126 -12.99 -3.68 19.33
C GLY D 126 -12.60 -5.06 18.82
N LEU D 127 -11.37 -5.22 18.30
CA LEU D 127 -10.94 -6.52 17.79
C LEU D 127 -10.55 -7.54 18.87
N ASP D 128 -10.08 -7.05 20.01
CA ASP D 128 -9.66 -7.95 21.09
C ASP D 128 -10.75 -8.89 21.58
N GLY D 129 -10.47 -10.19 21.46
CA GLY D 129 -11.44 -11.20 21.89
C GLY D 129 -12.69 -11.22 21.02
N LEU D 130 -12.65 -10.59 19.86
CA LEU D 130 -13.82 -10.57 18.98
C LEU D 130 -14.23 -11.97 18.55
N SER D 131 -13.27 -12.85 18.32
CA SER D 131 -13.59 -14.21 17.89
C SER D 131 -14.49 -14.92 18.91
N GLU D 132 -14.05 -14.91 20.17
CA GLU D 132 -14.82 -15.55 21.24
C GLU D 132 -16.19 -14.91 21.38
N ARG D 133 -16.22 -13.58 21.26
CA ARG D 133 -17.48 -12.85 21.37
C ARG D 133 -18.46 -13.22 20.27
N CYS D 134 -17.95 -13.36 19.04
CA CYS D 134 -18.79 -13.73 17.91
C CYS D 134 -19.33 -15.16 18.05
N ALA D 135 -18.49 -16.07 18.54
CA ALA D 135 -18.91 -17.46 18.72
C ALA D 135 -20.05 -17.48 19.72
N GLN D 136 -19.94 -16.65 20.76
CA GLN D 136 -20.96 -16.59 21.79
C GLN D 136 -22.22 -15.92 21.26
N TYR D 137 -22.08 -14.80 20.56
CA TYR D 137 -23.23 -14.10 20.00
C TYR D 137 -23.98 -15.02 19.03
N LYS D 138 -23.23 -15.80 18.26
CA LYS D 138 -23.83 -16.73 17.31
C LYS D 138 -24.72 -17.72 18.07
N LYS D 139 -24.17 -18.33 19.11
CA LYS D 139 -24.93 -19.29 19.92
C LYS D 139 -26.17 -18.65 20.52
N ASP D 140 -26.10 -17.36 20.81
CA ASP D 140 -27.23 -16.68 21.40
C ASP D 140 -28.22 -16.05 20.42
N GLY D 141 -28.18 -16.48 19.17
CA GLY D 141 -29.14 -15.98 18.19
C GLY D 141 -28.74 -14.96 17.13
N ALA D 142 -27.57 -14.35 17.25
CA ALA D 142 -27.13 -13.36 16.27
C ALA D 142 -26.51 -14.03 15.04
N ASP D 143 -26.87 -13.54 13.86
CA ASP D 143 -26.34 -14.07 12.61
C ASP D 143 -25.51 -13.05 11.81
N PHE D 144 -25.60 -11.78 12.17
CA PHE D 144 -24.79 -10.76 11.51
C PHE D 144 -24.33 -9.75 12.54
N ALA D 145 -23.34 -8.95 12.19
CA ALA D 145 -22.81 -7.96 13.11
C ALA D 145 -22.56 -6.63 12.40
N LYS D 146 -22.24 -5.61 13.18
CA LYS D 146 -21.97 -4.29 12.61
C LYS D 146 -20.78 -3.68 13.32
N TRP D 147 -19.96 -2.96 12.55
CA TRP D 147 -18.77 -2.30 13.07
C TRP D 147 -18.72 -0.96 12.36
N ARG D 148 -18.65 0.12 13.13
CA ARG D 148 -18.65 1.45 12.55
C ARG D 148 -17.33 2.20 12.59
N CYS D 149 -16.88 2.65 11.44
CA CYS D 149 -15.68 3.46 11.33
C CYS D 149 -16.18 4.82 10.93
N VAL D 150 -15.53 5.88 11.41
CA VAL D 150 -15.98 7.22 11.10
C VAL D 150 -14.90 8.10 10.47
N LEU D 151 -15.22 8.66 9.31
CA LEU D 151 -14.33 9.54 8.59
C LEU D 151 -15.01 10.89 8.41
N LYS D 152 -14.23 11.94 8.27
CA LYS D 152 -14.78 13.28 8.12
C LYS D 152 -14.18 14.04 6.96
N ILE D 153 -15.00 14.77 6.22
CA ILE D 153 -14.52 15.54 5.09
C ILE D 153 -14.11 16.91 5.59
N GLY D 154 -12.87 17.28 5.32
CA GLY D 154 -12.33 18.56 5.73
C GLY D 154 -11.22 18.98 4.79
N GLU D 155 -10.47 20.01 5.16
CA GLU D 155 -9.38 20.46 4.30
C GLU D 155 -8.29 19.41 4.11
N HIS D 156 -7.91 18.73 5.18
CA HIS D 156 -6.86 17.72 5.10
C HIS D 156 -7.37 16.31 5.42
N THR D 157 -8.69 16.16 5.51
CA THR D 157 -9.28 14.86 5.83
C THR D 157 -10.37 14.48 4.83
N PRO D 158 -10.59 13.16 4.65
CA PRO D 158 -9.85 12.10 5.34
C PRO D 158 -8.43 11.94 4.80
N SER D 159 -7.48 11.71 5.70
CA SER D 159 -6.08 11.53 5.32
C SER D 159 -5.80 10.13 4.79
N ALA D 160 -4.65 9.97 4.15
CA ALA D 160 -4.26 8.67 3.61
C ALA D 160 -4.22 7.64 4.74
N LEU D 161 -3.66 8.05 5.89
CA LEU D 161 -3.58 7.16 7.04
C LEU D 161 -4.96 6.75 7.56
N ALA D 162 -5.84 7.73 7.72
CA ALA D 162 -7.18 7.45 8.22
C ALA D 162 -7.91 6.46 7.32
N ILE D 163 -7.83 6.70 6.02
CA ILE D 163 -8.50 5.82 5.06
C ILE D 163 -7.92 4.42 5.11
N MET D 164 -6.60 4.31 5.06
CA MET D 164 -5.94 3.02 5.10
C MET D 164 -6.23 2.25 6.40
N GLU D 165 -6.01 2.90 7.55
CA GLU D 165 -6.23 2.26 8.86
C GLU D 165 -7.68 1.82 9.05
N ASN D 166 -8.62 2.72 8.79
CA ASN D 166 -10.03 2.36 8.96
C ASN D 166 -10.41 1.20 8.03
N ALA D 167 -9.90 1.23 6.81
CA ALA D 167 -10.19 0.17 5.84
C ALA D 167 -9.61 -1.16 6.33
N ASN D 168 -8.44 -1.10 6.93
CA ASN D 168 -7.76 -2.31 7.44
C ASN D 168 -8.50 -2.92 8.63
N VAL D 169 -8.89 -2.09 9.59
CA VAL D 169 -9.57 -2.62 10.76
C VAL D 169 -10.94 -3.21 10.40
N LEU D 170 -11.61 -2.62 9.42
CA LEU D 170 -12.90 -3.14 8.98
C LEU D 170 -12.65 -4.55 8.43
N ALA D 171 -11.56 -4.69 7.67
CA ALA D 171 -11.21 -5.99 7.09
C ALA D 171 -10.94 -7.04 8.16
N ARG D 172 -10.22 -6.63 9.22
CA ARG D 172 -9.92 -7.55 10.31
C ARG D 172 -11.21 -8.01 11.00
N TYR D 173 -12.09 -7.06 11.25
CA TYR D 173 -13.37 -7.34 11.88
C TYR D 173 -14.22 -8.29 11.02
N ALA D 174 -14.28 -8.01 9.72
CA ALA D 174 -15.07 -8.84 8.81
C ALA D 174 -14.52 -10.26 8.74
N SER D 175 -13.20 -10.37 8.80
CA SER D 175 -12.53 -11.66 8.74
C SER D 175 -12.89 -12.51 9.95
N ILE D 176 -12.79 -11.93 11.13
CA ILE D 176 -13.09 -12.63 12.36
C ILE D 176 -14.57 -13.04 12.38
N CYS D 177 -15.44 -12.13 11.95
CA CYS D 177 -16.87 -12.43 11.91
C CYS D 177 -17.18 -13.66 11.05
N GLN D 178 -16.69 -13.66 9.81
CA GLN D 178 -16.96 -14.77 8.90
C GLN D 178 -16.42 -16.11 9.39
N GLN D 179 -15.39 -16.08 10.23
CA GLN D 179 -14.83 -17.31 10.78
C GLN D 179 -15.77 -17.90 11.83
N ASN D 180 -16.75 -17.09 12.26
CA ASN D 180 -17.71 -17.54 13.26
C ASN D 180 -19.15 -17.59 12.78
N GLY D 181 -19.32 -17.71 11.46
CA GLY D 181 -20.67 -17.78 10.89
C GLY D 181 -21.50 -16.53 11.01
N ILE D 182 -20.86 -15.38 11.22
CA ILE D 182 -21.56 -14.11 11.35
C ILE D 182 -21.29 -13.22 10.13
N VAL D 183 -22.36 -12.68 9.55
CA VAL D 183 -22.24 -11.80 8.40
C VAL D 183 -21.83 -10.41 8.87
N PRO D 184 -20.66 -9.93 8.41
CA PRO D 184 -20.24 -8.60 8.84
C PRO D 184 -20.79 -7.47 7.97
N ILE D 185 -21.40 -6.48 8.61
CA ILE D 185 -21.87 -5.31 7.89
C ILE D 185 -20.71 -4.33 8.02
N VAL D 186 -20.11 -4.00 6.89
CA VAL D 186 -18.97 -3.08 6.84
C VAL D 186 -19.47 -1.64 6.77
N GLU D 187 -19.24 -0.86 7.83
CA GLU D 187 -19.72 0.53 7.85
C GLU D 187 -18.65 1.60 7.89
N PRO D 188 -18.23 2.09 6.71
CA PRO D 188 -17.23 3.15 6.61
C PRO D 188 -18.01 4.46 6.45
N GLU D 189 -18.51 5.01 7.56
CA GLU D 189 -19.29 6.23 7.45
C GLU D 189 -18.49 7.51 7.28
N ILE D 190 -18.81 8.25 6.23
CA ILE D 190 -18.18 9.53 5.97
C ILE D 190 -19.23 10.54 6.42
N LEU D 191 -18.97 11.20 7.53
CA LEU D 191 -19.91 12.18 8.09
C LEU D 191 -20.32 13.27 7.11
N PRO D 192 -21.55 13.81 7.28
CA PRO D 192 -22.02 14.86 6.37
C PRO D 192 -21.55 16.23 6.87
N ASP D 193 -20.88 16.24 8.01
CA ASP D 193 -20.35 17.45 8.63
C ASP D 193 -19.51 18.31 7.69
N GLY D 194 -19.84 19.59 7.60
CA GLY D 194 -19.07 20.49 6.74
C GLY D 194 -19.88 21.20 5.66
N ASP D 195 -19.21 22.08 4.92
CA ASP D 195 -19.88 22.82 3.86
C ASP D 195 -19.44 22.38 2.47
N HIS D 196 -18.91 21.17 2.37
CA HIS D 196 -18.48 20.64 1.08
C HIS D 196 -19.72 20.39 0.20
N ASP D 197 -19.53 20.33 -1.11
CA ASP D 197 -20.67 20.09 -2.00
C ASP D 197 -20.84 18.62 -2.36
N LEU D 198 -21.79 18.35 -3.24
CA LEU D 198 -22.09 16.98 -3.65
C LEU D 198 -20.91 16.25 -4.30
N LYS D 199 -20.26 16.87 -5.28
CA LYS D 199 -19.14 16.22 -5.94
C LYS D 199 -17.97 15.94 -5.00
N ARG D 200 -17.80 16.78 -3.97
CA ARG D 200 -16.71 16.57 -3.02
C ARG D 200 -17.00 15.26 -2.26
N CYS D 201 -18.23 15.11 -1.78
CA CYS D 201 -18.62 13.92 -1.05
C CYS D 201 -18.52 12.68 -1.95
N GLN D 202 -18.91 12.82 -3.22
CA GLN D 202 -18.83 11.70 -4.14
C GLN D 202 -17.38 11.27 -4.32
N TYR D 203 -16.50 12.24 -4.52
CA TYR D 203 -15.08 11.97 -4.68
C TYR D 203 -14.53 11.17 -3.50
N VAL D 204 -14.74 11.70 -2.30
CA VAL D 204 -14.26 11.05 -1.08
C VAL D 204 -14.87 9.67 -0.87
N THR D 205 -16.18 9.55 -1.09
CA THR D 205 -16.83 8.27 -0.94
C THR D 205 -16.23 7.23 -1.90
N GLU D 206 -15.93 7.64 -3.13
CA GLU D 206 -15.33 6.72 -4.09
C GLU D 206 -13.94 6.27 -3.62
N LYS D 207 -13.14 7.20 -3.12
CA LYS D 207 -11.80 6.87 -2.66
C LYS D 207 -11.86 5.96 -1.43
N VAL D 208 -12.77 6.27 -0.52
CA VAL D 208 -12.92 5.47 0.69
C VAL D 208 -13.37 4.05 0.37
N LEU D 209 -14.39 3.91 -0.47
CA LEU D 209 -14.87 2.58 -0.80
C LEU D 209 -13.83 1.77 -1.58
N ALA D 210 -13.05 2.44 -2.43
CA ALA D 210 -12.02 1.74 -3.19
C ALA D 210 -11.03 1.15 -2.18
N ALA D 211 -10.69 1.93 -1.16
CA ALA D 211 -9.75 1.48 -0.14
C ALA D 211 -10.34 0.33 0.67
N VAL D 212 -11.61 0.45 1.02
CA VAL D 212 -12.30 -0.57 1.79
C VAL D 212 -12.29 -1.92 1.09
N TYR D 213 -12.67 -1.94 -0.19
CA TYR D 213 -12.69 -3.21 -0.91
C TYR D 213 -11.31 -3.77 -1.22
N LYS D 214 -10.29 -2.93 -1.36
CA LYS D 214 -8.95 -3.45 -1.59
C LYS D 214 -8.53 -4.17 -0.30
N ALA D 215 -8.81 -3.55 0.84
CA ALA D 215 -8.45 -4.14 2.13
C ALA D 215 -9.20 -5.45 2.35
N LEU D 216 -10.49 -5.47 1.99
CA LEU D 216 -11.27 -6.67 2.14
C LEU D 216 -10.70 -7.77 1.26
N SER D 217 -10.14 -7.41 0.11
CA SER D 217 -9.54 -8.41 -0.77
C SER D 217 -8.24 -8.93 -0.15
N ASP D 218 -7.40 -8.01 0.34
CA ASP D 218 -6.13 -8.40 0.96
C ASP D 218 -6.36 -9.35 2.14
N HIS D 219 -7.47 -9.17 2.85
CA HIS D 219 -7.78 -9.99 4.01
C HIS D 219 -8.64 -11.22 3.68
N HIS D 220 -8.80 -11.50 2.39
CA HIS D 220 -9.54 -12.67 1.93
C HIS D 220 -11.00 -12.71 2.40
N ILE D 221 -11.68 -11.58 2.32
CA ILE D 221 -13.08 -11.53 2.75
C ILE D 221 -14.03 -12.03 1.66
N TYR D 222 -14.99 -12.85 2.07
CA TYR D 222 -16.00 -13.42 1.17
C TYR D 222 -17.08 -12.35 1.01
N LEU D 223 -16.99 -11.56 -0.05
CA LEU D 223 -17.93 -10.48 -0.30
C LEU D 223 -19.41 -10.87 -0.31
N GLU D 224 -19.72 -12.03 -0.88
CA GLU D 224 -21.10 -12.49 -0.93
C GLU D 224 -21.68 -12.67 0.48
N GLY D 225 -20.81 -12.81 1.47
CA GLY D 225 -21.24 -12.99 2.84
C GLY D 225 -21.03 -11.72 3.66
N THR D 226 -21.26 -10.57 3.03
CA THR D 226 -21.10 -9.29 3.70
C THR D 226 -22.14 -8.31 3.18
N LEU D 227 -22.25 -7.19 3.86
CA LEU D 227 -23.17 -6.12 3.47
C LEU D 227 -22.37 -4.85 3.66
N LEU D 228 -22.75 -3.80 2.95
CA LEU D 228 -22.07 -2.52 3.06
C LEU D 228 -23.05 -1.51 3.61
N LYS D 229 -22.62 -0.76 4.62
CA LYS D 229 -23.47 0.27 5.20
C LYS D 229 -22.75 1.60 5.04
N PRO D 230 -22.91 2.23 3.87
CA PRO D 230 -22.25 3.51 3.60
C PRO D 230 -23.19 4.69 3.73
N ASN D 231 -22.60 5.88 3.74
CA ASN D 231 -23.35 7.12 3.78
C ASN D 231 -23.84 7.29 2.36
N MET D 232 -24.95 7.98 2.18
CA MET D 232 -25.44 8.24 0.84
C MET D 232 -24.54 9.40 0.44
N VAL D 233 -24.43 9.67 -0.86
CA VAL D 233 -23.60 10.78 -1.30
C VAL D 233 -24.48 12.03 -1.32
N THR D 234 -24.16 12.97 -0.44
CA THR D 234 -24.92 14.20 -0.32
C THR D 234 -23.96 15.35 -0.04
N PRO D 235 -24.40 16.60 -0.26
CA PRO D 235 -23.50 17.72 0.02
C PRO D 235 -23.36 17.81 1.53
N GLY D 236 -22.43 18.64 2.00
CA GLY D 236 -22.24 18.80 3.42
C GLY D 236 -23.48 19.37 4.06
N HIS D 237 -23.63 19.17 5.37
CA HIS D 237 -24.80 19.67 6.08
C HIS D 237 -24.89 21.18 6.07
N ALA D 238 -23.75 21.85 5.87
CA ALA D 238 -23.71 23.31 5.86
C ALA D 238 -23.46 23.86 4.47
N CYS D 239 -23.62 23.02 3.45
CA CYS D 239 -23.42 23.44 2.07
C CYS D 239 -24.53 24.38 1.62
N THR D 240 -24.15 25.45 0.93
CA THR D 240 -25.11 26.43 0.43
C THR D 240 -25.87 25.91 -0.80
N GLN D 241 -25.12 25.42 -1.78
CA GLN D 241 -25.72 24.91 -3.01
C GLN D 241 -26.80 23.87 -2.71
N LYS D 242 -27.90 23.96 -3.46
CA LYS D 242 -29.02 23.03 -3.29
C LYS D 242 -29.01 21.96 -4.36
N TYR D 243 -29.43 20.76 -3.99
CA TYR D 243 -29.47 19.64 -4.93
C TYR D 243 -30.80 18.92 -4.82
N SER D 244 -31.21 18.27 -5.91
CA SER D 244 -32.45 17.52 -5.92
C SER D 244 -32.18 16.11 -5.42
N HIS D 245 -33.25 15.36 -5.16
CA HIS D 245 -33.11 13.98 -4.70
C HIS D 245 -32.58 13.11 -5.83
N GLU D 246 -32.89 13.49 -7.06
CA GLU D 246 -32.43 12.75 -8.22
C GLU D 246 -30.92 12.88 -8.36
N GLU D 247 -30.39 14.04 -8.00
CA GLU D 247 -28.96 14.29 -8.07
C GLU D 247 -28.22 13.52 -6.98
N ILE D 248 -28.79 13.54 -5.78
CA ILE D 248 -28.19 12.82 -4.67
C ILE D 248 -28.15 11.34 -5.04
N ALA D 249 -29.23 10.86 -5.66
CA ALA D 249 -29.33 9.46 -6.07
C ALA D 249 -28.29 9.12 -7.13
N MET D 250 -28.14 10.00 -8.11
CA MET D 250 -27.19 9.78 -9.19
C MET D 250 -25.76 9.73 -8.66
N ALA D 251 -25.41 10.65 -7.76
CA ALA D 251 -24.08 10.70 -7.19
C ALA D 251 -23.81 9.47 -6.31
N THR D 252 -24.81 9.06 -5.55
CA THR D 252 -24.69 7.90 -4.68
C THR D 252 -24.49 6.62 -5.49
N VAL D 253 -25.38 6.38 -6.45
CA VAL D 253 -25.31 5.18 -7.27
C VAL D 253 -24.05 5.14 -8.14
N THR D 254 -23.61 6.29 -8.62
CA THR D 254 -22.41 6.33 -9.45
C THR D 254 -21.20 5.96 -8.58
N ALA D 255 -21.13 6.53 -7.39
CA ALA D 255 -20.03 6.25 -6.47
C ALA D 255 -19.97 4.74 -6.19
N LEU D 256 -21.13 4.14 -5.92
CA LEU D 256 -21.18 2.70 -5.64
C LEU D 256 -20.80 1.84 -6.85
N ARG D 257 -21.29 2.20 -8.03
CA ARG D 257 -21.00 1.47 -9.25
C ARG D 257 -19.50 1.49 -9.59
N ARG D 258 -18.81 2.51 -9.13
CA ARG D 258 -17.38 2.66 -9.40
C ARG D 258 -16.48 1.99 -8.37
N THR D 259 -17.07 1.49 -7.28
CA THR D 259 -16.26 0.88 -6.22
C THR D 259 -16.72 -0.44 -5.62
N VAL D 260 -18.03 -0.68 -5.58
CA VAL D 260 -18.57 -1.90 -4.97
C VAL D 260 -18.76 -3.09 -5.92
N PRO D 261 -17.93 -4.14 -5.77
CA PRO D 261 -18.04 -5.33 -6.62
C PRO D 261 -19.45 -5.90 -6.60
N PRO D 262 -19.94 -6.40 -7.75
CA PRO D 262 -21.28 -6.98 -7.85
C PRO D 262 -21.52 -8.11 -6.85
N ALA D 263 -20.44 -8.78 -6.44
CA ALA D 263 -20.54 -9.88 -5.48
C ALA D 263 -21.08 -9.47 -4.12
N VAL D 264 -20.92 -8.19 -3.76
CA VAL D 264 -21.44 -7.71 -2.48
C VAL D 264 -22.95 -7.94 -2.52
N THR D 265 -23.47 -8.65 -1.53
CA THR D 265 -24.89 -8.96 -1.52
C THR D 265 -25.84 -7.77 -1.40
N GLY D 266 -25.49 -6.77 -0.60
CA GLY D 266 -26.38 -5.64 -0.49
C GLY D 266 -25.78 -4.43 0.20
N VAL D 267 -26.36 -3.28 -0.10
CA VAL D 267 -25.95 -1.99 0.46
C VAL D 267 -27.10 -1.50 1.34
N THR D 268 -26.83 -1.31 2.62
CA THR D 268 -27.83 -0.85 3.56
C THR D 268 -27.41 0.52 4.08
N PHE D 269 -27.94 1.56 3.44
CA PHE D 269 -27.61 2.95 3.78
C PHE D 269 -27.94 3.41 5.19
N LEU D 270 -27.00 4.16 5.77
CA LEU D 270 -27.20 4.75 7.09
C LEU D 270 -27.95 6.04 6.76
N SER D 271 -28.78 6.53 7.68
CA SER D 271 -29.53 7.77 7.41
C SER D 271 -28.69 9.00 7.76
N GLY D 272 -27.70 8.82 8.61
CA GLY D 272 -26.78 9.88 9.01
C GLY D 272 -27.25 11.29 9.31
N GLY D 273 -28.35 11.45 10.03
CA GLY D 273 -28.81 12.79 10.35
C GLY D 273 -29.91 13.31 9.45
N GLN D 274 -30.20 12.59 8.37
CA GLN D 274 -31.26 12.99 7.47
C GLN D 274 -32.58 12.80 8.21
N SER D 275 -33.60 13.57 7.82
CA SER D 275 -34.91 13.45 8.45
C SER D 275 -35.51 12.12 8.01
N GLU D 276 -36.53 11.65 8.74
CA GLU D 276 -37.17 10.40 8.41
C GLU D 276 -37.68 10.42 6.98
N GLU D 277 -38.28 11.53 6.58
CA GLU D 277 -38.81 11.69 5.23
C GLU D 277 -37.70 11.83 4.20
N GLU D 278 -36.66 12.58 4.55
CA GLU D 278 -35.54 12.80 3.64
C GLU D 278 -34.85 11.47 3.34
N ALA D 279 -34.67 10.65 4.38
CA ALA D 279 -34.02 9.36 4.23
C ALA D 279 -34.82 8.43 3.31
N SER D 280 -36.14 8.45 3.47
CA SER D 280 -37.00 7.60 2.66
C SER D 280 -37.03 8.08 1.21
N ILE D 281 -37.19 9.38 1.02
CA ILE D 281 -37.23 9.96 -0.31
C ILE D 281 -35.94 9.73 -1.09
N ASN D 282 -34.81 9.87 -0.41
CA ASN D 282 -33.52 9.66 -1.07
C ASN D 282 -33.34 8.19 -1.43
N LEU D 283 -33.68 7.29 -0.52
CA LEU D 283 -33.54 5.86 -0.78
C LEU D 283 -34.42 5.47 -1.96
N ASN D 284 -35.61 6.07 -2.04
CA ASN D 284 -36.52 5.80 -3.14
C ASN D 284 -35.91 6.29 -4.45
N ALA D 285 -35.37 7.50 -4.43
CA ALA D 285 -34.75 8.06 -5.64
C ALA D 285 -33.58 7.20 -6.06
N ILE D 286 -32.84 6.67 -5.09
CA ILE D 286 -31.70 5.82 -5.37
C ILE D 286 -32.13 4.56 -6.13
N ASN D 287 -33.22 3.95 -5.68
CA ASN D 287 -33.73 2.75 -6.31
C ASN D 287 -34.37 3.03 -7.67
N LYS D 288 -34.67 4.29 -7.94
CA LYS D 288 -35.27 4.67 -9.22
C LYS D 288 -34.22 5.17 -10.20
N CYS D 289 -33.03 5.46 -9.69
CA CYS D 289 -31.94 5.95 -10.53
C CYS D 289 -31.76 5.06 -11.75
N PRO D 290 -31.79 5.64 -12.96
CA PRO D 290 -31.64 4.92 -14.22
C PRO D 290 -30.24 4.40 -14.55
N LEU D 291 -29.66 3.63 -13.64
CA LEU D 291 -28.34 3.04 -13.83
C LEU D 291 -28.40 1.62 -13.27
N LEU D 292 -27.63 0.72 -13.86
CA LEU D 292 -27.62 -0.68 -13.42
C LEU D 292 -27.03 -0.80 -12.02
N LYS D 293 -27.80 -1.40 -11.11
CA LYS D 293 -27.42 -1.59 -9.72
C LYS D 293 -27.45 -3.08 -9.39
N PRO D 294 -26.29 -3.75 -9.43
CA PRO D 294 -26.15 -5.18 -9.16
C PRO D 294 -26.31 -5.65 -7.72
N TRP D 295 -26.64 -4.74 -6.80
CA TRP D 295 -26.82 -5.14 -5.41
C TRP D 295 -28.07 -4.51 -4.84
N ALA D 296 -28.62 -5.13 -3.80
CA ALA D 296 -29.80 -4.59 -3.14
C ALA D 296 -29.40 -3.24 -2.56
N LEU D 297 -30.28 -2.26 -2.71
CA LEU D 297 -30.04 -0.92 -2.18
C LEU D 297 -31.18 -0.66 -1.22
N THR D 298 -30.93 -0.92 0.06
CA THR D 298 -31.97 -0.75 1.06
C THR D 298 -31.51 0.11 2.23
N PHE D 299 -32.18 -0.06 3.36
CA PHE D 299 -31.87 0.73 4.54
C PHE D 299 -31.36 -0.02 5.75
N SER D 300 -30.66 0.72 6.59
CA SER D 300 -30.15 0.26 7.86
C SER D 300 -30.23 1.56 8.63
N TYR D 301 -31.47 1.96 8.93
CA TYR D 301 -31.73 3.21 9.62
C TYR D 301 -31.87 3.10 11.13
N GLY D 302 -31.29 4.07 11.81
CA GLY D 302 -31.36 4.13 13.25
C GLY D 302 -32.29 5.29 13.56
N ARG D 303 -31.77 6.51 13.40
CA ARG D 303 -32.55 7.72 13.66
C ARG D 303 -33.76 7.86 12.73
N ALA D 304 -33.56 7.59 11.44
CA ALA D 304 -34.62 7.73 10.45
C ALA D 304 -35.80 6.77 10.65
N LEU D 305 -35.67 5.85 11.61
CA LEU D 305 -36.76 4.92 11.88
C LEU D 305 -37.30 5.11 13.29
N GLN D 306 -36.60 5.93 14.08
CA GLN D 306 -37.00 6.14 15.48
C GLN D 306 -37.42 7.55 15.89
N ALA D 307 -37.13 8.55 15.06
CA ALA D 307 -37.48 9.93 15.39
C ALA D 307 -38.89 10.09 15.96
N SER D 308 -39.89 9.85 15.12
CA SER D 308 -41.28 9.99 15.53
C SER D 308 -41.64 9.08 16.69
N ALA D 309 -41.16 7.84 16.65
CA ALA D 309 -41.44 6.87 17.72
C ALA D 309 -41.01 7.42 19.08
N LEU D 310 -39.78 7.89 19.17
CA LEU D 310 -39.28 8.44 20.42
C LEU D 310 -40.15 9.58 20.91
N LYS D 311 -40.48 10.51 20.02
CA LYS D 311 -41.29 11.67 20.37
C LYS D 311 -42.68 11.26 20.85
N ALA D 312 -43.32 10.35 20.12
CA ALA D 312 -44.66 9.88 20.47
C ALA D 312 -44.66 9.17 21.83
N TRP D 313 -43.62 8.39 22.09
CA TRP D 313 -43.51 7.65 23.35
C TRP D 313 -43.39 8.60 24.53
N GLY D 314 -42.41 9.51 24.48
CA GLY D 314 -42.23 10.46 25.56
C GLY D 314 -41.84 9.82 26.88
N GLY D 315 -41.57 8.52 26.85
CA GLY D 315 -41.18 7.82 28.06
C GLY D 315 -42.35 7.33 28.88
N LYS D 316 -43.57 7.55 28.38
CA LYS D 316 -44.76 7.13 29.10
C LYS D 316 -45.36 5.86 28.51
N LYS D 317 -45.62 4.88 29.37
CA LYS D 317 -46.18 3.59 28.97
C LYS D 317 -47.49 3.69 28.19
N GLU D 318 -48.31 4.66 28.54
CA GLU D 318 -49.60 4.86 27.90
C GLU D 318 -49.49 5.20 26.41
N ASN D 319 -48.32 5.67 26.00
CA ASN D 319 -48.09 6.03 24.60
C ASN D 319 -47.47 4.88 23.82
N LEU D 320 -47.59 3.68 24.34
CA LEU D 320 -47.04 2.49 23.69
C LEU D 320 -47.50 2.36 22.24
N LYS D 321 -48.81 2.18 22.06
CA LYS D 321 -49.40 2.02 20.74
C LYS D 321 -49.05 3.17 19.80
N ALA D 322 -49.20 4.40 20.28
CA ALA D 322 -48.91 5.58 19.48
C ALA D 322 -47.48 5.57 18.96
N ALA D 323 -46.54 5.20 19.82
CA ALA D 323 -45.13 5.15 19.45
C ALA D 323 -44.89 4.10 18.38
N GLN D 324 -45.45 2.91 18.59
CA GLN D 324 -45.28 1.81 17.63
C GLN D 324 -45.88 2.14 16.26
N GLU D 325 -46.95 2.93 16.26
CA GLU D 325 -47.62 3.31 15.02
C GLU D 325 -46.71 4.17 14.14
N GLU D 326 -45.99 5.09 14.76
CA GLU D 326 -45.08 5.96 14.03
C GLU D 326 -43.95 5.12 13.42
N TYR D 327 -43.41 4.21 14.22
CA TYR D 327 -42.34 3.34 13.76
C TYR D 327 -42.81 2.52 12.56
N VAL D 328 -43.97 1.90 12.70
CA VAL D 328 -44.53 1.09 11.62
C VAL D 328 -44.67 1.89 10.33
N LYS D 329 -45.10 3.15 10.45
CA LYS D 329 -45.26 3.99 9.26
C LYS D 329 -43.94 4.23 8.55
N ARG D 330 -42.85 4.42 9.30
CA ARG D 330 -41.56 4.63 8.67
C ARG D 330 -41.04 3.33 8.07
N ALA D 331 -41.30 2.22 8.75
CA ALA D 331 -40.85 0.92 8.25
C ALA D 331 -41.55 0.63 6.92
N LEU D 332 -42.84 0.95 6.84
CA LEU D 332 -43.61 0.73 5.63
C LEU D 332 -43.13 1.66 4.53
N ALA D 333 -42.85 2.91 4.88
CA ALA D 333 -42.37 3.87 3.90
C ALA D 333 -41.04 3.42 3.31
N ASN D 334 -40.10 3.06 4.18
CA ASN D 334 -38.79 2.62 3.74
C ASN D 334 -38.84 1.29 2.99
N SER D 335 -39.79 0.43 3.34
CA SER D 335 -39.92 -0.84 2.66
C SER D 335 -40.28 -0.57 1.20
N LEU D 336 -41.14 0.42 0.98
CA LEU D 336 -41.55 0.79 -0.37
C LEU D 336 -40.40 1.52 -1.05
N ALA D 337 -39.67 2.31 -0.27
CA ALA D 337 -38.55 3.07 -0.78
C ALA D 337 -37.46 2.19 -1.38
N CYS D 338 -37.11 1.10 -0.70
CA CYS D 338 -36.08 0.21 -1.20
C CYS D 338 -36.57 -0.59 -2.41
N GLN D 339 -37.77 -0.25 -2.87
CA GLN D 339 -38.37 -0.90 -4.03
C GLN D 339 -38.67 0.17 -5.07
N GLY D 340 -38.36 1.42 -4.73
CA GLY D 340 -38.61 2.52 -5.64
C GLY D 340 -40.10 2.74 -5.85
N LYS D 341 -40.89 2.33 -4.87
CA LYS D 341 -42.35 2.46 -4.95
C LYS D 341 -42.91 3.37 -3.86
N TYR D 342 -42.08 4.27 -3.35
CA TYR D 342 -42.53 5.18 -2.31
C TYR D 342 -42.94 6.54 -2.88
N THR D 343 -44.10 7.01 -2.46
CA THR D 343 -44.62 8.29 -2.90
C THR D 343 -45.08 9.05 -1.67
N PRO D 344 -44.35 10.11 -1.29
CA PRO D 344 -44.73 10.90 -0.12
C PRO D 344 -46.18 11.36 -0.20
N SER D 345 -46.75 11.68 0.97
CA SER D 345 -48.08 12.11 1.04
C SER D 345 -48.24 13.42 1.82
N GLY D 346 -48.45 13.32 3.13
CA GLY D 346 -48.72 14.52 3.86
C GLY D 346 -48.80 14.30 5.38
N GLN D 347 -48.54 13.08 5.84
CA GLN D 347 -48.53 12.82 7.26
C GLN D 347 -47.12 12.52 7.77
N ALA D 348 -47.01 11.53 8.65
CA ALA D 348 -45.73 11.16 9.25
C ALA D 348 -45.32 12.27 10.20
N GLY D 349 -46.24 13.20 10.42
CA GLY D 349 -45.99 14.32 11.31
C GLY D 349 -44.90 15.25 10.80
N ALA D 350 -44.63 16.29 11.56
CA ALA D 350 -43.59 17.25 11.21
C ALA D 350 -42.27 16.78 11.82
N ALA D 351 -42.36 15.78 12.70
CA ALA D 351 -41.18 15.21 13.35
C ALA D 351 -40.35 14.44 12.34
N ALA D 352 -41.00 14.01 11.26
CA ALA D 352 -40.32 13.26 10.21
C ALA D 352 -39.70 14.21 9.18
N SER D 353 -40.02 15.49 9.31
CA SER D 353 -39.50 16.49 8.40
C SER D 353 -38.33 17.27 9.02
N GLU D 354 -38.08 17.03 10.30
CA GLU D 354 -37.00 17.70 10.99
C GLU D 354 -35.69 16.93 10.85
N SER D 355 -34.60 17.67 10.62
CA SER D 355 -33.29 17.06 10.46
C SER D 355 -32.82 16.45 11.79
N LEU D 356 -32.28 15.23 11.71
CA LEU D 356 -31.80 14.53 12.89
C LEU D 356 -30.28 14.61 12.95
N PHE D 357 -29.71 15.61 12.28
CA PHE D 357 -28.27 15.80 12.24
C PHE D 357 -27.68 16.11 13.61
N ILE D 358 -26.55 15.48 13.90
CA ILE D 358 -25.85 15.66 15.18
C ILE D 358 -24.37 15.86 14.92
N SER D 359 -23.90 17.10 15.02
CA SER D 359 -22.49 17.41 14.79
C SER D 359 -21.58 16.57 15.69
N ASN D 360 -20.41 16.25 15.19
CA ASN D 360 -19.45 15.44 15.96
C ASN D 360 -18.24 16.26 16.41
P 13P E . -5.44 -13.60 -28.03
O1P 13P E . -4.66 -14.20 -29.16
O2P 13P E . -4.96 -14.09 -26.69
O3P 13P E . -6.92 -13.86 -28.19
O1 13P E . -5.23 -12.01 -28.08
C1 13P E . -6.19 -11.14 -27.42
C2 13P E . -5.68 -9.69 -27.52
C3 13P E . -4.67 -9.37 -28.36
O3 13P E . -4.22 -8.04 -28.44
P 13P F . 21.30 21.62 -8.89
O1P 13P F . 21.46 22.72 -9.90
O2P 13P F . 19.96 21.66 -8.21
O3P 13P F . 22.43 21.64 -7.87
O1 13P F . 21.39 20.21 -9.69
C1 13P F . 21.31 18.98 -8.91
C2 13P F . 21.50 17.77 -9.87
C3 13P F . 21.42 17.92 -11.22
O3 13P F . 21.60 16.81 -12.07
P 13P G . 13.45 -14.40 24.49
O1P 13P G . 13.16 -15.54 25.43
O2P 13P G . 13.18 -14.77 23.05
O3P 13P G . 14.86 -13.91 24.66
O1 13P G . 12.46 -13.18 24.87
C1 13P G . 12.61 -11.91 24.17
C2 13P G . 11.56 -10.91 24.71
C3 13P G . 10.59 -11.32 25.56
O3 13P G . 9.64 -10.37 26.04
P 13P H . -28.20 6.19 11.46
O1P 13P H . -28.73 6.87 12.70
O2P 13P H . -27.08 6.98 10.83
O3P 13P H . -29.30 5.92 10.47
O1 13P H . -27.58 4.76 11.91
C1 13P H . -27.38 3.74 10.90
C2 13P H . -26.71 2.51 11.55
C3 13P H . -26.51 2.45 12.88
O3 13P H . -25.91 1.31 13.47
#